data_2ZSJ
#
_entry.id   2ZSJ
#
_cell.length_a   58.085
_cell.length_b   71.857
_cell.length_c   99.456
_cell.angle_alpha   75.44
_cell.angle_beta   75.30
_cell.angle_gamma   89.99
#
_symmetry.space_group_name_H-M   'P 1'
#
loop_
_entity.id
_entity.type
_entity.pdbx_description
1 polymer 'Threonine synthase'
2 non-polymer "PYRIDOXAL-5'-PHOSPHATE"
3 water water
#
_entity_poly.entity_id   1
_entity_poly.type   'polypeptide(L)'
_entity_poly.pdbx_seq_one_letter_code
;MNRWQGIIKQYKKYLPVDENTPIVTLYEGNTPLIEADNLARAIGFKGKIYLKYEGLNPTGSFKDRGMTLAISKAVEAGKR
AVICASTGNTSASAAAYAARAGLRAYVLLPKGAVAIGKLSQAMIYGAKVLAIQGTFDDALNIVRKIGENFPVEIVNSVNP
YRIEGQKTAAFEICDTLGEAPDYHFIPVGNAGNITAYWKGFKIYYEEGKITKLPRMMGWQAEGAAPIVKGYPIKNPQTIA
TAIKIGNPYSWKSALKAAQESGGKIDAVSDSEILYAYKLIASTEGVFCEPASAASVAGLIKLVREGFFKGGEVVTCTLTG
NGLKDPDTAIKVCEEPITVPPDFDEVVKVLGF
;
_entity_poly.pdbx_strand_id   A,B,C,D
#
loop_
_chem_comp.id
_chem_comp.type
_chem_comp.name
_chem_comp.formula
PLP non-polymer PYRIDOXAL-5'-PHOSPHATE 'C8 H10 N O6 P'
#
# COMPACT_ATOMS: atom_id res chain seq x y z
N ARG A 3 -17.41 38.17 25.40
CA ARG A 3 -16.62 36.95 25.76
C ARG A 3 -17.20 36.29 27.00
N TRP A 4 -17.39 34.98 26.94
CA TRP A 4 -17.91 34.23 28.07
C TRP A 4 -16.78 34.14 29.10
N GLN A 5 -17.09 34.41 30.36
CA GLN A 5 -16.07 34.38 31.40
C GLN A 5 -16.46 33.59 32.66
N GLY A 6 -17.31 32.58 32.49
CA GLY A 6 -17.72 31.79 33.63
C GLY A 6 -19.07 32.21 34.17
N ILE A 7 -19.71 31.33 34.94
CA ILE A 7 -21.02 31.65 35.48
C ILE A 7 -21.07 32.68 36.60
N ILE A 8 -20.02 32.79 37.40
CA ILE A 8 -20.03 33.76 38.49
C ILE A 8 -20.02 35.20 37.98
N LYS A 9 -19.17 35.48 37.00
CA LYS A 9 -19.10 36.82 36.45
C LYS A 9 -20.37 37.19 35.68
N GLN A 10 -21.01 36.19 35.08
CA GLN A 10 -22.24 36.42 34.32
C GLN A 10 -23.46 36.66 35.20
N TYR A 11 -23.55 35.94 36.31
CA TYR A 11 -24.69 36.04 37.21
C TYR A 11 -24.31 36.43 38.62
N LYS A 12 -23.25 37.22 38.77
CA LYS A 12 -22.80 37.62 40.08
C LYS A 12 -23.85 38.26 40.98
N LYS A 13 -24.75 39.06 40.40
CA LYS A 13 -25.77 39.70 41.23
C LYS A 13 -26.75 38.70 41.85
N TYR A 14 -26.76 37.46 41.34
CA TYR A 14 -27.65 36.43 41.86
C TYR A 14 -26.91 35.47 42.81
N LEU A 15 -25.61 35.69 42.99
CA LEU A 15 -24.82 34.80 43.83
C LEU A 15 -24.20 35.47 45.05
N PRO A 16 -23.91 34.69 46.10
CA PRO A 16 -23.32 35.21 47.34
C PRO A 16 -21.85 35.55 47.19
N VAL A 17 -21.58 36.58 46.39
CA VAL A 17 -20.22 37.05 46.16
C VAL A 17 -20.26 38.57 46.07
N ASP A 18 -19.09 39.20 46.12
CA ASP A 18 -19.01 40.65 45.99
C ASP A 18 -17.75 41.03 45.23
N GLU A 19 -17.51 42.33 45.13
CA GLU A 19 -16.35 42.87 44.41
C GLU A 19 -15.00 42.27 44.80
N ASN A 20 -14.91 41.78 46.04
CA ASN A 20 -13.65 41.20 46.53
C ASN A 20 -13.53 39.67 46.48
N THR A 21 -14.62 39.00 46.15
CA THR A 21 -14.59 37.53 46.08
C THR A 21 -13.67 37.06 44.96
N PRO A 22 -12.73 36.17 45.28
CA PRO A 22 -11.80 35.66 44.25
C PRO A 22 -12.56 34.69 43.34
N ILE A 23 -12.52 34.94 42.04
CA ILE A 23 -13.24 34.07 41.10
C ILE A 23 -12.36 33.01 40.46
N VAL A 24 -12.63 31.74 40.79
CA VAL A 24 -11.88 30.63 40.22
C VAL A 24 -12.81 30.00 39.18
N THR A 25 -12.57 30.29 37.91
CA THR A 25 -13.48 29.77 36.90
C THR A 25 -12.72 29.03 35.79
N LEU A 26 -13.41 28.02 35.23
CA LEU A 26 -12.87 27.35 34.04
C LEU A 26 -13.76 27.60 32.83
N TYR A 27 -14.48 28.74 32.88
CA TYR A 27 -15.38 29.10 31.79
C TYR A 27 -16.54 28.12 31.67
N GLU A 28 -16.93 27.54 32.79
CA GLU A 28 -18.05 26.61 32.83
C GLU A 28 -19.33 27.38 32.49
N GLY A 29 -20.38 26.64 32.15
CA GLY A 29 -21.64 27.27 31.81
C GLY A 29 -21.70 27.68 30.36
N ASN A 30 -22.75 28.41 30.00
CA ASN A 30 -22.99 28.87 28.64
C ASN A 30 -22.97 27.71 27.67
N THR A 31 -23.39 26.54 28.13
CA THR A 31 -23.42 25.35 27.29
C THR A 31 -24.54 25.44 26.28
N PRO A 32 -24.41 24.75 25.15
CA PRO A 32 -25.44 24.78 24.10
C PRO A 32 -26.83 24.35 24.53
N LEU A 33 -27.85 25.09 24.07
CA LEU A 33 -29.25 24.76 24.30
C LEU A 33 -29.67 24.41 22.87
N ILE A 34 -29.50 23.14 22.51
CA ILE A 34 -29.76 22.64 21.16
C ILE A 34 -31.19 22.27 20.81
N GLU A 35 -31.76 22.88 19.76
CA GLU A 35 -33.11 22.57 19.33
CA GLU A 35 -33.12 22.55 19.36
C GLU A 35 -33.05 21.21 18.64
N ALA A 36 -33.71 20.22 19.22
CA ALA A 36 -33.70 18.87 18.68
C ALA A 36 -34.91 18.47 17.85
N ASP A 37 -35.01 18.99 16.63
CA ASP A 37 -36.15 18.68 15.76
C ASP A 37 -36.12 17.24 15.26
N ASN A 38 -34.92 16.71 14.99
CA ASN A 38 -34.80 15.32 14.55
C ASN A 38 -35.32 14.39 15.64
N LEU A 39 -34.90 14.65 16.88
CA LEU A 39 -35.32 13.83 18.01
C LEU A 39 -36.83 13.91 18.19
N ALA A 40 -37.36 15.13 18.13
CA ALA A 40 -38.80 15.35 18.27
C ALA A 40 -39.56 14.53 17.24
N ARG A 41 -39.09 14.54 15.99
CA ARG A 41 -39.74 13.79 14.92
C ARG A 41 -39.60 12.30 15.19
N ALA A 42 -38.45 11.89 15.69
CA ALA A 42 -38.21 10.48 15.98
C ALA A 42 -39.12 9.92 17.06
N ILE A 43 -39.48 10.74 18.05
CA ILE A 43 -40.33 10.26 19.13
C ILE A 43 -41.80 10.69 18.97
N GLY A 44 -42.09 11.50 17.95
CA GLY A 44 -43.44 11.94 17.72
C GLY A 44 -43.93 13.07 18.61
N PHE A 45 -42.99 13.83 19.17
CA PHE A 45 -43.35 14.97 20.04
C PHE A 45 -43.72 16.16 19.18
N LYS A 46 -44.98 16.58 19.27
CA LYS A 46 -45.48 17.70 18.48
C LYS A 46 -45.27 19.05 19.18
N GLY A 47 -44.00 19.41 19.37
CA GLY A 47 -43.67 20.65 20.01
C GLY A 47 -42.18 20.86 19.84
N LYS A 48 -41.59 21.77 20.59
CA LYS A 48 -40.16 22.01 20.48
C LYS A 48 -39.42 21.39 21.66
N ILE A 49 -38.30 20.76 21.35
CA ILE A 49 -37.44 20.13 22.36
C ILE A 49 -36.09 20.84 22.29
N TYR A 50 -35.56 21.21 23.45
CA TYR A 50 -34.26 21.88 23.55
C TYR A 50 -33.42 21.05 24.51
N LEU A 51 -32.20 20.72 24.12
CA LEU A 51 -31.31 19.91 24.94
C LEU A 51 -30.18 20.77 25.53
N LYS A 52 -30.13 20.92 26.85
CA LYS A 52 -29.08 21.70 27.50
C LYS A 52 -27.93 20.71 27.66
N TYR A 53 -26.93 20.82 26.79
CA TYR A 53 -25.79 19.92 26.75
C TYR A 53 -24.67 20.26 27.74
N GLU A 54 -24.89 19.91 29.01
CA GLU A 54 -23.96 20.17 30.11
C GLU A 54 -22.68 19.33 30.04
N GLY A 55 -22.64 18.38 29.11
CA GLY A 55 -21.47 17.55 28.97
C GLY A 55 -20.28 18.36 28.49
N LEU A 56 -20.54 19.54 27.97
CA LEU A 56 -19.47 20.40 27.47
C LEU A 56 -18.84 21.32 28.54
N ASN A 57 -19.19 21.08 29.80
CA ASN A 57 -18.59 21.85 30.89
C ASN A 57 -17.16 21.31 30.99
N PRO A 58 -16.23 22.11 31.57
CA PRO A 58 -14.81 21.78 31.76
C PRO A 58 -14.40 20.37 32.17
N THR A 59 -15.11 19.77 33.13
CA THR A 59 -14.78 18.40 33.55
C THR A 59 -15.78 17.38 33.04
N GLY A 60 -16.73 17.82 32.22
CA GLY A 60 -17.71 16.91 31.66
C GLY A 60 -19.02 16.72 32.41
N SER A 61 -19.28 17.56 33.41
CA SER A 61 -20.50 17.47 34.20
C SER A 61 -21.00 18.84 34.65
N PHE A 62 -22.31 18.97 34.85
CA PHE A 62 -22.90 20.22 35.30
C PHE A 62 -22.36 20.58 36.70
N LYS A 63 -21.79 19.60 37.40
CA LYS A 63 -21.25 19.82 38.74
C LYS A 63 -20.30 21.03 38.78
N ASP A 64 -19.68 21.31 37.63
CA ASP A 64 -18.75 22.43 37.54
C ASP A 64 -19.41 23.73 37.96
N ARG A 65 -20.71 23.86 37.71
CA ARG A 65 -21.43 25.08 38.09
C ARG A 65 -21.39 25.31 39.59
N GLY A 66 -21.45 24.23 40.35
CA GLY A 66 -21.42 24.34 41.78
C GLY A 66 -20.02 24.51 42.33
N MET A 67 -19.07 23.78 41.74
CA MET A 67 -17.69 23.85 42.21
C MET A 67 -17.02 25.19 41.98
N THR A 68 -17.34 25.87 40.89
CA THR A 68 -16.69 27.16 40.66
C THR A 68 -17.03 28.07 41.86
N LEU A 69 -18.28 28.07 42.28
CA LEU A 69 -18.69 28.91 43.41
C LEU A 69 -18.14 28.34 44.71
N ALA A 70 -18.25 27.04 44.90
CA ALA A 70 -17.75 26.41 46.11
C ALA A 70 -16.26 26.65 46.36
N ILE A 71 -15.44 26.51 45.32
CA ILE A 71 -14.00 26.70 45.48
C ILE A 71 -13.66 28.17 45.62
N SER A 72 -14.37 29.02 44.88
CA SER A 72 -14.15 30.45 44.94
C SER A 72 -14.42 30.93 46.36
N LYS A 73 -15.52 30.47 46.94
CA LYS A 73 -15.87 30.85 48.30
C LYS A 73 -14.84 30.29 49.27
N ALA A 74 -14.33 29.10 48.98
CA ALA A 74 -13.31 28.48 49.83
C ALA A 74 -12.06 29.36 49.86
N VAL A 75 -11.61 29.79 48.69
CA VAL A 75 -10.43 30.65 48.60
C VAL A 75 -10.69 31.93 49.39
N GLU A 76 -11.89 32.47 49.23
CA GLU A 76 -12.27 33.70 49.91
C GLU A 76 -12.20 33.52 51.42
N ALA A 77 -12.48 32.30 51.88
CA ALA A 77 -12.47 32.00 53.31
C ALA A 77 -11.07 31.61 53.80
N GLY A 78 -10.11 31.61 52.89
CA GLY A 78 -8.74 31.27 53.25
C GLY A 78 -8.43 29.78 53.37
N LYS A 79 -9.33 28.94 52.85
CA LYS A 79 -9.11 27.49 52.91
C LYS A 79 -7.85 27.14 52.12
N ARG A 80 -7.13 26.13 52.59
CA ARG A 80 -5.89 25.73 51.93
C ARG A 80 -6.05 24.52 51.04
N ALA A 81 -7.21 23.88 51.13
CA ALA A 81 -7.47 22.69 50.33
C ALA A 81 -8.94 22.30 50.44
N VAL A 82 -9.38 21.41 49.55
CA VAL A 82 -10.75 20.93 49.59
C VAL A 82 -10.64 19.45 49.88
N ILE A 83 -11.70 18.87 50.44
CA ILE A 83 -11.68 17.46 50.77
C ILE A 83 -13.01 16.85 50.36
N CYS A 84 -12.92 15.70 49.74
CA CYS A 84 -14.08 15.00 49.21
C CYS A 84 -14.08 13.52 49.61
N ALA A 85 -15.25 12.90 49.53
CA ALA A 85 -15.41 11.48 49.85
C ALA A 85 -16.21 10.82 48.74
N SER A 86 -16.05 11.33 47.52
CA SER A 86 -16.76 10.82 46.34
C SER A 86 -15.85 10.16 45.31
N THR A 87 -16.44 9.19 44.59
CA THR A 87 -15.70 8.48 43.54
C THR A 87 -16.28 8.80 42.17
N GLY A 88 -17.01 9.93 42.08
CA GLY A 88 -17.67 10.21 40.80
C GLY A 88 -17.33 11.61 40.24
N ASN A 89 -18.30 12.17 39.53
CA ASN A 89 -18.14 13.47 38.90
C ASN A 89 -17.90 14.59 39.92
N THR A 90 -18.39 14.42 41.13
CA THR A 90 -18.18 15.42 42.17
C THR A 90 -16.68 15.57 42.43
N SER A 91 -16.02 14.44 42.67
CA SER A 91 -14.59 14.43 42.95
C SER A 91 -13.74 15.01 41.83
N ALA A 92 -14.06 14.66 40.58
CA ALA A 92 -13.29 15.17 39.45
C ALA A 92 -13.49 16.68 39.35
N SER A 93 -14.74 17.13 39.50
CA SER A 93 -15.01 18.56 39.42
C SER A 93 -14.29 19.34 40.52
N ALA A 94 -14.43 18.92 41.77
CA ALA A 94 -13.77 19.61 42.88
C ALA A 94 -12.25 19.68 42.68
N ALA A 95 -11.67 18.60 42.19
CA ALA A 95 -10.22 18.56 41.97
C ALA A 95 -9.77 19.57 40.91
N ALA A 96 -10.50 19.65 39.81
CA ALA A 96 -10.18 20.57 38.73
C ALA A 96 -10.18 22.00 39.25
N TYR A 97 -11.22 22.37 39.99
CA TYR A 97 -11.28 23.74 40.51
C TYR A 97 -10.24 23.99 41.58
N ALA A 98 -9.89 22.96 42.33
CA ALA A 98 -8.85 23.12 43.35
C ALA A 98 -7.52 23.40 42.65
N ALA A 99 -7.25 22.67 41.57
CA ALA A 99 -6.00 22.84 40.83
C ALA A 99 -5.96 24.26 40.25
N ARG A 100 -7.09 24.69 39.72
CA ARG A 100 -7.22 26.02 39.12
C ARG A 100 -6.95 27.09 40.19
N ALA A 101 -7.44 26.84 41.40
CA ALA A 101 -7.27 27.79 42.50
C ALA A 101 -5.91 27.70 43.16
N GLY A 102 -5.14 26.66 42.84
CA GLY A 102 -3.83 26.51 43.45
C GLY A 102 -3.96 25.91 44.84
N LEU A 103 -5.05 25.17 45.06
CA LEU A 103 -5.33 24.53 46.33
C LEU A 103 -5.11 23.02 46.18
N ARG A 104 -4.92 22.36 47.32
CA ARG A 104 -4.74 20.91 47.34
C ARG A 104 -6.13 20.28 47.36
N ALA A 105 -6.24 19.06 46.88
CA ALA A 105 -7.50 18.34 46.87
C ALA A 105 -7.27 16.97 47.46
N TYR A 106 -8.10 16.59 48.43
CA TYR A 106 -7.98 15.30 49.09
C TYR A 106 -9.25 14.48 48.95
N VAL A 107 -9.09 13.21 48.63
CA VAL A 107 -10.21 12.29 48.48
C VAL A 107 -10.00 11.13 49.43
N LEU A 108 -10.90 11.00 50.41
CA LEU A 108 -10.83 9.90 51.38
C LEU A 108 -11.97 8.93 51.11
N LEU A 109 -11.62 7.69 50.81
CA LEU A 109 -12.61 6.66 50.52
C LEU A 109 -12.20 5.33 51.12
N PRO A 110 -13.17 4.45 51.40
CA PRO A 110 -12.84 3.15 51.98
C PRO A 110 -12.15 2.29 50.91
N LYS A 111 -11.13 1.55 51.31
CA LYS A 111 -10.39 0.69 50.39
C LYS A 111 -11.31 -0.05 49.42
N GLY A 112 -12.52 -0.38 49.88
CA GLY A 112 -13.46 -1.10 49.05
C GLY A 112 -14.13 -0.31 47.93
N ALA A 113 -14.27 1.00 48.12
CA ALA A 113 -14.91 1.86 47.13
C ALA A 113 -13.93 2.38 46.06
N VAL A 114 -12.65 2.06 46.22
CA VAL A 114 -11.64 2.50 45.28
C VAL A 114 -11.65 1.70 44.00
N ALA A 115 -11.58 2.41 42.87
CA ALA A 115 -11.56 1.80 41.54
C ALA A 115 -11.02 2.87 40.59
N ILE A 116 -9.74 2.73 40.25
CA ILE A 116 -9.03 3.66 39.39
C ILE A 116 -9.81 4.29 38.24
N GLY A 117 -10.57 3.48 37.51
CA GLY A 117 -11.34 4.02 36.40
C GLY A 117 -12.19 5.22 36.79
N LYS A 118 -12.87 5.11 37.92
CA LYS A 118 -13.73 6.16 38.43
C LYS A 118 -12.98 7.30 39.12
N LEU A 119 -11.68 7.13 39.32
CA LEU A 119 -10.90 8.16 40.00
C LEU A 119 -9.79 8.79 39.16
N SER A 120 -9.54 8.25 37.97
CA SER A 120 -8.47 8.74 37.11
C SER A 120 -8.49 10.23 36.81
N GLN A 121 -9.66 10.77 36.49
CA GLN A 121 -9.75 12.19 36.15
C GLN A 121 -9.42 13.06 37.37
N ALA A 122 -10.02 12.73 38.51
CA ALA A 122 -9.77 13.47 39.73
C ALA A 122 -8.28 13.39 40.06
N MET A 123 -7.70 12.23 39.84
CA MET A 123 -6.28 12.04 40.14
C MET A 123 -5.36 12.85 39.23
N ILE A 124 -5.65 12.87 37.94
CA ILE A 124 -4.81 13.63 37.04
C ILE A 124 -4.87 15.13 37.34
N TYR A 125 -6.05 15.57 37.84
CA TYR A 125 -6.21 16.95 38.32
C TYR A 125 -5.27 17.27 39.48
N GLY A 126 -4.76 16.19 40.12
CA GLY A 126 -3.82 16.38 41.24
C GLY A 126 -4.42 15.98 42.60
N ALA A 127 -5.60 15.39 42.61
CA ALA A 127 -6.22 14.99 43.87
C ALA A 127 -5.44 13.84 44.50
N LYS A 128 -5.23 13.93 45.82
CA LYS A 128 -4.54 12.87 46.52
C LYS A 128 -5.60 11.95 47.11
N VAL A 129 -5.64 10.72 46.60
CA VAL A 129 -6.62 9.73 47.04
C VAL A 129 -6.06 8.78 48.08
N LEU A 130 -6.79 8.63 49.18
CA LEU A 130 -6.41 7.74 50.26
C LEU A 130 -7.39 6.59 50.40
N ALA A 131 -6.84 5.38 50.45
CA ALA A 131 -7.65 4.18 50.59
C ALA A 131 -7.74 3.86 52.08
N ILE A 132 -8.81 4.33 52.72
CA ILE A 132 -9.02 4.10 54.13
C ILE A 132 -9.38 2.64 54.40
N GLN A 133 -8.51 1.94 55.12
CA GLN A 133 -8.76 0.54 55.44
C GLN A 133 -9.88 0.48 56.47
N GLY A 134 -11.09 0.78 56.02
CA GLY A 134 -12.25 0.77 56.89
C GLY A 134 -13.54 0.92 56.13
N THR A 135 -14.62 1.22 56.84
CA THR A 135 -15.93 1.37 56.22
C THR A 135 -16.20 2.77 55.70
N PHE A 136 -17.30 2.95 54.99
CA PHE A 136 -17.67 4.23 54.38
C PHE A 136 -17.87 5.32 55.44
N ASP A 137 -18.74 5.01 56.43
CA ASP A 137 -18.99 5.98 57.48
C ASP A 137 -17.78 6.12 58.40
N ASP A 138 -16.98 5.03 58.44
CA ASP A 138 -15.71 5.05 59.16
C ASP A 138 -14.82 6.19 58.64
N ALA A 139 -14.89 6.42 57.32
CA ALA A 139 -13.97 7.37 56.71
C ALA A 139 -14.56 8.78 56.63
N LEU A 140 -15.91 8.83 56.66
CA LEU A 140 -16.56 10.14 56.67
C LEU A 140 -16.31 10.86 57.98
N ASN A 141 -16.19 10.05 59.05
CA ASN A 141 -15.83 10.61 60.34
C ASN A 141 -14.49 11.35 60.26
N ILE A 142 -13.54 10.71 59.59
CA ILE A 142 -12.21 11.30 59.42
C ILE A 142 -12.30 12.57 58.60
N VAL A 143 -13.11 12.56 57.55
CA VAL A 143 -13.30 13.73 56.71
C VAL A 143 -13.85 14.87 57.57
N ARG A 144 -14.81 14.54 58.43
CA ARG A 144 -15.44 15.51 59.31
C ARG A 144 -14.41 16.09 60.29
N LYS A 145 -13.62 15.23 60.91
CA LYS A 145 -12.61 15.67 61.87
C LYS A 145 -11.58 16.61 61.24
N ILE A 146 -11.28 16.40 59.96
CA ILE A 146 -10.32 17.24 59.28
C ILE A 146 -10.87 18.65 59.07
N GLY A 147 -12.14 18.72 58.69
CA GLY A 147 -12.76 20.01 58.47
C GLY A 147 -12.95 20.81 59.75
N GLU A 148 -13.08 20.11 60.87
CA GLU A 148 -13.27 20.77 62.15
C GLU A 148 -11.96 21.27 62.72
N ASN A 149 -10.88 20.55 62.43
CA ASN A 149 -9.56 20.89 62.96
C ASN A 149 -8.60 21.64 62.05
N PHE A 150 -8.84 21.64 60.74
CA PHE A 150 -7.95 22.31 59.80
C PHE A 150 -8.71 23.17 58.80
N PRO A 151 -8.04 24.15 58.18
CA PRO A 151 -8.67 25.03 57.20
C PRO A 151 -8.84 24.33 55.84
N VAL A 152 -9.52 23.19 55.86
CA VAL A 152 -9.77 22.41 54.65
C VAL A 152 -11.26 22.45 54.36
N GLU A 153 -11.61 22.76 53.12
CA GLU A 153 -13.01 22.87 52.73
C GLU A 153 -13.67 21.59 52.30
N ILE A 154 -14.69 21.18 53.05
CA ILE A 154 -15.46 19.97 52.74
C ILE A 154 -16.41 20.35 51.60
N VAL A 155 -16.33 19.64 50.49
CA VAL A 155 -17.17 19.93 49.34
C VAL A 155 -18.24 18.89 49.04
N ASN A 156 -18.69 18.18 50.08
CA ASN A 156 -19.75 17.19 49.93
C ASN A 156 -21.06 17.90 49.66
N SER A 157 -22.16 17.17 49.71
CA SER A 157 -23.49 17.73 49.46
C SER A 157 -23.86 18.81 50.48
N VAL A 158 -23.22 18.75 51.65
CA VAL A 158 -23.49 19.70 52.71
C VAL A 158 -23.14 21.14 52.32
N ASN A 159 -22.26 21.29 51.35
CA ASN A 159 -21.84 22.61 50.89
C ASN A 159 -22.98 23.27 50.11
N PRO A 160 -23.56 24.34 50.66
CA PRO A 160 -24.67 25.07 50.03
C PRO A 160 -24.36 25.81 48.73
N TYR A 161 -23.10 26.10 48.48
CA TYR A 161 -22.74 26.84 47.27
C TYR A 161 -22.91 26.02 45.99
N ARG A 162 -22.94 24.70 46.13
CA ARG A 162 -23.09 23.85 44.96
C ARG A 162 -24.46 24.04 44.33
N ILE A 163 -25.51 24.02 45.14
CA ILE A 163 -26.84 24.23 44.61
C ILE A 163 -26.95 25.66 44.07
N GLU A 164 -26.39 26.62 44.80
CA GLU A 164 -26.43 28.02 44.36
C GLU A 164 -25.82 28.22 42.98
N GLY A 165 -24.66 27.62 42.74
CA GLY A 165 -24.03 27.78 41.44
C GLY A 165 -24.83 27.06 40.36
N GLN A 166 -25.39 25.90 40.71
CA GLN A 166 -26.15 25.13 39.74
C GLN A 166 -27.43 25.78 39.22
N LYS A 167 -28.01 26.68 39.99
CA LYS A 167 -29.23 27.34 39.55
C LYS A 167 -28.99 28.18 38.29
N THR A 168 -27.74 28.49 38.00
CA THR A 168 -27.42 29.29 36.81
C THR A 168 -27.79 28.59 35.50
N ALA A 169 -28.02 27.28 35.56
CA ALA A 169 -28.40 26.58 34.34
C ALA A 169 -29.81 27.06 33.93
N ALA A 170 -30.68 27.25 34.91
CA ALA A 170 -32.03 27.72 34.63
C ALA A 170 -31.98 29.12 34.06
N PHE A 171 -31.08 29.95 34.59
CA PHE A 171 -30.93 31.32 34.11
C PHE A 171 -30.59 31.34 32.62
N GLU A 172 -29.65 30.47 32.24
CA GLU A 172 -29.23 30.39 30.85
C GLU A 172 -30.35 29.96 29.90
N ILE A 173 -31.15 28.98 30.33
CA ILE A 173 -32.25 28.52 29.50
C ILE A 173 -33.22 29.69 29.30
N CYS A 174 -33.55 30.38 30.38
CA CYS A 174 -34.47 31.52 30.29
C CYS A 174 -33.88 32.65 29.45
N ASP A 175 -32.58 32.90 29.57
CA ASP A 175 -31.91 33.96 28.80
C ASP A 175 -31.93 33.63 27.31
N THR A 176 -31.64 32.39 26.98
CA THR A 176 -31.61 31.96 25.58
C THR A 176 -33.00 31.96 24.94
N LEU A 177 -33.98 31.34 25.64
CA LEU A 177 -35.32 31.21 25.07
C LEU A 177 -36.08 32.53 25.08
N GLY A 178 -35.77 33.36 26.09
CA GLY A 178 -36.49 34.63 26.26
C GLY A 178 -37.70 34.49 27.21
N GLU A 179 -38.01 33.23 27.52
CA GLU A 179 -39.11 32.89 28.44
C GLU A 179 -38.88 31.48 28.97
N ALA A 180 -39.65 31.08 29.98
CA ALA A 180 -39.42 29.74 30.53
C ALA A 180 -40.10 28.65 29.68
N PRO A 181 -39.63 27.39 29.75
CA PRO A 181 -40.27 26.32 28.98
C PRO A 181 -41.53 25.87 29.73
N ASP A 182 -42.39 25.13 29.06
CA ASP A 182 -43.61 24.64 29.71
C ASP A 182 -43.24 23.53 30.68
N TYR A 183 -42.19 22.79 30.34
CA TYR A 183 -41.72 21.70 31.19
C TYR A 183 -40.20 21.62 31.14
N HIS A 184 -39.60 21.19 32.24
CA HIS A 184 -38.16 20.98 32.27
C HIS A 184 -37.91 19.56 32.75
N PHE A 185 -37.28 18.75 31.90
CA PHE A 185 -36.96 17.36 32.21
C PHE A 185 -35.53 17.26 32.71
N ILE A 186 -35.34 16.56 33.82
CA ILE A 186 -34.02 16.46 34.42
C ILE A 186 -33.85 15.13 35.16
N PRO A 187 -32.63 14.59 35.16
CA PRO A 187 -32.37 13.33 35.86
C PRO A 187 -32.31 13.69 37.35
N VAL A 188 -32.66 12.74 38.22
CA VAL A 188 -32.62 13.01 39.66
C VAL A 188 -31.85 11.94 40.41
N GLY A 189 -30.69 12.33 40.96
CA GLY A 189 -29.90 11.45 41.80
C GLY A 189 -30.03 11.85 43.27
N ASN A 190 -29.15 12.76 43.70
CA ASN A 190 -29.28 13.32 45.04
C ASN A 190 -30.30 14.47 45.13
N ALA A 191 -30.79 14.84 43.93
CA ALA A 191 -31.87 15.80 43.75
C ALA A 191 -31.45 17.26 43.92
N GLY A 192 -30.12 17.48 43.99
CA GLY A 192 -29.66 18.86 44.19
C GLY A 192 -29.89 19.72 42.94
N ASN A 193 -29.78 19.09 41.77
CA ASN A 193 -29.92 19.79 40.50
C ASN A 193 -31.36 20.24 40.23
N ILE A 194 -32.33 19.35 40.44
CA ILE A 194 -33.72 19.72 40.20
C ILE A 194 -34.09 20.84 41.16
N THR A 195 -33.55 20.77 42.38
CA THR A 195 -33.79 21.79 43.41
C THR A 195 -33.23 23.12 42.92
N ALA A 196 -32.00 23.07 42.40
CA ALA A 196 -31.32 24.25 41.90
C ALA A 196 -32.06 24.89 40.74
N TYR A 197 -32.47 24.09 39.75
CA TYR A 197 -33.20 24.65 38.62
C TYR A 197 -34.49 25.35 39.05
N TRP A 198 -35.22 24.71 39.96
CA TRP A 198 -36.47 25.28 40.45
C TRP A 198 -36.22 26.62 41.14
N LYS A 199 -35.17 26.69 41.94
CA LYS A 199 -34.84 27.92 42.63
C LYS A 199 -34.46 28.98 41.60
N GLY A 200 -33.78 28.53 40.54
CA GLY A 200 -33.37 29.45 39.48
C GLY A 200 -34.54 30.00 38.73
N PHE A 201 -35.52 29.14 38.43
CA PHE A 201 -36.70 29.58 37.70
C PHE A 201 -37.52 30.54 38.56
N LYS A 202 -37.66 30.22 39.85
CA LYS A 202 -38.43 31.09 40.74
C LYS A 202 -37.82 32.47 40.86
N ILE A 203 -36.49 32.55 40.89
CA ILE A 203 -35.81 33.84 41.00
C ILE A 203 -36.12 34.73 39.79
N TYR A 204 -36.01 34.15 38.60
CA TYR A 204 -36.27 34.88 37.37
C TYR A 204 -37.75 35.27 37.30
N TYR A 205 -38.60 34.42 37.85
CA TYR A 205 -40.04 34.67 37.86
C TYR A 205 -40.38 35.79 38.84
N GLU A 206 -39.80 35.73 40.04
CA GLU A 206 -40.02 36.75 41.06
C GLU A 206 -39.53 38.09 40.57
N GLU A 207 -38.53 38.05 39.70
CA GLU A 207 -37.93 39.26 39.15
C GLU A 207 -38.71 39.77 37.93
N GLY A 208 -39.58 38.93 37.40
CA GLY A 208 -40.36 39.32 36.24
C GLY A 208 -39.65 39.08 34.91
N LYS A 209 -38.59 38.27 34.92
CA LYS A 209 -37.88 37.99 33.69
C LYS A 209 -38.63 36.95 32.86
N ILE A 210 -39.43 36.14 33.54
CA ILE A 210 -40.25 35.12 32.89
C ILE A 210 -41.68 35.23 33.41
N THR A 211 -42.66 34.94 32.56
CA THR A 211 -44.06 35.05 32.94
C THR A 211 -44.67 33.77 33.51
N LYS A 212 -44.08 32.62 33.18
CA LYS A 212 -44.60 31.37 33.70
C LYS A 212 -43.48 30.55 34.32
N LEU A 213 -43.85 29.56 35.12
CA LEU A 213 -42.88 28.70 35.76
C LEU A 213 -43.00 27.31 35.16
N PRO A 214 -41.87 26.75 34.70
CA PRO A 214 -41.92 25.41 34.12
C PRO A 214 -42.33 24.34 35.12
N ARG A 215 -43.00 23.31 34.63
CA ARG A 215 -43.39 22.20 35.47
C ARG A 215 -42.13 21.34 35.52
N MET A 216 -41.63 21.07 36.72
CA MET A 216 -40.42 20.28 36.88
C MET A 216 -40.68 18.79 36.80
N MET A 217 -40.13 18.15 35.77
CA MET A 217 -40.32 16.72 35.58
C MET A 217 -39.01 16.00 35.83
N GLY A 218 -38.85 15.47 37.04
CA GLY A 218 -37.63 14.77 37.40
C GLY A 218 -37.74 13.29 37.06
N TRP A 219 -36.62 12.65 36.78
CA TRP A 219 -36.62 11.23 36.44
C TRP A 219 -35.54 10.39 37.11
N GLN A 220 -35.97 9.27 37.68
CA GLN A 220 -35.07 8.35 38.37
C GLN A 220 -35.05 7.02 37.66
N ALA A 221 -33.98 6.26 37.85
CA ALA A 221 -33.88 4.93 37.26
C ALA A 221 -34.71 4.01 38.16
N GLU A 222 -35.48 3.14 37.53
CA GLU A 222 -36.36 2.16 38.16
C GLU A 222 -35.80 1.49 39.42
N GLY A 223 -34.59 0.96 39.31
CA GLY A 223 -33.96 0.28 40.42
C GLY A 223 -33.33 1.17 41.47
N ALA A 224 -33.54 2.49 41.34
CA ALA A 224 -32.99 3.45 42.28
C ALA A 224 -33.90 4.67 42.28
N ALA A 225 -35.16 4.45 42.62
CA ALA A 225 -36.17 5.52 42.64
C ALA A 225 -36.80 5.71 44.01
N PRO A 226 -35.98 6.02 45.03
CA PRO A 226 -36.53 6.22 46.37
C PRO A 226 -37.54 7.35 46.45
N ILE A 227 -37.32 8.42 45.69
CA ILE A 227 -38.24 9.55 45.70
C ILE A 227 -39.58 9.18 45.07
N VAL A 228 -39.53 8.40 44.01
CA VAL A 228 -40.75 7.98 43.33
C VAL A 228 -41.55 7.05 44.25
N LYS A 229 -40.85 6.16 44.95
CA LYS A 229 -41.50 5.21 45.85
C LYS A 229 -41.92 5.82 47.18
N GLY A 230 -41.10 6.73 47.72
CA GLY A 230 -41.44 7.35 48.98
C GLY A 230 -40.58 6.87 50.15
N TYR A 231 -39.70 5.91 49.90
CA TYR A 231 -38.82 5.38 50.94
C TYR A 231 -37.45 5.03 50.37
N PRO A 232 -36.41 5.07 51.22
CA PRO A 232 -35.03 4.76 50.82
C PRO A 232 -34.86 3.38 50.18
N ILE A 233 -33.86 3.28 49.31
CA ILE A 233 -33.53 2.04 48.63
C ILE A 233 -32.18 1.62 49.16
N LYS A 234 -32.15 0.51 49.89
CA LYS A 234 -30.90 0.02 50.49
C LYS A 234 -29.78 -0.18 49.48
N ASN A 235 -30.05 -0.94 48.43
CA ASN A 235 -29.06 -1.21 47.40
C ASN A 235 -29.58 -0.76 46.04
N PRO A 236 -29.46 0.54 45.74
CA PRO A 236 -29.93 1.06 44.45
C PRO A 236 -29.23 0.38 43.28
N GLN A 237 -29.99 0.08 42.24
CA GLN A 237 -29.45 -0.57 41.05
C GLN A 237 -29.81 0.20 39.79
N THR A 238 -28.82 0.34 38.90
CA THR A 238 -29.01 1.01 37.62
C THR A 238 -27.71 1.22 36.88
N ILE A 239 -27.78 1.12 35.56
CA ILE A 239 -26.62 1.31 34.71
C ILE A 239 -26.19 2.78 34.76
N ALA A 240 -27.15 3.67 35.01
CA ALA A 240 -26.88 5.11 35.08
C ALA A 240 -26.30 5.48 36.44
N THR A 241 -25.02 5.16 36.63
CA THR A 241 -24.30 5.40 37.86
C THR A 241 -24.53 6.76 38.52
N ALA A 242 -24.55 7.82 37.73
CA ALA A 242 -24.74 9.17 38.25
C ALA A 242 -26.04 9.35 39.06
N ILE A 243 -27.06 8.54 38.80
CA ILE A 243 -28.29 8.66 39.58
C ILE A 243 -28.59 7.42 40.41
N LYS A 244 -27.58 6.59 40.65
CA LYS A 244 -27.76 5.38 41.45
C LYS A 244 -27.68 5.80 42.91
N ILE A 245 -28.74 6.46 43.39
CA ILE A 245 -28.80 6.94 44.77
C ILE A 245 -30.02 6.40 45.52
N GLY A 246 -29.77 5.80 46.68
CA GLY A 246 -30.85 5.23 47.47
C GLY A 246 -31.50 6.13 48.49
N ASN A 247 -30.78 7.16 48.95
CA ASN A 247 -31.33 8.09 49.92
C ASN A 247 -30.80 9.48 49.60
N PRO A 248 -31.39 10.11 48.57
CA PRO A 248 -31.02 11.44 48.10
C PRO A 248 -30.91 12.51 49.18
N TYR A 249 -29.78 13.21 49.16
CA TYR A 249 -29.49 14.27 50.13
C TYR A 249 -30.48 15.43 50.07
N SER A 250 -30.96 15.76 48.87
CA SER A 250 -31.91 16.87 48.69
C SER A 250 -33.35 16.40 48.43
N TRP A 251 -33.68 15.24 48.98
CA TRP A 251 -35.00 14.62 48.86
C TRP A 251 -36.16 15.58 49.11
N LYS A 252 -36.14 16.23 50.27
CA LYS A 252 -37.19 17.17 50.67
C LYS A 252 -37.41 18.33 49.71
N SER A 253 -36.35 19.04 49.35
CA SER A 253 -36.48 20.18 48.45
C SER A 253 -36.90 19.75 47.05
N ALA A 254 -36.54 18.54 46.66
CA ALA A 254 -36.91 18.03 45.34
C ALA A 254 -38.43 17.79 45.26
N LEU A 255 -39.00 17.26 46.32
CA LEU A 255 -40.44 17.03 46.36
C LEU A 255 -41.16 18.36 46.34
N LYS A 256 -40.59 19.35 47.02
CA LYS A 256 -41.18 20.69 47.07
C LYS A 256 -41.14 21.33 45.68
N ALA A 257 -40.06 21.08 44.95
CA ALA A 257 -39.91 21.63 43.61
C ALA A 257 -40.96 21.06 42.67
N ALA A 258 -41.19 19.75 42.77
CA ALA A 258 -42.19 19.10 41.92
C ALA A 258 -43.59 19.58 42.33
N GLN A 259 -43.82 19.69 43.63
CA GLN A 259 -45.11 20.12 44.14
C GLN A 259 -45.42 21.57 43.76
N GLU A 260 -44.51 22.50 44.04
CA GLU A 260 -44.73 23.91 43.72
C GLU A 260 -44.85 24.20 42.23
N SER A 261 -44.07 23.48 41.42
CA SER A 261 -44.06 23.68 39.98
C SER A 261 -45.16 22.93 39.26
N GLY A 262 -45.88 22.08 39.97
CA GLY A 262 -46.94 21.30 39.36
C GLY A 262 -46.35 20.20 38.50
N GLY A 263 -45.13 19.79 38.86
CA GLY A 263 -44.44 18.75 38.14
C GLY A 263 -44.53 17.42 38.86
N LYS A 264 -43.51 16.59 38.69
CA LYS A 264 -43.49 15.28 39.32
C LYS A 264 -42.13 14.62 39.12
N ILE A 265 -41.78 13.71 40.02
CA ILE A 265 -40.54 12.96 39.91
C ILE A 265 -41.00 11.53 39.70
N ASP A 266 -40.64 10.97 38.54
CA ASP A 266 -41.05 9.63 38.18
C ASP A 266 -39.87 8.74 37.81
N ALA A 267 -40.17 7.52 37.38
CA ALA A 267 -39.12 6.58 37.03
C ALA A 267 -39.23 6.00 35.61
N VAL A 268 -38.09 5.55 35.11
CA VAL A 268 -37.99 4.93 33.80
C VAL A 268 -37.03 3.78 33.99
N SER A 269 -37.16 2.75 33.16
CA SER A 269 -36.31 1.58 33.23
C SER A 269 -34.94 1.85 32.61
N ASP A 270 -33.98 0.96 32.88
CA ASP A 270 -32.65 1.12 32.30
C ASP A 270 -32.77 0.95 30.78
N SER A 271 -33.71 0.12 30.33
CA SER A 271 -33.92 -0.10 28.91
C SER A 271 -34.38 1.20 28.25
N GLU A 272 -35.32 1.87 28.89
CA GLU A 272 -35.83 3.13 28.35
C GLU A 272 -34.72 4.18 28.38
N ILE A 273 -33.88 4.13 29.41
CA ILE A 273 -32.77 5.07 29.54
C ILE A 273 -31.78 4.85 28.40
N LEU A 274 -31.38 3.60 28.19
CA LEU A 274 -30.43 3.30 27.12
C LEU A 274 -30.99 3.65 25.74
N TYR A 275 -32.28 3.43 25.52
CA TYR A 275 -32.89 3.76 24.24
C TYR A 275 -32.73 5.25 23.99
N ALA A 276 -33.00 6.07 25.00
CA ALA A 276 -32.89 7.52 24.86
C ALA A 276 -31.42 7.90 24.66
N TYR A 277 -30.55 7.30 25.47
CA TYR A 277 -29.11 7.53 25.40
C TYR A 277 -28.64 7.40 23.96
N LYS A 278 -29.05 6.31 23.30
CA LYS A 278 -28.66 6.08 21.93
C LYS A 278 -29.37 6.99 20.94
N LEU A 279 -30.67 7.17 21.12
CA LEU A 279 -31.46 8.00 20.22
C LEU A 279 -30.99 9.44 20.16
N ILE A 280 -30.64 10.01 21.31
CA ILE A 280 -30.14 11.39 21.36
C ILE A 280 -28.92 11.53 20.45
N ALA A 281 -28.04 10.54 20.48
CA ALA A 281 -26.84 10.59 19.67
C ALA A 281 -27.12 10.38 18.18
N SER A 282 -27.98 9.42 17.87
CA SER A 282 -28.27 9.09 16.46
C SER A 282 -29.19 10.07 15.74
N THR A 283 -29.90 10.90 16.49
CA THR A 283 -30.80 11.87 15.88
C THR A 283 -30.21 13.27 15.86
N GLU A 284 -29.41 13.61 16.88
CA GLU A 284 -28.83 14.94 16.96
C GLU A 284 -27.31 15.03 17.00
N GLY A 285 -26.61 13.92 17.14
CA GLY A 285 -25.15 13.99 17.18
C GLY A 285 -24.69 14.56 18.51
N VAL A 286 -25.49 14.33 19.54
CA VAL A 286 -25.19 14.81 20.89
C VAL A 286 -24.94 13.57 21.76
N PHE A 287 -23.73 13.46 22.28
CA PHE A 287 -23.33 12.33 23.10
C PHE A 287 -23.27 12.65 24.59
N CYS A 288 -24.27 12.15 25.33
CA CYS A 288 -24.34 12.36 26.77
C CYS A 288 -24.20 11.00 27.46
N GLU A 289 -24.00 11.02 28.78
CA GLU A 289 -23.85 9.79 29.51
C GLU A 289 -25.25 9.23 29.85
N PRO A 290 -25.34 7.93 30.19
CA PRO A 290 -26.61 7.28 30.53
C PRO A 290 -27.54 8.05 31.48
N ALA A 291 -27.03 8.52 32.61
CA ALA A 291 -27.85 9.25 33.57
C ALA A 291 -28.53 10.44 32.91
N SER A 292 -27.79 11.17 32.10
CA SER A 292 -28.31 12.34 31.39
C SER A 292 -29.53 11.98 30.54
N ALA A 293 -29.45 10.85 29.85
CA ALA A 293 -30.52 10.38 28.99
C ALA A 293 -31.87 10.12 29.68
N ALA A 294 -31.84 9.96 31.01
CA ALA A 294 -33.07 9.71 31.75
C ALA A 294 -34.10 10.81 31.53
N SER A 295 -33.63 12.03 31.32
CA SER A 295 -34.54 13.14 31.11
C SER A 295 -35.36 12.94 29.81
N VAL A 296 -34.67 12.58 28.74
CA VAL A 296 -35.32 12.36 27.45
C VAL A 296 -36.17 11.10 27.51
N ALA A 297 -35.70 10.09 28.23
CA ALA A 297 -36.45 8.84 28.38
C ALA A 297 -37.77 9.17 29.07
N GLY A 298 -37.72 10.09 30.04
CA GLY A 298 -38.92 10.48 30.74
C GLY A 298 -39.90 11.12 29.77
N LEU A 299 -39.37 11.97 28.91
CA LEU A 299 -40.18 12.66 27.90
C LEU A 299 -40.82 11.65 26.95
N ILE A 300 -40.02 10.69 26.49
CA ILE A 300 -40.53 9.67 25.57
C ILE A 300 -41.69 8.94 26.23
N LYS A 301 -41.53 8.60 27.50
CA LYS A 301 -42.57 7.90 28.25
C LYS A 301 -43.87 8.69 28.25
N LEU A 302 -43.80 9.96 28.60
CA LEU A 302 -44.99 10.80 28.64
C LEU A 302 -45.60 11.00 27.25
N VAL A 303 -44.77 11.03 26.22
CA VAL A 303 -45.28 11.20 24.86
C VAL A 303 -46.16 10.01 24.52
N ARG A 304 -45.62 8.81 24.70
CA ARG A 304 -46.33 7.57 24.40
C ARG A 304 -47.62 7.40 25.22
N GLU A 305 -47.61 7.97 26.45
CA GLU A 305 -48.81 7.85 27.28
C GLU A 305 -49.88 8.89 26.91
N GLY A 306 -49.52 9.74 25.93
CA GLY A 306 -50.47 10.74 25.46
C GLY A 306 -50.62 11.91 26.45
N PHE A 307 -49.54 12.21 27.16
CA PHE A 307 -49.51 13.27 28.14
C PHE A 307 -49.66 14.68 27.58
N PHE A 308 -49.04 14.93 26.43
CA PHE A 308 -49.06 16.25 25.82
C PHE A 308 -50.26 16.55 24.92
N LYS A 309 -50.54 17.85 24.78
CA LYS A 309 -51.65 18.34 23.98
C LYS A 309 -51.16 18.91 22.65
N GLY A 310 -49.88 19.23 22.58
CA GLY A 310 -49.32 19.78 21.36
C GLY A 310 -48.85 21.21 21.46
N GLY A 311 -47.67 21.49 20.91
CA GLY A 311 -47.14 22.84 20.95
C GLY A 311 -46.33 23.21 22.19
N GLU A 312 -46.26 22.33 23.18
CA GLU A 312 -45.49 22.64 24.38
C GLU A 312 -44.02 22.82 24.08
N VAL A 313 -43.34 23.58 24.93
CA VAL A 313 -41.91 23.81 24.79
C VAL A 313 -41.27 23.08 25.96
N VAL A 314 -40.37 22.15 25.64
CA VAL A 314 -39.70 21.36 26.67
C VAL A 314 -38.18 21.50 26.59
N THR A 315 -37.54 21.55 27.75
CA THR A 315 -36.09 21.63 27.82
C THR A 315 -35.66 20.40 28.60
N CYS A 316 -34.54 19.81 28.22
CA CYS A 316 -34.03 18.62 28.88
C CYS A 316 -32.58 18.85 29.26
N THR A 317 -32.22 18.51 30.49
CA THR A 317 -30.85 18.67 30.92
C THR A 317 -30.06 17.39 30.65
N LEU A 318 -29.04 17.49 29.81
CA LEU A 318 -28.17 16.36 29.53
C LEU A 318 -26.97 16.70 30.44
N THR A 319 -27.06 16.16 31.66
CA THR A 319 -26.11 16.38 32.74
C THR A 319 -24.62 16.08 32.55
N GLY A 320 -24.29 15.04 31.78
CA GLY A 320 -22.89 14.70 31.59
C GLY A 320 -22.47 14.31 30.19
N ASN A 321 -21.18 14.46 29.91
CA ASN A 321 -20.58 14.14 28.62
C ASN A 321 -20.60 12.62 28.45
N GLY A 322 -20.98 12.14 27.27
CA GLY A 322 -20.98 10.70 27.04
C GLY A 322 -19.57 10.12 27.13
N LEU A 323 -18.55 10.95 26.96
CA LEU A 323 -17.18 10.49 27.03
C LEU A 323 -16.82 10.13 28.47
N LYS A 324 -17.71 10.44 29.42
CA LYS A 324 -17.48 10.10 30.83
C LYS A 324 -17.64 8.60 31.05
N ASP A 325 -18.44 7.94 30.21
CA ASP A 325 -18.74 6.51 30.38
C ASP A 325 -18.39 5.61 29.19
N PRO A 326 -17.09 5.36 28.96
CA PRO A 326 -16.69 4.49 27.84
C PRO A 326 -17.20 3.07 27.94
N ASP A 327 -17.42 2.58 29.16
CA ASP A 327 -17.90 1.21 29.34
C ASP A 327 -19.29 1.00 28.76
N THR A 328 -20.23 1.89 29.10
CA THR A 328 -21.57 1.75 28.57
C THR A 328 -21.56 1.94 27.05
N ALA A 329 -20.73 2.86 26.57
CA ALA A 329 -20.64 3.13 25.14
C ALA A 329 -20.29 1.85 24.39
N ILE A 330 -19.29 1.14 24.89
CA ILE A 330 -18.85 -0.11 24.29
C ILE A 330 -19.93 -1.18 24.44
N LYS A 331 -20.56 -1.24 25.59
CA LYS A 331 -21.60 -2.22 25.88
C LYS A 331 -22.80 -2.17 24.91
N VAL A 332 -23.24 -0.97 24.52
CA VAL A 332 -24.38 -0.83 23.62
C VAL A 332 -24.03 -0.94 22.14
N CYS A 333 -22.74 -1.00 21.83
CA CYS A 333 -22.32 -1.09 20.44
C CYS A 333 -22.54 -2.45 19.79
N GLU A 334 -23.26 -2.45 18.69
CA GLU A 334 -23.53 -3.68 17.96
C GLU A 334 -22.20 -4.14 17.37
N GLU A 335 -22.21 -5.30 16.73
CA GLU A 335 -20.99 -5.84 16.13
C GLU A 335 -20.78 -5.31 14.72
N PRO A 336 -19.54 -4.95 14.37
CA PRO A 336 -19.24 -4.43 13.02
C PRO A 336 -19.48 -5.55 12.00
N ILE A 337 -20.31 -5.28 11.00
CA ILE A 337 -20.61 -6.27 9.97
C ILE A 337 -19.39 -6.58 9.11
N THR A 338 -18.99 -7.85 9.10
CA THR A 338 -17.84 -8.27 8.30
C THR A 338 -18.28 -8.44 6.84
N VAL A 339 -17.45 -7.95 5.92
CA VAL A 339 -17.75 -8.03 4.50
C VAL A 339 -16.47 -8.21 3.67
N PRO A 340 -16.57 -8.94 2.55
CA PRO A 340 -15.38 -9.16 1.70
C PRO A 340 -14.96 -7.89 0.96
N PRO A 341 -13.67 -7.79 0.60
CA PRO A 341 -13.10 -6.63 -0.12
C PRO A 341 -13.63 -6.52 -1.55
N ASP A 342 -14.93 -6.37 -1.69
CA ASP A 342 -15.55 -6.27 -3.00
C ASP A 342 -16.56 -5.12 -3.07
N PHE A 343 -16.32 -4.19 -3.98
CA PHE A 343 -17.18 -3.03 -4.18
C PHE A 343 -18.66 -3.41 -4.19
N ASP A 344 -19.04 -4.24 -5.15
CA ASP A 344 -20.42 -4.68 -5.30
C ASP A 344 -21.01 -5.30 -4.04
N GLU A 345 -20.23 -6.11 -3.33
CA GLU A 345 -20.73 -6.73 -2.10
C GLU A 345 -20.96 -5.65 -1.04
N VAL A 346 -19.99 -4.76 -0.89
CA VAL A 346 -20.09 -3.66 0.06
C VAL A 346 -21.37 -2.87 -0.23
N VAL A 347 -21.52 -2.44 -1.47
CA VAL A 347 -22.70 -1.69 -1.87
C VAL A 347 -23.95 -2.51 -1.56
N LYS A 348 -23.83 -3.82 -1.64
CA LYS A 348 -24.95 -4.71 -1.34
C LYS A 348 -25.30 -4.61 0.14
N VAL A 349 -24.29 -4.71 1.00
CA VAL A 349 -24.52 -4.61 2.44
C VAL A 349 -25.21 -3.29 2.76
N LEU A 350 -24.63 -2.20 2.27
CA LEU A 350 -25.21 -0.87 2.49
C LEU A 350 -26.49 -0.83 1.68
N GLY A 351 -27.34 0.16 1.92
CA GLY A 351 -28.59 0.24 1.18
C GLY A 351 -28.48 1.08 -0.09
N PHE A 352 -27.64 0.65 -1.05
CA PHE A 352 -27.44 1.41 -2.26
C PHE A 352 -28.10 0.74 -3.46
N ARG B 3 -26.31 33.21 22.64
CA ARG B 3 -25.75 34.09 21.57
C ARG B 3 -24.81 33.32 20.63
N TRP B 4 -24.09 32.33 21.14
CA TRP B 4 -23.20 31.56 20.28
C TRP B 4 -24.04 30.63 19.42
N GLN B 5 -23.82 30.66 18.11
CA GLN B 5 -24.60 29.81 17.22
C GLN B 5 -23.76 28.95 16.26
N GLY B 6 -22.52 28.70 16.63
CA GLY B 6 -21.67 27.89 15.77
C GLY B 6 -20.68 28.70 14.95
N ILE B 7 -19.62 28.06 14.49
CA ILE B 7 -18.59 28.76 13.72
C ILE B 7 -18.96 29.26 12.33
N ILE B 8 -19.87 28.57 11.64
CA ILE B 8 -20.25 29.01 10.29
C ILE B 8 -20.99 30.35 10.34
N LYS B 9 -21.95 30.47 11.26
CA LYS B 9 -22.71 31.71 11.39
C LYS B 9 -21.85 32.85 11.92
N GLN B 10 -20.87 32.52 12.76
CA GLN B 10 -19.99 33.54 13.32
C GLN B 10 -18.98 34.06 12.30
N TYR B 11 -18.43 33.17 11.47
CA TYR B 11 -17.43 33.56 10.50
C TYR B 11 -17.85 33.33 9.05
N LYS B 12 -19.14 33.47 8.80
CA LYS B 12 -19.72 33.27 7.48
C LYS B 12 -18.98 33.92 6.31
N LYS B 13 -18.59 35.18 6.46
CA LYS B 13 -17.90 35.87 5.36
C LYS B 13 -16.53 35.29 5.02
N TYR B 14 -15.96 34.49 5.93
CA TYR B 14 -14.66 33.88 5.68
C TYR B 14 -14.78 32.47 5.13
N LEU B 15 -16.01 32.00 4.98
CA LEU B 15 -16.24 30.63 4.52
C LEU B 15 -16.98 30.51 3.19
N PRO B 16 -16.78 29.37 2.48
CA PRO B 16 -17.42 29.11 1.20
C PRO B 16 -18.89 28.71 1.34
N VAL B 17 -19.69 29.67 1.82
CA VAL B 17 -21.11 29.46 2.02
C VAL B 17 -21.85 30.73 1.62
N ASP B 18 -23.15 30.60 1.34
CA ASP B 18 -23.98 31.75 1.00
C ASP B 18 -25.24 31.70 1.84
N GLU B 19 -26.08 32.72 1.74
CA GLU B 19 -27.29 32.80 2.53
C GLU B 19 -28.25 31.62 2.36
N ASN B 20 -28.02 30.79 1.34
CA ASN B 20 -28.87 29.63 1.10
C ASN B 20 -28.23 28.30 1.51
N THR B 21 -26.98 28.35 1.98
CA THR B 21 -26.29 27.14 2.42
C THR B 21 -26.92 26.65 3.72
N PRO B 22 -27.33 25.38 3.77
CA PRO B 22 -27.95 24.82 4.99
C PRO B 22 -26.86 24.70 6.06
N ILE B 23 -27.11 25.28 7.24
CA ILE B 23 -26.11 25.22 8.31
C ILE B 23 -26.39 24.10 9.29
N VAL B 24 -25.52 23.09 9.32
CA VAL B 24 -25.66 21.98 10.26
C VAL B 24 -24.62 22.23 11.33
N THR B 25 -25.07 22.72 12.49
CA THR B 25 -24.14 23.03 13.56
C THR B 25 -24.52 22.37 14.88
N LEU B 26 -23.48 22.10 15.69
CA LEU B 26 -23.71 21.60 17.03
C LEU B 26 -23.19 22.61 18.07
N TYR B 27 -23.14 23.88 17.63
CA TYR B 27 -22.62 24.94 18.49
C TYR B 27 -21.13 24.76 18.80
N GLU B 28 -20.40 24.16 17.86
CA GLU B 28 -18.96 23.95 18.02
C GLU B 28 -18.26 25.30 18.01
N GLY B 29 -17.01 25.32 18.46
CA GLY B 29 -16.27 26.56 18.48
C GLY B 29 -16.49 27.37 19.74
N ASN B 30 -15.92 28.57 19.75
CA ASN B 30 -16.01 29.49 20.89
C ASN B 30 -15.60 28.79 22.18
N THR B 31 -14.63 27.89 22.07
CA THR B 31 -14.14 27.16 23.23
C THR B 31 -13.28 28.11 24.07
N PRO B 32 -13.14 27.82 25.37
CA PRO B 32 -12.35 28.68 26.25
C PRO B 32 -10.88 28.88 25.88
N LEU B 33 -10.42 30.12 26.01
CA LEU B 33 -9.03 30.47 25.79
C LEU B 33 -8.62 30.79 27.23
N ILE B 34 -8.07 29.78 27.91
CA ILE B 34 -7.70 29.89 29.32
C ILE B 34 -6.31 30.41 29.61
N GLU B 35 -6.22 31.53 30.31
CA GLU B 35 -4.91 32.08 30.66
C GLU B 35 -4.38 31.18 31.77
N ALA B 36 -3.26 30.51 31.49
CA ALA B 36 -2.67 29.57 32.43
C ALA B 36 -1.50 30.13 33.23
N ASP B 37 -1.79 30.96 34.23
CA ASP B 37 -0.75 31.54 35.08
C ASP B 37 -0.09 30.49 35.96
N ASN B 38 -0.88 29.55 36.50
CA ASN B 38 -0.31 28.49 37.34
C ASN B 38 0.68 27.65 36.53
N LEU B 39 0.30 27.32 35.30
CA LEU B 39 1.15 26.53 34.42
C LEU B 39 2.44 27.29 34.10
N ALA B 40 2.30 28.57 33.77
CA ALA B 40 3.44 29.40 33.44
C ALA B 40 4.42 29.45 34.61
N ARG B 41 3.89 29.63 35.81
CA ARG B 41 4.74 29.68 36.99
C ARG B 41 5.38 28.33 37.23
N ALA B 42 4.64 27.27 36.94
CA ALA B 42 5.14 25.91 37.14
C ALA B 42 6.31 25.54 36.24
N ILE B 43 6.34 26.06 35.01
CA ILE B 43 7.42 25.75 34.09
C ILE B 43 8.43 26.90 33.95
N GLY B 44 8.19 27.99 34.66
CA GLY B 44 9.10 29.12 34.61
C GLY B 44 9.03 29.99 33.38
N PHE B 45 7.88 29.99 32.71
CA PHE B 45 7.69 30.81 31.52
C PHE B 45 7.42 32.24 31.95
N LYS B 46 8.30 33.16 31.57
CA LYS B 46 8.18 34.57 31.93
C LYS B 46 7.29 35.35 30.97
N GLY B 47 6.10 34.82 30.72
CA GLY B 47 5.18 35.51 29.82
C GLY B 47 3.77 35.01 30.04
N LYS B 48 2.92 35.20 29.04
CA LYS B 48 1.54 34.76 29.15
C LYS B 48 1.28 33.53 28.30
N ILE B 49 0.63 32.55 28.91
CA ILE B 49 0.27 31.32 28.23
C ILE B 49 -1.25 31.23 28.17
N TYR B 50 -1.79 30.91 26.99
CA TYR B 50 -3.23 30.75 26.84
C TYR B 50 -3.49 29.40 26.25
N LEU B 51 -4.38 28.64 26.87
CA LEU B 51 -4.73 27.32 26.39
C LEU B 51 -6.10 27.32 25.72
N LYS B 52 -6.12 27.02 24.42
CA LYS B 52 -7.38 26.95 23.66
C LYS B 52 -7.88 25.53 23.89
N TYR B 53 -8.87 25.41 24.76
CA TYR B 53 -9.42 24.10 25.14
C TYR B 53 -10.46 23.54 24.17
N GLU B 54 -9.98 22.96 23.08
CA GLU B 54 -10.82 22.39 22.03
C GLU B 54 -11.52 21.10 22.44
N GLY B 55 -11.21 20.60 23.63
CA GLY B 55 -11.83 19.37 24.10
C GLY B 55 -13.30 19.57 24.40
N LEU B 56 -13.69 20.82 24.56
CA LEU B 56 -15.08 21.10 24.87
C LEU B 56 -15.98 21.24 23.63
N ASN B 57 -15.43 20.91 22.45
CA ASN B 57 -16.23 20.93 21.23
C ASN B 57 -17.22 19.77 21.37
N PRO B 58 -18.36 19.83 20.65
CA PRO B 58 -19.44 18.83 20.66
C PRO B 58 -19.05 17.35 20.71
N THR B 59 -18.04 16.93 19.95
CA THR B 59 -17.64 15.51 19.97
C THR B 59 -16.31 15.26 20.68
N GLY B 60 -15.73 16.30 21.26
CA GLY B 60 -14.48 16.12 21.98
C GLY B 60 -13.19 16.49 21.29
N SER B 61 -13.25 17.04 20.08
CA SER B 61 -12.03 17.44 19.39
C SER B 61 -12.29 18.56 18.39
N PHE B 62 -11.24 19.31 18.06
CA PHE B 62 -11.35 20.43 17.13
C PHE B 62 -11.88 20.03 15.76
N LYS B 63 -11.82 18.74 15.42
CA LYS B 63 -12.30 18.33 14.12
C LYS B 63 -13.75 18.74 13.85
N ASP B 64 -14.50 19.03 14.92
CA ASP B 64 -15.88 19.45 14.74
C ASP B 64 -15.95 20.70 13.88
N ARG B 65 -14.92 21.54 13.95
CA ARG B 65 -14.89 22.78 13.15
C ARG B 65 -14.92 22.48 11.67
N GLY B 66 -14.20 21.44 11.27
CA GLY B 66 -14.15 21.08 9.87
C GLY B 66 -15.39 20.31 9.44
N MET B 67 -15.92 19.47 10.32
CA MET B 67 -17.08 18.67 9.96
C MET B 67 -18.36 19.48 9.83
N THR B 68 -18.51 20.56 10.60
CA THR B 68 -19.73 21.35 10.46
C THR B 68 -19.81 21.89 9.03
N LEU B 69 -18.68 22.35 8.49
CA LEU B 69 -18.66 22.88 7.12
C LEU B 69 -18.79 21.76 6.10
N ALA B 70 -17.96 20.73 6.27
CA ALA B 70 -17.99 19.59 5.36
C ALA B 70 -19.39 19.00 5.23
N ILE B 71 -20.06 18.77 6.35
CA ILE B 71 -21.41 18.21 6.30
C ILE B 71 -22.43 19.21 5.73
N SER B 72 -22.32 20.47 6.14
CA SER B 72 -23.26 21.47 5.62
C SER B 72 -23.11 21.58 4.11
N LYS B 73 -21.88 21.49 3.62
CA LYS B 73 -21.65 21.57 2.17
C LYS B 73 -22.17 20.33 1.48
N ALA B 74 -22.11 19.19 2.18
CA ALA B 74 -22.60 17.95 1.62
C ALA B 74 -24.13 18.01 1.45
N VAL B 75 -24.81 18.58 2.44
CA VAL B 75 -26.26 18.69 2.37
C VAL B 75 -26.62 19.60 1.21
N GLU B 76 -25.92 20.72 1.12
CA GLU B 76 -26.13 21.70 0.07
C GLU B 76 -25.98 21.05 -1.30
N ALA B 77 -25.04 20.11 -1.40
CA ALA B 77 -24.78 19.41 -2.65
C ALA B 77 -25.77 18.25 -2.86
N GLY B 78 -26.65 18.05 -1.90
CA GLY B 78 -27.63 16.97 -2.01
C GLY B 78 -27.12 15.57 -1.75
N LYS B 79 -25.97 15.45 -1.08
CA LYS B 79 -25.43 14.13 -0.76
C LYS B 79 -26.37 13.49 0.26
N ARG B 80 -26.51 12.17 0.20
CA ARG B 80 -27.41 11.46 1.10
C ARG B 80 -26.69 10.86 2.31
N ALA B 81 -25.36 10.83 2.24
CA ALA B 81 -24.57 10.28 3.32
C ALA B 81 -23.11 10.72 3.25
N VAL B 82 -22.35 10.38 4.28
CA VAL B 82 -20.93 10.70 4.32
C VAL B 82 -20.20 9.37 4.51
N ILE B 83 -18.93 9.33 4.15
CA ILE B 83 -18.18 8.09 4.29
C ILE B 83 -16.70 8.38 4.50
N CYS B 84 -16.04 7.52 5.27
CA CYS B 84 -14.62 7.65 5.52
C CYS B 84 -14.05 6.31 5.94
N ALA B 85 -12.75 6.25 6.14
CA ALA B 85 -12.10 5.00 6.54
C ALA B 85 -11.23 5.23 7.77
N SER B 86 -11.72 6.05 8.69
CA SER B 86 -10.95 6.36 9.91
C SER B 86 -11.49 5.65 11.16
N THR B 87 -10.53 5.36 12.08
CA THR B 87 -10.90 4.74 13.35
C THR B 87 -10.77 5.73 14.51
N GLY B 88 -10.64 7.03 14.20
CA GLY B 88 -10.37 8.01 15.25
C GLY B 88 -11.42 9.12 15.34
N ASN B 89 -10.97 10.26 15.87
CA ASN B 89 -11.81 11.42 16.09
C ASN B 89 -12.51 11.91 14.81
N THR B 90 -11.90 11.66 13.66
CA THR B 90 -12.48 12.05 12.38
C THR B 90 -13.81 11.37 12.18
N SER B 91 -13.85 10.05 12.40
CA SER B 91 -15.07 9.29 12.23
C SER B 91 -16.17 9.69 13.21
N ALA B 92 -15.81 9.91 14.48
CA ALA B 92 -16.80 10.30 15.47
C ALA B 92 -17.39 11.66 15.09
N SER B 93 -16.52 12.61 14.74
CA SER B 93 -16.98 13.95 14.35
C SER B 93 -17.92 13.88 13.15
N ALA B 94 -17.49 13.19 12.09
CA ALA B 94 -18.31 13.09 10.89
C ALA B 94 -19.66 12.42 11.19
N ALA B 95 -19.66 11.41 12.04
CA ALA B 95 -20.89 10.72 12.39
C ALA B 95 -21.88 11.63 13.12
N ALA B 96 -21.38 12.41 14.07
CA ALA B 96 -22.22 13.32 14.85
C ALA B 96 -22.89 14.35 13.94
N TYR B 97 -22.12 14.96 13.04
CA TYR B 97 -22.70 15.94 12.13
C TYR B 97 -23.62 15.31 11.09
N ALA B 98 -23.35 14.06 10.70
CA ALA B 98 -24.22 13.38 9.75
C ALA B 98 -25.56 13.13 10.44
N ALA B 99 -25.51 12.76 11.72
CA ALA B 99 -26.73 12.51 12.48
C ALA B 99 -27.56 13.80 12.59
N ARG B 100 -26.88 14.88 12.94
CA ARG B 100 -27.50 16.19 13.07
C ARG B 100 -28.17 16.61 11.75
N ALA B 101 -27.50 16.33 10.64
CA ALA B 101 -28.01 16.66 9.31
C ALA B 101 -29.05 15.68 8.78
N GLY B 102 -29.31 14.62 9.55
CA GLY B 102 -30.29 13.64 9.11
C GLY B 102 -29.74 12.79 7.98
N LEU B 103 -28.42 12.68 7.91
CA LEU B 103 -27.74 11.91 6.88
C LEU B 103 -27.16 10.62 7.45
N ARG B 104 -26.93 9.63 6.59
CA ARG B 104 -26.33 8.38 7.03
C ARG B 104 -24.82 8.56 7.03
N ALA B 105 -24.12 7.74 7.80
CA ALA B 105 -22.67 7.82 7.89
C ALA B 105 -22.11 6.40 7.80
N TYR B 106 -21.14 6.21 6.93
CA TYR B 106 -20.54 4.91 6.72
C TYR B 106 -19.06 4.93 6.99
N VAL B 107 -18.58 3.87 7.63
CA VAL B 107 -17.16 3.75 7.93
C VAL B 107 -16.67 2.37 7.48
N LEU B 108 -15.72 2.37 6.57
CA LEU B 108 -15.15 1.14 6.03
C LEU B 108 -13.73 0.98 6.55
N LEU B 109 -13.50 -0.09 7.30
CA LEU B 109 -12.19 -0.35 7.89
C LEU B 109 -11.79 -1.82 7.80
N PRO B 110 -10.49 -2.10 7.80
CA PRO B 110 -10.02 -3.49 7.73
C PRO B 110 -10.46 -4.18 9.03
N LYS B 111 -11.02 -5.37 8.91
CA LYS B 111 -11.49 -6.10 10.10
C LYS B 111 -10.41 -6.20 11.18
N GLY B 112 -9.15 -6.02 10.79
CA GLY B 112 -8.06 -6.09 11.74
C GLY B 112 -8.00 -4.99 12.78
N ALA B 113 -7.89 -3.74 12.32
CA ALA B 113 -7.78 -2.58 13.19
C ALA B 113 -8.97 -2.35 14.12
N VAL B 114 -10.06 -3.07 13.87
CA VAL B 114 -11.27 -2.93 14.67
C VAL B 114 -11.10 -3.14 16.18
N ALA B 115 -10.92 -2.04 16.91
CA ALA B 115 -10.77 -2.06 18.37
C ALA B 115 -11.97 -1.26 18.87
N ILE B 116 -13.08 -1.95 19.11
CA ILE B 116 -14.35 -1.36 19.55
C ILE B 116 -14.31 -0.06 20.35
N GLY B 117 -13.46 0.02 21.37
CA GLY B 117 -13.40 1.23 22.16
C GLY B 117 -13.16 2.48 21.33
N LYS B 118 -12.43 2.33 20.22
CA LYS B 118 -12.12 3.47 19.36
C LYS B 118 -13.23 3.81 18.37
N LEU B 119 -14.26 2.98 18.30
CA LEU B 119 -15.34 3.21 17.36
C LEU B 119 -16.70 3.40 18.04
N SER B 120 -16.75 3.17 19.35
CA SER B 120 -18.00 3.28 20.08
C SER B 120 -18.74 4.62 19.94
N GLN B 121 -17.99 5.72 19.91
CA GLN B 121 -18.62 7.03 19.80
C GLN B 121 -19.21 7.24 18.41
N ALA B 122 -18.45 6.90 17.37
CA ALA B 122 -18.96 7.05 16.02
C ALA B 122 -20.19 6.16 15.86
N MET B 123 -20.12 4.97 16.45
CA MET B 123 -21.23 4.04 16.35
C MET B 123 -22.50 4.50 17.07
N ILE B 124 -22.36 5.08 18.25
CA ILE B 124 -23.57 5.54 18.93
C ILE B 124 -24.23 6.69 18.18
N TYR B 125 -23.38 7.50 17.49
CA TYR B 125 -23.91 8.55 16.64
C TYR B 125 -24.71 7.96 15.45
N GLY B 126 -24.54 6.64 15.22
CA GLY B 126 -25.32 5.96 14.18
C GLY B 126 -24.46 5.53 12.97
N ALA B 127 -23.14 5.64 13.05
CA ALA B 127 -22.29 5.25 11.93
C ALA B 127 -22.36 3.75 11.70
N LYS B 128 -22.48 3.35 10.43
CA LYS B 128 -22.53 1.94 10.08
C LYS B 128 -21.10 1.54 9.73
N VAL B 129 -20.48 0.76 10.59
CA VAL B 129 -19.10 0.33 10.40
C VAL B 129 -19.01 -1.07 9.79
N LEU B 130 -18.30 -1.18 8.68
CA LEU B 130 -18.12 -2.46 8.03
C LEU B 130 -16.69 -2.94 8.17
N ALA B 131 -16.52 -4.18 8.59
CA ALA B 131 -15.20 -4.76 8.76
C ALA B 131 -14.88 -5.49 7.47
N ILE B 132 -14.02 -4.88 6.67
CA ILE B 132 -13.63 -5.45 5.39
C ILE B 132 -12.54 -6.51 5.54
N GLN B 133 -12.78 -7.68 4.96
CA GLN B 133 -11.80 -8.77 5.01
C GLN B 133 -10.69 -8.47 4.01
N GLY B 134 -9.97 -7.38 4.29
CA GLY B 134 -8.88 -6.97 3.42
C GLY B 134 -8.02 -5.93 4.13
N THR B 135 -7.23 -5.17 3.36
CA THR B 135 -6.35 -4.16 3.92
C THR B 135 -6.94 -2.75 3.90
N PHE B 136 -6.19 -1.80 4.43
CA PHE B 136 -6.61 -0.39 4.46
C PHE B 136 -6.72 0.13 3.03
N ASP B 137 -5.88 -0.40 2.16
CA ASP B 137 -5.87 0.02 0.77
C ASP B 137 -7.09 -0.53 0.04
N ASP B 138 -7.53 -1.73 0.40
CA ASP B 138 -8.70 -2.31 -0.23
C ASP B 138 -9.93 -1.50 0.13
N ALA B 139 -10.06 -1.16 1.40
CA ALA B 139 -11.20 -0.40 1.89
C ALA B 139 -11.19 1.03 1.36
N LEU B 140 -10.00 1.56 1.11
CA LEU B 140 -9.86 2.92 0.61
C LEU B 140 -10.35 3.01 -0.84
N ASN B 141 -10.05 1.99 -1.63
CA ASN B 141 -10.49 1.95 -3.03
C ASN B 141 -11.99 1.79 -3.12
N ILE B 142 -12.57 1.06 -2.16
CA ILE B 142 -14.01 0.84 -2.14
C ILE B 142 -14.70 2.14 -1.77
N VAL B 143 -14.10 2.89 -0.85
CA VAL B 143 -14.66 4.17 -0.43
C VAL B 143 -14.65 5.14 -1.61
N ARG B 144 -13.56 5.13 -2.36
CA ARG B 144 -13.41 5.99 -3.52
C ARG B 144 -14.46 5.63 -4.58
N LYS B 145 -14.58 4.34 -4.88
CA LYS B 145 -15.54 3.87 -5.87
C LYS B 145 -16.97 4.23 -5.48
N ILE B 146 -17.24 4.23 -4.17
CA ILE B 146 -18.57 4.57 -3.68
C ILE B 146 -18.87 6.04 -3.97
N GLY B 147 -17.88 6.90 -3.74
CA GLY B 147 -18.07 8.31 -3.97
C GLY B 147 -18.22 8.69 -5.44
N GLU B 148 -17.58 7.92 -6.31
CA GLU B 148 -17.65 8.19 -7.76
C GLU B 148 -18.95 7.68 -8.36
N ASN B 149 -19.58 6.72 -7.69
CA ASN B 149 -20.80 6.12 -8.20
C ASN B 149 -22.10 6.47 -7.47
N PHE B 150 -21.99 7.07 -6.29
CA PHE B 150 -23.18 7.42 -5.51
C PHE B 150 -23.05 8.79 -4.82
N PRO B 151 -24.20 9.41 -4.49
CA PRO B 151 -24.22 10.72 -3.82
C PRO B 151 -23.84 10.59 -2.35
N VAL B 152 -22.66 10.05 -2.12
CA VAL B 152 -22.11 9.86 -0.77
C VAL B 152 -20.84 10.69 -0.70
N GLU B 153 -20.78 11.60 0.28
CA GLU B 153 -19.64 12.49 0.44
C GLU B 153 -18.48 11.90 1.22
N ILE B 154 -17.30 11.90 0.61
CA ILE B 154 -16.09 11.40 1.26
C ILE B 154 -15.60 12.49 2.21
N VAL B 155 -15.48 12.15 3.49
CA VAL B 155 -15.04 13.12 4.47
C VAL B 155 -13.68 12.87 5.09
N ASN B 156 -12.84 12.15 4.35
CA ASN B 156 -11.48 11.91 4.82
C ASN B 156 -10.67 13.17 4.51
N SER B 157 -9.34 13.06 4.62
CA SER B 157 -8.42 14.17 4.40
C SER B 157 -8.59 14.98 3.11
N VAL B 158 -9.01 14.32 2.03
CA VAL B 158 -9.16 15.00 0.75
C VAL B 158 -10.25 16.07 0.70
N ASN B 159 -11.18 16.02 1.65
CA ASN B 159 -12.27 17.00 1.69
C ASN B 159 -11.69 18.35 2.13
N PRO B 160 -11.66 19.34 1.22
CA PRO B 160 -11.13 20.69 1.49
C PRO B 160 -11.83 21.53 2.54
N TYR B 161 -13.08 21.21 2.85
CA TYR B 161 -13.83 21.98 3.83
C TYR B 161 -13.37 21.82 5.28
N ARG B 162 -12.71 20.71 5.59
CA ARG B 162 -12.26 20.48 6.95
C ARG B 162 -11.22 21.51 7.38
N ILE B 163 -10.19 21.70 6.55
CA ILE B 163 -9.17 22.69 6.87
C ILE B 163 -9.78 24.10 6.89
N GLU B 164 -10.73 24.36 6.00
CA GLU B 164 -11.38 25.68 5.96
C GLU B 164 -12.14 25.99 7.25
N GLY B 165 -12.91 25.03 7.74
CA GLY B 165 -13.65 25.26 8.96
C GLY B 165 -12.68 25.38 10.13
N GLN B 166 -11.62 24.59 10.11
CA GLN B 166 -10.63 24.61 11.19
C GLN B 166 -9.91 25.94 11.37
N LYS B 167 -9.79 26.74 10.31
CA LYS B 167 -9.09 28.02 10.44
C LYS B 167 -9.80 28.97 11.40
N THR B 168 -11.07 28.70 11.69
CA THR B 168 -11.83 29.55 12.61
C THR B 168 -11.25 29.55 14.02
N ALA B 169 -10.46 28.54 14.36
CA ALA B 169 -9.84 28.49 15.69
C ALA B 169 -8.91 29.69 15.86
N ALA B 170 -8.16 30.01 14.82
CA ALA B 170 -7.25 31.13 14.86
C ALA B 170 -8.02 32.45 14.94
N PHE B 171 -9.16 32.52 14.26
CA PHE B 171 -9.99 33.73 14.29
C PHE B 171 -10.42 34.01 15.73
N GLU B 172 -10.84 32.96 16.42
CA GLU B 172 -11.30 33.06 17.79
C GLU B 172 -10.20 33.56 18.73
N ILE B 173 -8.99 33.01 18.58
CA ILE B 173 -7.88 33.42 19.43
C ILE B 173 -7.61 34.92 19.26
N CYS B 174 -7.56 35.36 18.00
CA CYS B 174 -7.32 36.76 17.70
C CYS B 174 -8.47 37.64 18.19
N ASP B 175 -9.71 37.15 18.08
CA ASP B 175 -10.86 37.91 18.55
C ASP B 175 -10.81 38.12 20.06
N THR B 176 -10.52 37.04 20.77
CA THR B 176 -10.46 37.10 22.23
C THR B 176 -9.33 37.99 22.75
N LEU B 177 -8.14 37.82 22.21
CA LEU B 177 -7.00 38.59 22.71
C LEU B 177 -6.97 40.02 22.16
N GLY B 178 -7.61 40.18 20.99
CA GLY B 178 -7.55 41.49 20.33
C GLY B 178 -6.28 41.68 19.48
N GLU B 179 -5.42 40.63 19.51
CA GLU B 179 -4.19 40.63 18.76
C GLU B 179 -3.72 39.19 18.58
N ALA B 180 -2.65 39.00 17.81
CA ALA B 180 -2.15 37.66 17.64
C ALA B 180 -1.05 37.34 18.66
N PRO B 181 -0.82 36.05 18.96
CA PRO B 181 0.24 35.64 19.88
C PRO B 181 1.58 35.69 19.16
N ASP B 182 2.68 35.72 19.91
CA ASP B 182 4.00 35.75 19.29
C ASP B 182 4.29 34.38 18.71
N TYR B 183 3.81 33.35 19.40
CA TYR B 183 3.99 31.97 18.97
C TYR B 183 2.72 31.17 19.19
N HIS B 184 2.48 30.19 18.33
CA HIS B 184 1.32 29.33 18.51
C HIS B 184 1.82 27.90 18.49
N PHE B 185 1.57 27.17 19.58
CA PHE B 185 1.99 25.77 19.70
C PHE B 185 0.80 24.86 19.38
N ILE B 186 1.05 23.86 18.53
CA ILE B 186 -0.03 22.97 18.11
C ILE B 186 0.52 21.58 17.81
N PRO B 187 -0.29 20.52 18.08
CA PRO B 187 0.17 19.16 17.81
C PRO B 187 0.07 18.94 16.30
N VAL B 188 0.89 18.06 15.76
CA VAL B 188 0.87 17.79 14.33
C VAL B 188 0.79 16.30 14.02
N GLY B 189 -0.34 15.89 13.43
CA GLY B 189 -0.55 14.53 12.99
C GLY B 189 -0.53 14.46 11.46
N ASN B 190 -1.71 14.72 10.88
CA ASN B 190 -1.76 14.85 9.43
C ASN B 190 -1.40 16.28 8.99
N ALA B 191 -1.34 17.19 9.99
CA ALA B 191 -0.87 18.56 9.75
C ALA B 191 -1.96 19.48 9.18
N GLY B 192 -3.20 19.03 9.14
CA GLY B 192 -4.26 19.88 8.63
C GLY B 192 -4.55 21.07 9.54
N ASN B 193 -4.42 20.87 10.85
CA ASN B 193 -4.71 21.93 11.80
C ASN B 193 -3.69 23.06 11.75
N ILE B 194 -2.40 22.73 11.71
CA ILE B 194 -1.34 23.74 11.63
C ILE B 194 -1.57 24.58 10.38
N THR B 195 -1.85 23.92 9.27
CA THR B 195 -2.10 24.60 8.00
C THR B 195 -3.28 25.56 8.14
N ALA B 196 -4.38 25.06 8.69
CA ALA B 196 -5.58 25.86 8.90
C ALA B 196 -5.34 27.11 9.76
N TYR B 197 -4.64 26.95 10.88
CA TYR B 197 -4.35 28.09 11.76
C TYR B 197 -3.52 29.15 11.04
N TRP B 198 -2.49 28.71 10.34
CA TRP B 198 -1.64 29.65 9.60
C TRP B 198 -2.49 30.45 8.61
N LYS B 199 -3.35 29.75 7.86
CA LYS B 199 -4.22 30.42 6.89
C LYS B 199 -5.10 31.43 7.61
N GLY B 200 -5.59 31.05 8.79
CA GLY B 200 -6.45 31.92 9.56
C GLY B 200 -5.74 33.17 10.04
N PHE B 201 -4.54 33.01 10.58
CA PHE B 201 -3.78 34.15 11.06
C PHE B 201 -3.46 35.11 9.91
N LYS B 202 -3.01 34.57 8.78
CA LYS B 202 -2.69 35.43 7.63
C LYS B 202 -3.88 36.26 7.17
N ILE B 203 -5.08 35.67 7.21
CA ILE B 203 -6.29 36.36 6.80
C ILE B 203 -6.60 37.55 7.69
N TYR B 204 -6.46 37.37 9.00
CA TYR B 204 -6.72 38.45 9.94
C TYR B 204 -5.67 39.54 9.82
N TYR B 205 -4.43 39.13 9.56
CA TYR B 205 -3.33 40.07 9.41
C TYR B 205 -3.61 40.94 8.19
N GLU B 206 -3.93 40.30 7.07
CA GLU B 206 -4.22 41.02 5.84
C GLU B 206 -5.36 42.00 6.03
N GLU B 207 -6.30 41.67 6.92
CA GLU B 207 -7.42 42.56 7.19
C GLU B 207 -7.08 43.60 8.24
N GLY B 208 -5.90 43.47 8.84
CA GLY B 208 -5.47 44.41 9.86
C GLY B 208 -6.05 44.18 11.24
N LYS B 209 -6.72 43.05 11.45
CA LYS B 209 -7.30 42.75 12.76
C LYS B 209 -6.20 42.42 13.76
N ILE B 210 -5.02 42.10 13.25
CA ILE B 210 -3.87 41.80 14.08
C ILE B 210 -2.65 42.51 13.50
N THR B 211 -1.70 42.88 14.35
CA THR B 211 -0.53 43.60 13.89
C THR B 211 0.70 42.74 13.69
N LYS B 212 0.57 41.44 13.91
CA LYS B 212 1.69 40.54 13.74
C LYS B 212 1.23 39.15 13.33
N LEU B 213 2.18 38.35 12.84
CA LEU B 213 1.91 36.99 12.44
C LEU B 213 2.66 36.07 13.38
N PRO B 214 1.94 35.14 14.02
CA PRO B 214 2.54 34.19 14.96
C PRO B 214 3.51 33.23 14.28
N ARG B 215 4.58 32.87 14.98
CA ARG B 215 5.51 31.90 14.46
C ARG B 215 4.81 30.59 14.80
N MET B 216 4.62 29.72 13.81
CA MET B 216 3.93 28.46 14.03
C MET B 216 4.88 27.37 14.53
N MET B 217 4.62 26.88 15.74
CA MET B 217 5.48 25.86 16.34
C MET B 217 4.70 24.55 16.42
N GLY B 218 4.96 23.65 15.47
CA GLY B 218 4.26 22.38 15.46
C GLY B 218 5.02 21.30 16.19
N TRP B 219 4.30 20.34 16.78
CA TRP B 219 4.97 19.28 17.52
C TRP B 219 4.47 17.87 17.24
N GLN B 220 5.42 16.96 17.01
CA GLN B 220 5.12 15.57 16.75
C GLN B 220 5.77 14.74 17.85
N ALA B 221 5.31 13.50 18.00
CA ALA B 221 5.91 12.61 18.99
C ALA B 221 7.15 12.07 18.27
N GLU B 222 8.27 11.94 18.99
CA GLU B 222 9.51 11.46 18.37
C GLU B 222 9.38 10.11 17.67
N GLY B 223 8.50 9.25 18.15
CA GLY B 223 8.32 7.94 17.54
C GLY B 223 7.44 7.98 16.30
N ALA B 224 7.02 9.17 15.91
CA ALA B 224 6.18 9.33 14.73
C ALA B 224 6.30 10.76 14.24
N ALA B 225 7.52 11.13 13.85
CA ALA B 225 7.78 12.49 13.38
C ALA B 225 8.37 12.45 11.98
N PRO B 226 7.58 12.01 10.99
CA PRO B 226 8.08 11.94 9.61
C PRO B 226 8.41 13.33 9.05
N ILE B 227 7.64 14.33 9.45
CA ILE B 227 7.87 15.69 8.97
C ILE B 227 9.19 16.23 9.51
N VAL B 228 9.54 15.82 10.73
CA VAL B 228 10.77 16.24 11.36
C VAL B 228 11.96 15.58 10.68
N LYS B 229 11.85 14.28 10.45
CA LYS B 229 12.92 13.51 9.81
C LYS B 229 12.96 13.64 8.29
N GLY B 230 11.85 14.07 7.70
CA GLY B 230 11.80 14.24 6.26
C GLY B 230 11.43 13.02 5.43
N TYR B 231 11.05 11.94 6.10
CA TYR B 231 10.68 10.70 5.43
C TYR B 231 9.56 10.00 6.19
N PRO B 232 8.66 9.33 5.46
CA PRO B 232 7.54 8.61 6.07
C PRO B 232 8.02 7.62 7.13
N ILE B 233 7.18 7.38 8.14
CA ILE B 233 7.52 6.43 9.18
C ILE B 233 6.64 5.21 8.95
N LYS B 234 7.22 4.14 8.43
CA LYS B 234 6.48 2.92 8.15
C LYS B 234 5.57 2.47 9.28
N ASN B 235 6.12 2.39 10.49
CA ASN B 235 5.35 1.96 11.65
C ASN B 235 5.49 2.99 12.77
N PRO B 236 4.74 4.10 12.66
CA PRO B 236 4.78 5.16 13.67
C PRO B 236 4.39 4.64 15.05
N GLN B 237 5.01 5.19 16.08
CA GLN B 237 4.71 4.78 17.43
C GLN B 237 4.63 5.96 18.39
N THR B 238 3.67 5.88 19.31
CA THR B 238 3.43 6.84 20.37
C THR B 238 2.11 6.56 21.07
N ILE B 239 2.07 6.91 22.36
CA ILE B 239 0.83 6.74 23.07
C ILE B 239 -0.18 7.82 22.68
N ALA B 240 0.34 8.91 22.10
CA ALA B 240 -0.54 9.97 21.62
C ALA B 240 -1.15 9.61 20.25
N THR B 241 -2.11 8.70 20.30
CA THR B 241 -2.77 8.16 19.11
C THR B 241 -3.22 9.13 18.02
N ALA B 242 -3.72 10.31 18.40
CA ALA B 242 -4.21 11.28 17.41
C ALA B 242 -3.10 11.84 16.51
N ILE B 243 -1.85 11.66 16.92
CA ILE B 243 -0.75 12.15 16.10
C ILE B 243 0.17 11.01 15.67
N LYS B 244 -0.32 9.78 15.79
CA LYS B 244 0.45 8.61 15.40
C LYS B 244 0.24 8.45 13.88
N ILE B 245 0.82 9.39 13.13
CA ILE B 245 0.70 9.42 11.67
C ILE B 245 2.08 9.34 11.02
N GLY B 246 2.28 8.31 10.19
CA GLY B 246 3.57 8.13 9.53
C GLY B 246 3.77 8.82 8.19
N ASN B 247 2.68 9.19 7.52
CA ASN B 247 2.78 9.87 6.24
C ASN B 247 1.66 10.89 6.16
N PRO B 248 1.82 12.00 6.90
CA PRO B 248 0.86 13.10 6.97
C PRO B 248 0.32 13.60 5.63
N TYR B 249 -1.01 13.71 5.56
CA TYR B 249 -1.67 14.15 4.36
C TYR B 249 -1.28 15.57 3.94
N SER B 250 -1.20 16.48 4.90
CA SER B 250 -0.85 17.88 4.61
C SER B 250 0.60 18.23 4.92
N TRP B 251 1.47 17.26 4.68
CA TRP B 251 2.91 17.40 4.90
C TRP B 251 3.48 18.69 4.31
N LYS B 252 3.31 18.85 3.01
CA LYS B 252 3.82 20.04 2.30
C LYS B 252 3.27 21.35 2.84
N SER B 253 1.99 21.39 3.19
CA SER B 253 1.38 22.60 3.72
C SER B 253 1.98 22.94 5.10
N ALA B 254 2.30 21.92 5.89
CA ALA B 254 2.86 22.13 7.22
C ALA B 254 4.27 22.72 7.12
N LEU B 255 5.05 22.19 6.18
CA LEU B 255 6.41 22.67 5.96
C LEU B 255 6.36 24.13 5.54
N LYS B 256 5.37 24.46 4.72
CA LYS B 256 5.20 25.83 4.23
C LYS B 256 4.77 26.76 5.36
N ALA B 257 3.90 26.26 6.23
CA ALA B 257 3.42 27.05 7.36
C ALA B 257 4.58 27.41 8.29
N ALA B 258 5.43 26.44 8.56
CA ALA B 258 6.59 26.66 9.44
C ALA B 258 7.57 27.67 8.82
N GLN B 259 7.89 27.46 7.54
CA GLN B 259 8.83 28.33 6.82
C GLN B 259 8.32 29.76 6.71
N GLU B 260 7.11 29.91 6.17
CA GLU B 260 6.51 31.22 5.97
C GLU B 260 6.26 32.01 7.24
N SER B 261 5.99 31.33 8.36
CA SER B 261 5.68 32.06 9.58
C SER B 261 6.93 32.30 10.42
N GLY B 262 8.00 31.56 10.09
CA GLY B 262 9.24 31.71 10.84
C GLY B 262 9.28 30.77 12.04
N GLY B 263 8.40 29.76 12.01
CA GLY B 263 8.37 28.78 13.09
C GLY B 263 9.08 27.48 12.68
N LYS B 264 8.66 26.37 13.24
CA LYS B 264 9.26 25.09 12.88
C LYS B 264 8.45 23.93 13.44
N ILE B 265 8.66 22.76 12.85
CA ILE B 265 7.98 21.55 13.27
C ILE B 265 9.05 20.70 13.95
N ASP B 266 8.84 20.40 15.24
CA ASP B 266 9.80 19.63 16.00
C ASP B 266 9.14 18.42 16.66
N ALA B 267 9.88 17.72 17.51
CA ALA B 267 9.33 16.55 18.18
C ALA B 267 9.64 16.51 19.66
N VAL B 268 8.80 15.79 20.40
CA VAL B 268 8.96 15.62 21.84
C VAL B 268 8.73 14.15 22.12
N SER B 269 9.36 13.64 23.17
CA SER B 269 9.22 12.22 23.52
C SER B 269 7.88 12.00 24.21
N ASP B 270 7.44 10.74 24.24
CA ASP B 270 6.19 10.39 24.89
C ASP B 270 6.27 10.76 26.37
N SER B 271 7.49 10.67 26.92
CA SER B 271 7.69 10.99 28.32
C SER B 271 7.44 12.48 28.56
N GLU B 272 7.90 13.30 27.61
CA GLU B 272 7.70 14.74 27.73
C GLU B 272 6.23 15.08 27.50
N ILE B 273 5.56 14.32 26.65
CA ILE B 273 4.15 14.56 26.36
C ILE B 273 3.32 14.20 27.61
N LEU B 274 3.59 13.04 28.19
CA LEU B 274 2.86 12.62 29.38
C LEU B 274 3.06 13.58 30.55
N TYR B 275 4.26 14.15 30.67
CA TYR B 275 4.54 15.11 31.73
C TYR B 275 3.67 16.35 31.52
N ALA B 276 3.54 16.77 30.27
CA ALA B 276 2.73 17.96 29.95
C ALA B 276 1.25 17.65 30.19
N TYR B 277 0.81 16.50 29.70
CA TYR B 277 -0.57 16.03 29.84
C TYR B 277 -1.01 16.13 31.31
N LYS B 278 -0.15 15.63 32.21
CA LYS B 278 -0.44 15.65 33.64
C LYS B 278 -0.39 17.04 34.24
N LEU B 279 0.66 17.78 33.88
CA LEU B 279 0.89 19.12 34.41
C LEU B 279 -0.21 20.11 34.05
N ILE B 280 -0.75 20.01 32.85
CA ILE B 280 -1.82 20.90 32.41
C ILE B 280 -3.01 20.70 33.34
N ALA B 281 -3.32 19.43 33.61
CA ALA B 281 -4.44 19.09 34.47
C ALA B 281 -4.23 19.49 35.92
N SER B 282 -3.03 19.27 36.45
CA SER B 282 -2.75 19.57 37.85
C SER B 282 -2.47 21.03 38.18
N THR B 283 -2.15 21.83 37.17
CA THR B 283 -1.88 23.24 37.41
C THR B 283 -3.08 24.12 37.06
N GLU B 284 -3.90 23.68 36.11
CA GLU B 284 -5.04 24.47 35.69
C GLU B 284 -6.42 23.81 35.78
N GLY B 285 -6.47 22.49 35.97
CA GLY B 285 -7.77 21.84 36.04
C GLY B 285 -8.36 21.65 34.66
N VAL B 286 -7.48 21.55 33.68
CA VAL B 286 -7.85 21.35 32.28
C VAL B 286 -7.35 19.98 31.84
N PHE B 287 -8.28 19.13 31.43
CA PHE B 287 -8.03 17.76 31.02
C PHE B 287 -8.11 17.57 29.51
N CYS B 288 -6.95 17.42 28.87
CA CYS B 288 -6.89 17.21 27.43
C CYS B 288 -6.30 15.82 27.18
N GLU B 289 -6.44 15.31 25.96
CA GLU B 289 -5.87 14.00 25.66
C GLU B 289 -4.37 14.14 25.38
N PRO B 290 -3.61 13.02 25.46
CA PRO B 290 -2.17 13.01 25.23
C PRO B 290 -1.65 13.82 24.04
N ALA B 291 -2.19 13.58 22.85
CA ALA B 291 -1.76 14.30 21.66
C ALA B 291 -1.81 15.81 21.87
N SER B 292 -2.89 16.27 22.50
CA SER B 292 -3.10 17.69 22.77
C SER B 292 -1.94 18.26 23.58
N ALA B 293 -1.45 17.46 24.52
CA ALA B 293 -0.36 17.86 25.40
C ALA B 293 0.96 18.07 24.68
N ALA B 294 1.04 17.61 23.44
CA ALA B 294 2.27 17.75 22.66
C ALA B 294 2.63 19.22 22.50
N SER B 295 1.61 20.08 22.42
CA SER B 295 1.85 21.51 22.26
C SER B 295 2.55 22.12 23.47
N VAL B 296 2.06 21.79 24.67
CA VAL B 296 2.65 22.30 25.89
C VAL B 296 4.03 21.68 26.13
N ALA B 297 4.17 20.41 25.76
CA ALA B 297 5.44 19.71 25.92
C ALA B 297 6.49 20.40 25.06
N GLY B 298 6.06 20.86 23.89
CA GLY B 298 6.95 21.58 23.00
C GLY B 298 7.38 22.87 23.66
N LEU B 299 6.41 23.56 24.25
CA LEU B 299 6.68 24.82 24.93
C LEU B 299 7.67 24.61 26.08
N ILE B 300 7.43 23.57 26.89
CA ILE B 300 8.32 23.26 28.01
C ILE B 300 9.74 22.99 27.52
N LYS B 301 9.85 22.27 26.40
CA LYS B 301 11.14 21.94 25.83
C LYS B 301 11.91 23.23 25.53
N LEU B 302 11.26 24.15 24.82
CA LEU B 302 11.89 25.40 24.45
C LEU B 302 12.22 26.31 25.63
N VAL B 303 11.36 26.33 26.65
CA VAL B 303 11.64 27.18 27.80
C VAL B 303 12.92 26.71 28.50
N ARG B 304 13.05 25.41 28.66
CA ARG B 304 14.22 24.84 29.31
C ARG B 304 15.50 25.05 28.48
N GLU B 305 15.33 25.07 27.16
CA GLU B 305 16.49 25.28 26.29
C GLU B 305 16.85 26.77 26.19
N GLY B 306 16.12 27.60 26.95
CA GLY B 306 16.43 29.02 26.99
C GLY B 306 16.02 29.73 25.70
N PHE B 307 15.00 29.19 25.03
CA PHE B 307 14.52 29.74 23.76
C PHE B 307 13.97 31.16 23.86
N PHE B 308 13.10 31.39 24.86
CA PHE B 308 12.42 32.68 25.02
C PHE B 308 13.30 33.73 25.70
N LYS B 309 12.89 35.01 25.53
CA LYS B 309 13.63 36.11 26.15
C LYS B 309 12.80 36.80 27.24
N GLY B 310 11.52 36.39 27.33
CA GLY B 310 10.65 36.96 28.36
C GLY B 310 9.64 37.95 27.77
N GLY B 311 8.41 37.90 28.29
CA GLY B 311 7.39 38.83 27.85
C GLY B 311 6.55 38.40 26.65
N GLU B 312 6.91 37.28 26.03
CA GLU B 312 6.16 36.81 24.87
C GLU B 312 4.80 36.23 25.27
N VAL B 313 3.85 36.28 24.34
CA VAL B 313 2.52 35.74 24.53
C VAL B 313 2.43 34.49 23.68
N VAL B 314 2.09 33.36 24.29
CA VAL B 314 1.99 32.11 23.56
C VAL B 314 0.61 31.46 23.72
N THR B 315 0.11 30.89 22.64
CA THR B 315 -1.19 30.21 22.68
C THR B 315 -0.89 28.75 22.35
N CYS B 316 -1.64 27.84 22.97
CA CYS B 316 -1.45 26.43 22.75
C CYS B 316 -2.79 25.79 22.43
N THR B 317 -2.85 25.00 21.36
CA THR B 317 -4.08 24.33 21.01
C THR B 317 -4.15 22.99 21.74
N LEU B 318 -5.15 22.83 22.61
CA LEU B 318 -5.35 21.56 23.30
C LEU B 318 -6.48 20.95 22.46
N THR B 319 -6.06 20.21 21.44
CA THR B 319 -6.91 19.57 20.44
C THR B 319 -8.07 18.66 20.85
N GLY B 320 -7.90 17.90 21.93
CA GLY B 320 -8.96 16.98 22.33
C GLY B 320 -9.25 16.87 23.82
N ASN B 321 -10.43 16.36 24.13
CA ASN B 321 -10.88 16.20 25.50
C ASN B 321 -10.15 15.02 26.15
N GLY B 322 -9.69 15.19 27.39
CA GLY B 322 -9.02 14.11 28.09
C GLY B 322 -9.93 12.90 28.27
N LEU B 323 -11.25 13.13 28.25
CA LEU B 323 -12.20 12.05 28.41
C LEU B 323 -12.20 11.11 27.18
N LYS B 324 -11.52 11.53 26.11
CA LYS B 324 -11.43 10.72 24.89
C LYS B 324 -10.52 9.50 25.08
N ASP B 325 -9.56 9.62 26.01
CA ASP B 325 -8.59 8.55 26.25
C ASP B 325 -8.55 8.02 27.69
N PRO B 326 -9.56 7.23 28.08
CA PRO B 326 -9.60 6.67 29.43
C PRO B 326 -8.46 5.71 29.75
N ASP B 327 -7.96 5.00 28.74
CA ASP B 327 -6.88 4.04 28.96
C ASP B 327 -5.61 4.73 29.46
N THR B 328 -5.19 5.80 28.78
CA THR B 328 -3.98 6.49 29.22
C THR B 328 -4.18 7.14 30.59
N ALA B 329 -5.41 7.61 30.85
CA ALA B 329 -5.74 8.26 32.11
C ALA B 329 -5.51 7.28 33.27
N ILE B 330 -5.97 6.05 33.06
CA ILE B 330 -5.81 5.00 34.06
C ILE B 330 -4.35 4.60 34.16
N LYS B 331 -3.68 4.51 33.02
CA LYS B 331 -2.28 4.12 33.00
C LYS B 331 -1.32 5.04 33.75
N VAL B 332 -1.55 6.34 33.72
CA VAL B 332 -0.66 7.27 34.42
C VAL B 332 -0.99 7.48 35.90
N CYS B 333 -2.03 6.83 36.38
CA CYS B 333 -2.43 6.98 37.78
C CYS B 333 -1.76 6.01 38.75
N GLU B 334 -1.18 6.56 39.81
CA GLU B 334 -0.55 5.74 40.83
C GLU B 334 -1.67 5.18 41.68
N GLU B 335 -1.48 4.00 42.24
CA GLU B 335 -2.51 3.38 43.08
C GLU B 335 -2.64 4.19 44.36
N PRO B 336 -3.87 4.35 44.86
CA PRO B 336 -4.09 5.11 46.10
C PRO B 336 -3.28 4.55 47.26
N ILE B 337 -2.92 5.42 48.20
CA ILE B 337 -2.16 5.01 49.37
C ILE B 337 -3.10 4.42 50.42
N THR B 338 -2.77 3.22 50.89
CA THR B 338 -3.59 2.57 51.90
C THR B 338 -3.25 3.14 53.27
N VAL B 339 -4.27 3.53 54.02
CA VAL B 339 -4.07 4.10 55.35
C VAL B 339 -5.10 3.58 56.34
N PRO B 340 -4.67 3.28 57.57
CA PRO B 340 -5.59 2.77 58.60
C PRO B 340 -6.62 3.83 58.98
N PRO B 341 -7.79 3.40 59.46
CA PRO B 341 -8.86 4.31 59.86
C PRO B 341 -8.53 5.10 61.14
N ASP B 342 -7.35 5.71 61.15
CA ASP B 342 -6.91 6.50 62.30
C ASP B 342 -6.66 7.96 61.92
N PHE B 343 -7.48 8.85 62.46
CA PHE B 343 -7.39 10.28 62.20
C PHE B 343 -5.96 10.81 62.16
N ASP B 344 -5.23 10.64 63.26
CA ASP B 344 -3.86 11.12 63.33
C ASP B 344 -2.99 10.51 62.24
N GLU B 345 -3.23 9.25 61.90
CA GLU B 345 -2.46 8.59 60.87
C GLU B 345 -2.76 9.29 59.53
N VAL B 346 -4.04 9.42 59.21
CA VAL B 346 -4.47 10.06 57.98
C VAL B 346 -3.84 11.45 57.89
N VAL B 347 -4.01 12.24 58.94
CA VAL B 347 -3.46 13.58 59.00
C VAL B 347 -1.95 13.53 58.80
N LYS B 348 -1.33 12.47 59.33
CA LYS B 348 0.11 12.29 59.22
C LYS B 348 0.50 11.96 57.77
N VAL B 349 -0.37 11.22 57.09
CA VAL B 349 -0.12 10.84 55.70
C VAL B 349 -0.21 12.07 54.81
N LEU B 350 -1.23 12.89 55.03
CA LEU B 350 -1.42 14.10 54.24
C LEU B 350 -0.41 15.16 54.64
N GLY B 351 -0.20 15.33 55.94
CA GLY B 351 0.75 16.31 56.42
C GLY B 351 0.15 17.65 56.79
N PHE B 352 -0.75 17.65 57.78
CA PHE B 352 -1.38 18.88 58.22
C PHE B 352 -0.84 19.33 59.57
N ARG C 3 23.09 -35.83 -19.05
CA ARG C 3 22.76 -34.39 -18.92
C ARG C 3 23.76 -33.51 -19.67
N TRP C 4 23.26 -32.43 -20.26
CA TRP C 4 24.13 -31.50 -20.97
C TRP C 4 24.73 -30.55 -19.93
N GLN C 5 26.05 -30.36 -19.98
CA GLN C 5 26.70 -29.48 -19.03
C GLN C 5 27.61 -28.42 -19.65
N GLY C 6 27.33 -28.04 -20.88
CA GLY C 6 28.16 -27.03 -21.52
C GLY C 6 29.15 -27.60 -22.50
N ILE C 7 29.66 -26.75 -23.39
CA ILE C 7 30.60 -27.21 -24.40
C ILE C 7 32.01 -27.58 -23.92
N ILE C 8 32.50 -26.96 -22.86
CA ILE C 8 33.86 -27.31 -22.40
C ILE C 8 33.90 -28.73 -21.86
N LYS C 9 32.92 -29.08 -21.04
CA LYS C 9 32.85 -30.42 -20.47
C LYS C 9 32.68 -31.49 -21.55
N GLN C 10 31.87 -31.17 -22.55
CA GLN C 10 31.60 -32.11 -23.65
C GLN C 10 32.80 -32.36 -24.57
N TYR C 11 33.54 -31.30 -24.87
CA TYR C 11 34.66 -31.42 -25.79
C TYR C 11 36.00 -31.04 -25.17
N LYS C 12 36.11 -31.26 -23.87
CA LYS C 12 37.32 -30.94 -23.13
C LYS C 12 38.63 -31.37 -23.79
N LYS C 13 38.65 -32.55 -24.40
CA LYS C 13 39.88 -33.03 -25.02
C LYS C 13 40.32 -32.22 -26.25
N TYR C 14 39.40 -31.46 -26.83
CA TYR C 14 39.72 -30.65 -28.00
C TYR C 14 40.03 -29.20 -27.62
N LEU C 15 39.99 -28.90 -26.32
CA LEU C 15 40.20 -27.52 -25.88
C LEU C 15 41.39 -27.34 -24.96
N PRO C 16 41.96 -26.11 -24.93
CA PRO C 16 43.11 -25.79 -24.09
C PRO C 16 42.73 -25.68 -22.61
N VAL C 17 42.35 -26.81 -22.02
CA VAL C 17 41.97 -26.88 -20.62
C VAL C 17 42.46 -28.20 -20.01
N ASP C 18 42.43 -28.28 -18.69
CA ASP C 18 42.80 -29.49 -17.97
C ASP C 18 42.00 -29.59 -16.68
N GLU C 19 42.38 -30.51 -15.81
CA GLU C 19 41.68 -30.72 -14.53
C GLU C 19 41.57 -29.49 -13.65
N ASN C 20 42.55 -28.59 -13.72
CA ASN C 20 42.52 -27.40 -12.88
C ASN C 20 41.72 -26.22 -13.45
N THR C 21 41.45 -26.24 -14.75
CA THR C 21 40.71 -25.15 -15.39
C THR C 21 39.29 -24.98 -14.84
N PRO C 22 39.00 -23.82 -14.25
CA PRO C 22 37.68 -23.55 -13.70
C PRO C 22 36.69 -23.43 -14.87
N ILE C 23 35.56 -24.12 -14.79
CA ILE C 23 34.59 -24.06 -15.89
C ILE C 23 33.43 -23.13 -15.60
N VAL C 24 33.37 -22.03 -16.36
CA VAL C 24 32.30 -21.06 -16.21
C VAL C 24 31.36 -21.32 -17.38
N THR C 25 30.26 -22.02 -17.11
CA THR C 25 29.34 -22.38 -18.20
C THR C 25 27.90 -21.99 -17.90
N LEU C 26 27.19 -21.63 -18.99
CA LEU C 26 25.76 -21.36 -18.89
C LEU C 26 24.96 -22.42 -19.65
N TYR C 27 25.59 -23.62 -19.76
CA TYR C 27 24.98 -24.70 -20.52
C TYR C 27 24.77 -24.34 -22.00
N GLU C 28 25.68 -23.54 -22.55
CA GLU C 28 25.62 -23.15 -23.95
C GLU C 28 25.90 -24.38 -24.80
N GLY C 29 25.56 -24.30 -26.07
CA GLY C 29 25.80 -25.43 -26.95
C GLY C 29 24.65 -26.41 -26.98
N ASN C 30 24.87 -27.53 -27.65
CA ASN C 30 23.88 -28.59 -27.79
C ASN C 30 22.57 -28.02 -28.30
N THR C 31 22.66 -27.00 -29.15
CA THR C 31 21.48 -26.35 -29.72
C THR C 31 20.89 -27.26 -30.80
N PRO C 32 19.57 -27.17 -31.01
CA PRO C 32 18.87 -27.99 -32.00
C PRO C 32 19.44 -27.93 -33.42
N LEU C 33 19.47 -29.09 -34.07
CA LEU C 33 19.89 -29.23 -35.46
C LEU C 33 18.55 -29.64 -36.09
N ILE C 34 17.78 -28.65 -36.51
CA ILE C 34 16.44 -28.87 -37.06
C ILE C 34 16.35 -29.23 -38.54
N GLU C 35 15.82 -30.42 -38.84
CA GLU C 35 15.66 -30.82 -40.25
C GLU C 35 14.49 -30.01 -40.78
N ALA C 36 14.76 -29.16 -41.76
CA ALA C 36 13.74 -28.29 -42.30
C ALA C 36 13.15 -28.76 -43.63
N ASP C 37 12.24 -29.72 -43.56
CA ASP C 37 11.60 -30.26 -44.75
C ASP C 37 10.63 -29.26 -45.39
N ASN C 38 9.90 -28.50 -44.57
CA ASN C 38 8.97 -27.52 -45.13
C ASN C 38 9.78 -26.46 -45.90
N LEU C 39 10.88 -26.01 -45.32
CA LEU C 39 11.72 -25.01 -45.95
C LEU C 39 12.30 -25.54 -47.27
N ALA C 40 12.78 -26.77 -47.24
CA ALA C 40 13.33 -27.39 -48.43
C ALA C 40 12.29 -27.42 -49.53
N ARG C 41 11.07 -27.83 -49.17
CA ARG C 41 9.99 -27.89 -50.14
C ARG C 41 9.66 -26.50 -50.66
N ALA C 42 9.66 -25.52 -49.76
CA ALA C 42 9.33 -24.14 -50.13
C ALA C 42 10.32 -23.51 -51.12
N ILE C 43 11.59 -23.88 -51.05
CA ILE C 43 12.58 -23.29 -51.95
C ILE C 43 12.93 -24.21 -53.11
N GLY C 44 12.40 -25.43 -53.08
CA GLY C 44 12.66 -26.39 -54.14
C GLY C 44 13.98 -27.12 -54.03
N PHE C 45 14.52 -27.22 -52.81
CA PHE C 45 15.78 -27.92 -52.60
C PHE C 45 15.54 -29.42 -52.54
N LYS C 46 16.15 -30.15 -53.46
CA LYS C 46 15.99 -31.60 -53.52
C LYS C 46 17.06 -32.31 -52.71
N GLY C 47 17.05 -32.10 -51.40
CA GLY C 47 18.01 -32.72 -50.53
C GLY C 47 17.59 -32.52 -49.10
N LYS C 48 18.52 -32.62 -48.17
CA LYS C 48 18.19 -32.44 -46.77
C LYS C 48 18.77 -31.14 -46.25
N ILE C 49 17.94 -30.37 -45.54
CA ILE C 49 18.39 -29.11 -44.96
C ILE C 49 18.27 -29.22 -43.43
N TYR C 50 19.35 -28.88 -42.74
CA TYR C 50 19.39 -28.91 -41.28
C TYR C 50 19.74 -27.51 -40.78
N LEU C 51 18.96 -27.00 -39.85
CA LEU C 51 19.20 -25.67 -39.29
C LEU C 51 19.77 -25.76 -37.87
N LYS C 52 20.99 -25.25 -37.68
CA LYS C 52 21.64 -25.24 -36.37
C LYS C 52 21.17 -23.93 -35.72
N TYR C 53 20.16 -24.04 -34.86
CA TYR C 53 19.53 -22.90 -34.19
C TYR C 53 20.30 -22.36 -32.98
N GLU C 54 21.34 -21.58 -33.26
CA GLU C 54 22.20 -21.00 -32.23
C GLU C 54 21.53 -19.89 -31.44
N GLY C 55 20.35 -19.47 -31.88
CA GLY C 55 19.65 -18.42 -31.17
C GLY C 55 19.27 -18.88 -29.78
N LEU C 56 19.25 -20.20 -29.57
CA LEU C 56 18.88 -20.72 -28.27
C LEU C 56 20.01 -20.80 -27.25
N ASN C 57 21.16 -20.21 -27.57
CA ASN C 57 22.26 -20.17 -26.61
C ASN C 57 21.82 -19.17 -25.54
N PRO C 58 22.39 -19.28 -24.32
CA PRO C 58 22.10 -18.43 -23.16
C PRO C 58 21.89 -16.93 -23.33
N THR C 59 22.68 -16.27 -24.19
CA THR C 59 22.51 -14.82 -24.41
C THR C 59 21.96 -14.53 -25.79
N GLY C 60 21.56 -15.58 -26.51
CA GLY C 60 20.99 -15.43 -27.84
C GLY C 60 21.92 -15.42 -29.03
N SER C 61 23.20 -15.71 -28.83
CA SER C 61 24.15 -15.72 -29.93
C SER C 61 25.15 -16.86 -29.79
N PHE C 62 25.69 -17.34 -30.90
CA PHE C 62 26.67 -18.42 -30.87
C PHE C 62 27.92 -17.94 -30.13
N LYS C 63 28.08 -16.62 -30.00
CA LYS C 63 29.25 -16.04 -29.34
C LYS C 63 29.48 -16.68 -27.97
N ASP C 64 28.42 -17.20 -27.38
CA ASP C 64 28.48 -17.84 -26.07
C ASP C 64 29.52 -18.96 -26.05
N ARG C 65 29.64 -19.68 -27.17
CA ARG C 65 30.59 -20.77 -27.26
C ARG C 65 32.02 -20.28 -27.01
N GLY C 66 32.35 -19.13 -27.58
CA GLY C 66 33.68 -18.60 -27.40
C GLY C 66 33.88 -17.98 -26.04
N MET C 67 32.87 -17.29 -25.52
CA MET C 67 33.00 -16.65 -24.23
C MET C 67 33.11 -17.63 -23.07
N THR C 68 32.45 -18.78 -23.14
CA THR C 68 32.57 -19.71 -22.02
C THR C 68 34.05 -20.04 -21.84
N LEU C 69 34.74 -20.33 -22.94
CA LEU C 69 36.17 -20.65 -22.85
C LEU C 69 37.01 -19.44 -22.45
N ALA C 70 36.77 -18.31 -23.12
CA ALA C 70 37.51 -17.08 -22.85
C ALA C 70 37.43 -16.67 -21.38
N ILE C 71 36.23 -16.69 -20.81
CA ILE C 71 36.06 -16.31 -19.43
C ILE C 71 36.62 -17.36 -18.47
N SER C 72 36.46 -18.64 -18.83
CA SER C 72 36.98 -19.70 -17.98
C SER C 72 38.50 -19.59 -17.91
N LYS C 73 39.13 -19.32 -19.05
CA LYS C 73 40.59 -19.19 -19.10
C LYS C 73 41.00 -17.94 -18.33
N ALA C 74 40.19 -16.88 -18.44
CA ALA C 74 40.48 -15.65 -17.74
C ALA C 74 40.49 -15.89 -16.22
N VAL C 75 39.55 -16.69 -15.73
CA VAL C 75 39.50 -16.99 -14.30
C VAL C 75 40.73 -17.81 -13.93
N GLU C 76 41.08 -18.75 -14.80
CA GLU C 76 42.23 -19.61 -14.57
C GLU C 76 43.53 -18.79 -14.45
N ALA C 77 43.61 -17.70 -15.21
CA ALA C 77 44.77 -16.83 -15.20
C ALA C 77 44.71 -15.81 -14.06
N GLY C 78 43.63 -15.87 -13.29
CA GLY C 78 43.46 -14.94 -12.18
C GLY C 78 43.03 -13.53 -12.55
N LYS C 79 42.38 -13.38 -13.70
CA LYS C 79 41.92 -12.05 -14.12
C LYS C 79 40.78 -11.63 -13.21
N ARG C 80 40.72 -10.33 -12.92
CA ARG C 80 39.68 -9.81 -12.05
C ARG C 80 38.47 -9.28 -12.80
N ALA C 81 38.62 -9.10 -14.10
CA ALA C 81 37.54 -8.58 -14.93
C ALA C 81 37.81 -8.78 -16.42
N VAL C 82 36.79 -8.56 -17.23
CA VAL C 82 36.89 -8.67 -18.67
C VAL C 82 36.61 -7.29 -19.24
N ILE C 83 37.11 -7.01 -20.43
CA ILE C 83 36.89 -5.70 -21.05
C ILE C 83 36.86 -5.84 -22.56
N CYS C 84 36.07 -4.98 -23.19
CA CYS C 84 35.94 -4.96 -24.64
C CYS C 84 35.32 -3.65 -25.09
N ALA C 85 35.34 -3.41 -26.38
CA ALA C 85 34.78 -2.20 -26.95
C ALA C 85 33.80 -2.59 -28.05
N SER C 86 32.73 -3.29 -27.65
CA SER C 86 31.71 -3.75 -28.59
C SER C 86 30.33 -3.28 -28.16
N THR C 87 29.46 -3.05 -29.15
CA THR C 87 28.11 -2.59 -28.88
C THR C 87 27.10 -3.65 -29.33
N GLY C 88 27.58 -4.87 -29.57
CA GLY C 88 26.69 -5.92 -30.03
C GLY C 88 26.62 -7.18 -29.18
N ASN C 89 26.44 -8.31 -29.85
CA ASN C 89 26.33 -9.59 -29.18
C ASN C 89 27.58 -9.98 -28.39
N THR C 90 28.74 -9.54 -28.86
CA THR C 90 29.99 -9.87 -28.18
C THR C 90 29.96 -9.36 -26.74
N SER C 91 29.59 -8.09 -26.59
CA SER C 91 29.54 -7.46 -25.28
C SER C 91 28.52 -8.12 -24.36
N ALA C 92 27.35 -8.45 -24.88
CA ALA C 92 26.33 -9.10 -24.06
C ALA C 92 26.81 -10.47 -23.59
N SER C 93 27.37 -11.24 -24.50
CA SER C 93 27.88 -12.58 -24.17
C SER C 93 28.98 -12.49 -23.09
N ALA C 94 29.98 -11.65 -23.34
CA ALA C 94 31.08 -11.50 -22.39
C ALA C 94 30.58 -11.09 -21.01
N ALA C 95 29.63 -10.16 -20.94
CA ALA C 95 29.11 -9.71 -19.66
C ALA C 95 28.40 -10.84 -18.92
N ALA C 96 27.61 -11.62 -19.66
CA ALA C 96 26.88 -12.74 -19.08
C ALA C 96 27.83 -13.71 -18.39
N TYR C 97 28.88 -14.11 -19.11
CA TYR C 97 29.84 -15.04 -18.54
C TYR C 97 30.66 -14.43 -17.40
N ALA C 98 30.92 -13.13 -17.46
CA ALA C 98 31.66 -12.47 -16.40
C ALA C 98 30.80 -12.48 -15.12
N ALA C 99 29.49 -12.26 -15.27
CA ALA C 99 28.59 -12.28 -14.11
C ALA C 99 28.59 -13.68 -13.51
N ARG C 100 28.49 -14.69 -14.37
CA ARG C 100 28.48 -16.08 -13.96
C ARG C 100 29.79 -16.45 -13.22
N ALA C 101 30.90 -15.90 -13.69
CA ALA C 101 32.20 -16.17 -13.08
C ALA C 101 32.45 -15.32 -11.83
N GLY C 102 31.60 -14.32 -11.61
CA GLY C 102 31.78 -13.45 -10.45
C GLY C 102 32.85 -12.43 -10.75
N LEU C 103 32.97 -12.05 -12.03
CA LEU C 103 33.94 -11.07 -12.46
C LEU C 103 33.24 -9.81 -12.97
N ARG C 104 33.93 -8.68 -12.88
CA ARG C 104 33.38 -7.43 -13.37
C ARG C 104 33.57 -7.41 -14.87
N ALA C 105 32.74 -6.63 -15.56
CA ALA C 105 32.81 -6.53 -17.02
C ALA C 105 32.77 -5.07 -17.39
N TYR C 106 33.70 -4.66 -18.26
CA TYR C 106 33.77 -3.27 -18.66
C TYR C 106 33.64 -3.07 -20.16
N VAL C 107 32.86 -2.07 -20.56
CA VAL C 107 32.68 -1.76 -21.97
C VAL C 107 33.03 -0.28 -22.19
N LEU C 108 34.09 -0.04 -22.95
CA LEU C 108 34.52 1.33 -23.25
C LEU C 108 34.21 1.62 -24.71
N LEU C 109 33.35 2.61 -24.93
CA LEU C 109 32.94 2.98 -26.29
C LEU C 109 32.90 4.48 -26.48
N PRO C 110 33.09 4.95 -27.73
CA PRO C 110 33.04 6.38 -27.99
C PRO C 110 31.60 6.83 -27.76
N LYS C 111 31.42 7.95 -27.09
CA LYS C 111 30.07 8.46 -26.80
C LYS C 111 29.16 8.42 -28.02
N GLY C 112 29.76 8.40 -29.21
CA GLY C 112 28.98 8.36 -30.43
C GLY C 112 28.42 6.99 -30.74
N ALA C 113 29.15 5.94 -30.35
CA ALA C 113 28.72 4.57 -30.59
C ALA C 113 27.72 4.08 -29.55
N VAL C 114 27.43 4.91 -28.56
CA VAL C 114 26.49 4.53 -27.51
C VAL C 114 25.04 4.63 -28.00
N ALA C 115 24.23 3.67 -27.58
CA ALA C 115 22.82 3.60 -27.93
C ALA C 115 22.22 2.50 -27.06
N ILE C 116 21.61 2.90 -25.95
CA ILE C 116 21.01 1.99 -24.97
C ILE C 116 20.41 0.69 -25.49
N GLY C 117 19.61 0.77 -26.55
CA GLY C 117 19.00 -0.42 -27.10
C GLY C 117 19.97 -1.56 -27.37
N LYS C 118 21.10 -1.23 -27.99
CA LYS C 118 22.14 -2.19 -28.33
C LYS C 118 23.02 -2.58 -27.16
N LEU C 119 22.87 -1.89 -26.04
CA LEU C 119 23.70 -2.18 -24.87
C LEU C 119 22.91 -2.64 -23.65
N SER C 120 21.59 -2.62 -23.74
CA SER C 120 20.75 -2.99 -22.59
C SER C 120 21.02 -4.37 -22.01
N GLN C 121 21.23 -5.36 -22.87
CA GLN C 121 21.48 -6.72 -22.39
C GLN C 121 22.80 -6.81 -21.62
N ALA C 122 23.87 -6.28 -22.21
CA ALA C 122 25.16 -6.29 -21.54
C ALA C 122 25.03 -5.55 -20.21
N MET C 123 24.28 -4.46 -20.22
CA MET C 123 24.12 -3.67 -19.01
C MET C 123 23.34 -4.41 -17.91
N ILE C 124 22.25 -5.08 -18.26
CA ILE C 124 21.49 -5.81 -17.26
C ILE C 124 22.35 -6.93 -16.66
N TYR C 125 23.29 -7.46 -17.43
CA TYR C 125 24.21 -8.49 -16.92
C TYR C 125 25.20 -7.88 -15.92
N GLY C 126 25.27 -6.54 -15.89
CA GLY C 126 26.19 -5.90 -14.96
C GLY C 126 27.39 -5.19 -15.58
N ALA C 127 27.46 -5.14 -16.90
CA ALA C 127 28.59 -4.48 -17.54
C ALA C 127 28.56 -2.99 -17.25
N LYS C 128 29.71 -2.43 -16.88
CA LYS C 128 29.81 -1.01 -16.60
C LYS C 128 30.22 -0.35 -17.91
N VAL C 129 29.34 0.48 -18.45
CA VAL C 129 29.60 1.14 -19.72
C VAL C 129 30.02 2.59 -19.58
N LEU C 130 31.17 2.92 -20.16
CA LEU C 130 31.69 4.27 -20.11
C LEU C 130 31.68 4.89 -21.51
N ALA C 131 31.12 6.10 -21.61
CA ALA C 131 31.07 6.80 -22.88
C ALA C 131 32.27 7.73 -22.95
N ILE C 132 33.31 7.28 -23.63
CA ILE C 132 34.53 8.06 -23.78
C ILE C 132 34.33 9.15 -24.82
N GLN C 133 34.49 10.41 -24.41
CA GLN C 133 34.33 11.53 -25.32
C GLN C 133 35.57 11.65 -26.19
N GLY C 134 35.64 10.79 -27.20
CA GLY C 134 36.77 10.79 -28.11
C GLY C 134 36.51 9.89 -29.30
N THR C 135 37.57 9.54 -30.00
CA THR C 135 37.48 8.69 -31.19
C THR C 135 37.38 7.22 -30.82
N PHE C 136 37.13 6.39 -31.82
CA PHE C 136 37.05 4.95 -31.63
C PHE C 136 38.42 4.47 -31.19
N ASP C 137 39.46 5.11 -31.71
CA ASP C 137 40.83 4.77 -31.38
C ASP C 137 41.17 5.15 -29.94
N ASP C 138 40.63 6.27 -29.48
CA ASP C 138 40.88 6.72 -28.12
C ASP C 138 40.47 5.62 -27.14
N ALA C 139 39.25 5.13 -27.31
CA ALA C 139 38.72 4.09 -26.45
C ALA C 139 39.54 2.80 -26.56
N LEU C 140 39.74 2.34 -27.78
CA LEU C 140 40.51 1.12 -28.01
C LEU C 140 41.91 1.19 -27.41
N ASN C 141 42.54 2.36 -27.50
CA ASN C 141 43.88 2.52 -26.94
C ASN C 141 43.81 2.43 -25.42
N ILE C 142 42.81 3.07 -24.84
CA ILE C 142 42.63 3.05 -23.39
C ILE C 142 42.42 1.61 -22.94
N VAL C 143 41.62 0.86 -23.69
CA VAL C 143 41.35 -0.53 -23.38
C VAL C 143 42.67 -1.31 -23.37
N ARG C 144 43.57 -0.94 -24.27
CA ARG C 144 44.88 -1.59 -24.36
C ARG C 144 45.71 -1.26 -23.11
N LYS C 145 45.77 0.02 -22.77
CA LYS C 145 46.52 0.50 -21.61
C LYS C 145 46.08 -0.23 -20.34
N ILE C 146 44.76 -0.40 -20.21
CA ILE C 146 44.20 -1.09 -19.05
C ILE C 146 44.68 -2.54 -19.00
N GLY C 147 44.66 -3.21 -20.15
CA GLY C 147 45.09 -4.59 -20.21
C GLY C 147 46.57 -4.78 -19.95
N GLU C 148 47.37 -3.79 -20.32
CA GLU C 148 48.82 -3.87 -20.13
C GLU C 148 49.23 -3.50 -18.71
N ASN C 149 48.35 -2.81 -17.99
CA ASN C 149 48.64 -2.39 -16.63
C ASN C 149 47.86 -3.09 -15.52
N PHE C 150 46.77 -3.76 -15.86
CA PHE C 150 45.94 -4.43 -14.84
C PHE C 150 45.52 -5.84 -15.23
N PRO C 151 45.17 -6.66 -14.23
CA PRO C 151 44.74 -8.04 -14.47
C PRO C 151 43.31 -8.07 -15.01
N VAL C 152 43.11 -7.38 -16.13
CA VAL C 152 41.81 -7.28 -16.80
C VAL C 152 41.96 -7.97 -18.15
N GLU C 153 41.04 -8.87 -18.45
CA GLU C 153 41.10 -9.63 -19.70
C GLU C 153 40.41 -9.01 -20.90
N ILE C 154 41.19 -8.77 -21.95
CA ILE C 154 40.70 -8.22 -23.21
C ILE C 154 39.94 -9.34 -23.92
N VAL C 155 38.66 -9.14 -24.19
CA VAL C 155 37.89 -10.18 -24.83
C VAL C 155 37.43 -9.85 -26.25
N ASN C 156 38.21 -9.03 -26.93
CA ASN C 156 37.92 -8.66 -28.31
C ASN C 156 38.39 -9.79 -29.23
N SER C 157 38.32 -9.55 -30.53
CA SER C 157 38.71 -10.54 -31.55
C SER C 157 40.10 -11.12 -31.35
N VAL C 158 40.95 -10.37 -30.66
CA VAL C 158 42.32 -10.81 -30.42
C VAL C 158 42.41 -12.05 -29.54
N ASN C 159 41.41 -12.24 -28.70
CA ASN C 159 41.38 -13.40 -27.80
C ASN C 159 41.21 -14.67 -28.63
N PRO C 160 42.23 -15.56 -28.63
CA PRO C 160 42.18 -16.81 -29.39
C PRO C 160 41.19 -17.86 -28.92
N TYR C 161 40.75 -17.77 -27.67
CA TYR C 161 39.82 -18.75 -27.14
C TYR C 161 38.41 -18.67 -27.72
N ARG C 162 38.06 -17.52 -28.27
CA ARG C 162 36.73 -17.36 -28.84
C ARG C 162 36.53 -18.27 -30.03
N ILE C 163 37.52 -18.33 -30.92
CA ILE C 163 37.44 -19.19 -32.09
C ILE C 163 37.47 -20.65 -31.65
N GLU C 164 38.33 -20.95 -30.68
CA GLU C 164 38.46 -22.31 -30.16
C GLU C 164 37.14 -22.85 -29.59
N GLY C 165 36.44 -22.03 -28.83
CA GLY C 165 35.18 -22.48 -28.27
C GLY C 165 34.14 -22.64 -29.37
N GLN C 166 34.15 -21.72 -30.33
CA GLN C 166 33.19 -21.74 -31.43
C GLN C 166 33.28 -22.97 -32.34
N LYS C 167 34.46 -23.57 -32.43
CA LYS C 167 34.65 -24.75 -33.26
C LYS C 167 33.73 -25.90 -32.83
N THR C 168 33.31 -25.87 -31.57
CA THR C 168 32.44 -26.92 -31.03
C THR C 168 31.11 -27.03 -31.76
N ALA C 169 30.70 -25.98 -32.45
CA ALA C 169 29.44 -26.04 -33.20
C ALA C 169 29.57 -27.07 -34.33
N ALA C 170 30.77 -27.18 -34.90
CA ALA C 170 30.98 -28.15 -35.97
C ALA C 170 30.96 -29.56 -35.41
N PHE C 171 31.58 -29.76 -34.25
CA PHE C 171 31.60 -31.07 -33.61
C PHE C 171 30.19 -31.57 -33.40
N GLU C 172 29.34 -30.67 -32.91
CA GLU C 172 27.95 -31.00 -32.65
C GLU C 172 27.19 -31.45 -33.89
N ILE C 173 27.37 -30.73 -35.00
CA ILE C 173 26.70 -31.10 -36.24
C ILE C 173 27.13 -32.52 -36.64
N CYS C 174 28.43 -32.80 -36.58
CA CYS C 174 28.94 -34.12 -36.94
C CYS C 174 28.48 -35.22 -35.97
N ASP C 175 28.43 -34.91 -34.67
CA ASP C 175 27.98 -35.90 -33.69
C ASP C 175 26.53 -36.25 -33.96
N THR C 176 25.73 -35.25 -34.27
CA THR C 176 24.30 -35.44 -34.52
C THR C 176 24.02 -36.21 -35.81
N LEU C 177 24.66 -35.78 -36.92
CA LEU C 177 24.42 -36.44 -38.22
C LEU C 177 25.11 -37.81 -38.37
N GLY C 178 26.19 -38.02 -37.60
CA GLY C 178 26.98 -39.26 -37.74
C GLY C 178 28.02 -39.20 -38.88
N GLU C 179 28.02 -38.02 -39.53
CA GLU C 179 28.89 -37.72 -40.65
C GLU C 179 28.76 -36.21 -40.93
N ALA C 180 29.72 -35.70 -41.73
CA ALA C 180 29.67 -34.28 -42.05
C ALA C 180 28.76 -34.00 -43.22
N PRO C 181 28.23 -32.77 -43.29
CA PRO C 181 27.33 -32.40 -44.39
C PRO C 181 28.17 -32.17 -45.64
N ASP C 182 27.51 -32.13 -46.78
CA ASP C 182 28.20 -31.90 -48.04
C ASP C 182 28.59 -30.43 -48.12
N TYR C 183 27.72 -29.58 -47.59
CA TYR C 183 27.96 -28.13 -47.59
C TYR C 183 27.51 -27.53 -46.27
N HIS C 184 28.22 -26.50 -45.81
CA HIS C 184 27.81 -25.83 -44.60
C HIS C 184 27.68 -24.35 -44.93
N PHE C 185 26.49 -23.82 -44.73
CA PHE C 185 26.21 -22.41 -45.00
C PHE C 185 26.27 -21.61 -43.71
N ILE C 186 26.93 -20.47 -43.76
CA ILE C 186 27.13 -19.68 -42.57
C ILE C 186 27.27 -18.20 -42.90
N PRO C 187 26.79 -17.32 -42.01
CA PRO C 187 26.92 -15.89 -42.29
C PRO C 187 28.37 -15.51 -41.99
N VAL C 188 28.89 -14.50 -42.67
CA VAL C 188 30.26 -14.10 -42.43
C VAL C 188 30.35 -12.60 -42.12
N GLY C 189 30.79 -12.30 -40.90
CA GLY C 189 31.04 -10.91 -40.55
C GLY C 189 32.53 -10.63 -40.42
N ASN C 190 33.05 -10.85 -39.19
CA ASN C 190 34.49 -10.81 -38.98
C ASN C 190 35.17 -12.12 -39.42
N ALA C 191 34.33 -13.13 -39.74
CA ALA C 191 34.83 -14.37 -40.33
C ALA C 191 35.40 -15.36 -39.30
N GLY C 192 35.23 -15.02 -38.01
CA GLY C 192 35.74 -15.91 -36.97
C GLY C 192 34.99 -17.24 -36.93
N ASN C 193 33.68 -17.17 -37.11
CA ASN C 193 32.84 -18.36 -37.02
C ASN C 193 33.13 -19.35 -38.15
N ILE C 194 33.19 -18.87 -39.38
CA ILE C 194 33.47 -19.77 -40.50
C ILE C 194 34.85 -20.41 -40.32
N THR C 195 35.77 -19.66 -39.72
CA THR C 195 37.13 -20.15 -39.45
C THR C 195 37.04 -21.27 -38.41
N ALA C 196 36.30 -20.99 -37.36
CA ALA C 196 36.11 -21.95 -36.27
C ALA C 196 35.46 -23.23 -36.77
N TYR C 197 34.42 -23.11 -37.60
CA TYR C 197 33.76 -24.30 -38.13
C TYR C 197 34.72 -25.15 -38.97
N TRP C 198 35.49 -24.50 -39.83
CA TRP C 198 36.44 -25.22 -40.68
C TRP C 198 37.44 -26.02 -39.84
N LYS C 199 37.93 -25.39 -38.77
CA LYS C 199 38.89 -26.04 -37.89
C LYS C 199 38.25 -27.26 -37.24
N GLY C 200 37.00 -27.09 -36.79
CA GLY C 200 36.29 -28.18 -36.14
C GLY C 200 36.11 -29.36 -37.06
N PHE C 201 35.70 -29.09 -38.30
CA PHE C 201 35.49 -30.16 -39.27
C PHE C 201 36.80 -30.86 -39.57
N LYS C 202 37.85 -30.08 -39.82
CA LYS C 202 39.17 -30.66 -40.11
C LYS C 202 39.63 -31.59 -39.00
N ILE C 203 39.52 -31.15 -37.76
CA ILE C 203 39.93 -31.99 -36.63
C ILE C 203 39.21 -33.34 -36.63
N TYR C 204 37.89 -33.31 -36.76
CA TYR C 204 37.08 -34.53 -36.77
C TYR C 204 37.49 -35.43 -37.95
N TYR C 205 37.83 -34.81 -39.08
CA TYR C 205 38.24 -35.56 -40.26
C TYR C 205 39.61 -36.19 -40.00
N GLU C 206 40.54 -35.37 -39.54
CA GLU C 206 41.89 -35.81 -39.25
C GLU C 206 41.90 -36.97 -38.25
N GLU C 207 40.87 -37.08 -37.42
CA GLU C 207 40.79 -38.16 -36.45
C GLU C 207 39.93 -39.33 -36.94
N GLY C 208 39.44 -39.22 -38.17
CA GLY C 208 38.62 -40.27 -38.72
C GLY C 208 37.20 -40.36 -38.16
N LYS C 209 36.71 -39.26 -37.59
CA LYS C 209 35.36 -39.25 -37.04
C LYS C 209 34.34 -39.00 -38.14
N ILE C 210 34.81 -38.43 -39.25
CA ILE C 210 33.97 -38.18 -40.41
C ILE C 210 34.76 -38.63 -41.64
N THR C 211 34.07 -38.98 -42.72
CA THR C 211 34.74 -39.46 -43.92
C THR C 211 34.91 -38.41 -45.01
N LYS C 212 34.34 -37.23 -44.79
CA LYS C 212 34.47 -36.17 -45.78
C LYS C 212 34.44 -34.81 -45.11
N LEU C 213 34.85 -33.79 -45.84
CA LEU C 213 34.86 -32.44 -45.32
C LEU C 213 33.81 -31.65 -46.08
N PRO C 214 32.99 -30.87 -45.36
CA PRO C 214 31.97 -30.08 -46.04
C PRO C 214 32.61 -28.89 -46.76
N ARG C 215 31.96 -28.44 -47.83
CA ARG C 215 32.45 -27.30 -48.57
C ARG C 215 31.86 -26.11 -47.81
N MET C 216 32.74 -25.24 -47.32
CA MET C 216 32.30 -24.09 -46.54
C MET C 216 31.76 -22.97 -47.42
N MET C 217 30.46 -22.73 -47.31
CA MET C 217 29.80 -21.70 -48.12
C MET C 217 29.46 -20.50 -47.24
N GLY C 218 30.32 -19.48 -47.29
CA GLY C 218 30.09 -18.28 -46.48
C GLY C 218 29.27 -17.26 -47.22
N TRP C 219 28.51 -16.44 -46.48
CA TRP C 219 27.68 -15.42 -47.10
C TRP C 219 27.73 -14.07 -46.40
N GLN C 220 27.93 -13.03 -47.21
CA GLN C 220 27.99 -11.66 -46.72
C GLN C 220 26.87 -10.85 -47.36
N ALA C 221 26.47 -9.76 -46.70
CA ALA C 221 25.44 -8.90 -47.26
C ALA C 221 26.16 -8.05 -48.32
N GLU C 222 25.51 -7.86 -49.48
CA GLU C 222 26.08 -7.08 -50.58
C GLU C 222 26.75 -5.78 -50.17
N GLY C 223 26.04 -5.00 -49.34
CA GLY C 223 26.56 -3.73 -48.88
C GLY C 223 27.71 -3.81 -47.90
N ALA C 224 28.21 -5.01 -47.64
CA ALA C 224 29.31 -5.20 -46.72
C ALA C 224 29.99 -6.52 -47.02
N ALA C 225 30.52 -6.66 -48.23
CA ALA C 225 31.17 -7.89 -48.65
C ALA C 225 32.64 -7.70 -49.03
N PRO C 226 33.47 -7.23 -48.09
CA PRO C 226 34.89 -7.03 -48.39
C PRO C 226 35.61 -8.31 -48.81
N ILE C 227 35.18 -9.44 -48.25
CA ILE C 227 35.81 -10.72 -48.57
C ILE C 227 35.43 -11.17 -49.97
N VAL C 228 34.21 -10.84 -50.39
CA VAL C 228 33.76 -11.23 -51.71
C VAL C 228 34.48 -10.36 -52.75
N LYS C 229 34.59 -9.06 -52.45
CA LYS C 229 35.22 -8.12 -53.36
C LYS C 229 36.76 -8.16 -53.34
N GLY C 230 37.32 -8.54 -52.19
CA GLY C 230 38.77 -8.62 -52.09
C GLY C 230 39.45 -7.39 -51.52
N TYR C 231 38.66 -6.42 -51.05
CA TYR C 231 39.20 -5.21 -50.48
C TYR C 231 38.24 -4.59 -49.47
N PRO C 232 38.77 -3.88 -48.47
CA PRO C 232 37.98 -3.23 -47.42
C PRO C 232 36.85 -2.34 -47.88
N ILE C 233 35.81 -2.26 -47.07
CA ILE C 233 34.65 -1.42 -47.33
C ILE C 233 34.66 -0.38 -46.21
N LYS C 234 34.88 0.88 -46.58
CA LYS C 234 34.96 1.96 -45.62
C LYS C 234 33.71 2.11 -44.77
N ASN C 235 32.55 2.18 -45.42
CA ASN C 235 31.30 2.32 -44.72
C ASN C 235 30.36 1.18 -45.10
N PRO C 236 30.56 0.00 -44.48
CA PRO C 236 29.71 -1.16 -44.79
C PRO C 236 28.24 -0.84 -44.53
N GLN C 237 27.36 -1.37 -45.38
CA GLN C 237 25.93 -1.13 -45.23
C GLN C 237 25.13 -2.42 -45.32
N THR C 238 24.12 -2.54 -44.47
CA THR C 238 23.21 -3.69 -44.44
C THR C 238 22.35 -3.68 -43.19
N ILE C 239 21.14 -4.19 -43.32
CA ILE C 239 20.23 -4.23 -42.19
C ILE C 239 20.65 -5.34 -41.23
N ALA C 240 21.43 -6.30 -41.73
CA ALA C 240 21.91 -7.41 -40.89
C ALA C 240 23.16 -6.95 -40.15
N THR C 241 22.93 -6.15 -39.11
CA THR C 241 23.98 -5.56 -38.29
C THR C 241 25.13 -6.46 -37.85
N ALA C 242 24.81 -7.71 -37.51
CA ALA C 242 25.85 -8.65 -37.04
C ALA C 242 26.94 -8.94 -38.08
N ILE C 243 26.64 -8.75 -39.36
CA ILE C 243 27.64 -8.97 -40.39
C ILE C 243 28.00 -7.68 -41.13
N LYS C 244 27.67 -6.55 -40.55
CA LYS C 244 27.98 -5.25 -41.16
C LYS C 244 29.44 -4.92 -40.81
N ILE C 245 30.36 -5.66 -41.44
CA ILE C 245 31.78 -5.50 -41.17
C ILE C 245 32.56 -5.15 -42.44
N GLY C 246 33.35 -4.08 -42.39
CA GLY C 246 34.11 -3.65 -43.56
C GLY C 246 35.53 -4.18 -43.69
N ASN C 247 36.12 -4.63 -42.58
CA ASN C 247 37.49 -5.14 -42.61
C ASN C 247 37.58 -6.29 -41.60
N PRO C 248 36.97 -7.43 -41.95
CA PRO C 248 36.95 -8.63 -41.09
C PRO C 248 38.30 -8.99 -40.48
N TYR C 249 38.28 -9.20 -39.17
CA TYR C 249 39.46 -9.55 -38.40
C TYR C 249 40.05 -10.91 -38.78
N SER C 250 39.20 -11.85 -39.17
CA SER C 250 39.64 -13.18 -39.55
C SER C 250 39.59 -13.41 -41.07
N TRP C 251 39.83 -12.35 -41.82
CA TRP C 251 39.83 -12.36 -43.28
C TRP C 251 40.70 -13.49 -43.87
N LYS C 252 41.97 -13.48 -43.49
CA LYS C 252 42.94 -14.47 -43.97
C LYS C 252 42.46 -15.91 -43.82
N SER C 253 42.15 -16.29 -42.58
CA SER C 253 41.70 -17.64 -42.29
C SER C 253 40.39 -18.01 -42.98
N ALA C 254 39.52 -17.03 -43.20
CA ALA C 254 38.24 -17.28 -43.87
C ALA C 254 38.46 -17.69 -45.32
N LEU C 255 39.34 -16.97 -46.01
CA LEU C 255 39.65 -17.28 -47.41
C LEU C 255 40.28 -18.67 -47.50
N LYS C 256 41.09 -18.99 -46.50
CA LYS C 256 41.76 -20.29 -46.45
C LYS C 256 40.74 -21.41 -46.21
N ALA C 257 39.70 -21.09 -45.45
CA ALA C 257 38.66 -22.06 -45.16
C ALA C 257 37.88 -22.37 -46.45
N ALA C 258 37.52 -21.33 -47.17
CA ALA C 258 36.79 -21.50 -48.43
C ALA C 258 37.65 -22.26 -49.44
N GLN C 259 38.91 -21.86 -49.56
CA GLN C 259 39.83 -22.49 -50.50
C GLN C 259 40.09 -23.97 -50.19
N GLU C 260 40.52 -24.27 -48.98
CA GLU C 260 40.82 -25.64 -48.59
C GLU C 260 39.60 -26.58 -48.63
N SER C 261 38.44 -26.04 -48.31
CA SER C 261 37.22 -26.83 -48.25
C SER C 261 36.58 -27.01 -49.64
N GLY C 262 37.10 -26.24 -50.62
CA GLY C 262 36.47 -26.26 -51.94
C GLY C 262 35.14 -25.51 -51.91
N GLY C 263 35.03 -24.60 -50.93
CA GLY C 263 33.82 -23.80 -50.82
C GLY C 263 34.03 -22.39 -51.40
N LYS C 264 33.30 -21.42 -50.85
CA LYS C 264 33.36 -20.06 -51.38
C LYS C 264 32.61 -19.09 -50.47
N ILE C 265 33.03 -17.83 -50.50
CA ILE C 265 32.39 -16.79 -49.71
C ILE C 265 31.78 -15.85 -50.74
N ASP C 266 30.45 -15.76 -50.75
CA ASP C 266 29.72 -14.95 -51.71
C ASP C 266 28.82 -13.94 -51.01
N ALA C 267 28.05 -13.20 -51.81
CA ALA C 267 27.16 -12.19 -51.24
C ALA C 267 25.72 -12.36 -51.68
N VAL C 268 24.83 -11.82 -50.87
CA VAL C 268 23.39 -11.83 -51.13
C VAL C 268 22.90 -10.44 -50.76
N SER C 269 21.80 -10.02 -51.38
CA SER C 269 21.24 -8.70 -51.10
C SER C 269 20.46 -8.68 -49.80
N ASP C 270 20.20 -7.47 -49.29
CA ASP C 270 19.44 -7.33 -48.06
C ASP C 270 18.03 -7.89 -48.30
N SER C 271 17.56 -7.77 -49.54
CA SER C 271 16.24 -8.25 -49.93
CA SER C 271 16.24 -8.26 -49.91
C SER C 271 16.18 -9.78 -49.83
N GLU C 272 17.21 -10.44 -50.33
CA GLU C 272 17.27 -11.89 -50.30
C GLU C 272 17.42 -12.35 -48.86
N ILE C 273 18.16 -11.58 -48.06
CA ILE C 273 18.36 -11.91 -46.65
C ILE C 273 17.01 -11.83 -45.90
N LEU C 274 16.27 -10.75 -46.10
CA LEU C 274 14.97 -10.60 -45.44
C LEU C 274 13.96 -11.65 -45.89
N TYR C 275 13.99 -12.04 -47.16
CA TYR C 275 13.07 -13.05 -47.64
C TYR C 275 13.34 -14.35 -46.87
N ALA C 276 14.62 -14.71 -46.75
CA ALA C 276 15.01 -15.92 -46.03
C ALA C 276 14.64 -15.82 -44.56
N TYR C 277 14.91 -14.66 -43.98
CA TYR C 277 14.61 -14.38 -42.58
C TYR C 277 13.16 -14.73 -42.28
N LYS C 278 12.25 -14.25 -43.12
CA LYS C 278 10.82 -14.51 -42.94
C LYS C 278 10.42 -15.93 -43.31
N LEU C 279 11.00 -16.46 -44.39
CA LEU C 279 10.69 -17.81 -44.85
C LEU C 279 11.05 -18.87 -43.82
N ILE C 280 12.21 -18.71 -43.16
CA ILE C 280 12.63 -19.66 -42.14
C ILE C 280 11.57 -19.74 -41.05
N ALA C 281 11.06 -18.59 -40.65
CA ALA C 281 10.05 -18.55 -39.60
C ALA C 281 8.69 -19.06 -40.03
N SER C 282 8.26 -18.75 -41.25
CA SER C 282 6.95 -19.16 -41.71
C SER C 282 6.87 -20.60 -42.19
N THR C 283 8.01 -21.23 -42.44
CA THR C 283 8.01 -22.62 -42.91
C THR C 283 8.38 -23.60 -41.80
N GLU C 284 9.19 -23.17 -40.84
CA GLU C 284 9.64 -24.04 -39.76
C GLU C 284 9.33 -23.58 -38.34
N GLY C 285 8.94 -22.32 -38.17
CA GLY C 285 8.65 -21.85 -36.83
C GLY C 285 9.94 -21.61 -36.07
N VAL C 286 10.98 -21.24 -36.80
CA VAL C 286 12.29 -20.96 -36.22
C VAL C 286 12.56 -19.47 -36.47
N PHE C 287 12.73 -18.74 -35.38
CA PHE C 287 12.94 -17.29 -35.42
C PHE C 287 14.38 -16.89 -35.18
N CYS C 288 15.07 -16.49 -36.24
CA CYS C 288 16.46 -16.08 -36.14
C CYS C 288 16.59 -14.62 -36.53
N GLU C 289 17.72 -14.00 -36.25
CA GLU C 289 17.90 -12.60 -36.62
C GLU C 289 18.39 -12.51 -38.06
N PRO C 290 18.26 -11.32 -38.68
CA PRO C 290 18.67 -11.06 -40.06
C PRO C 290 20.00 -11.67 -40.52
N ALA C 291 21.08 -11.37 -39.79
CA ALA C 291 22.38 -11.91 -40.16
C ALA C 291 22.33 -13.43 -40.32
N SER C 292 21.71 -14.10 -39.37
CA SER C 292 21.57 -15.54 -39.38
C SER C 292 20.98 -16.05 -40.70
N ALA C 293 19.98 -15.32 -41.18
CA ALA C 293 19.28 -15.68 -42.42
C ALA C 293 20.14 -15.61 -43.68
N ALA C 294 21.28 -14.95 -43.61
CA ALA C 294 22.15 -14.85 -44.76
C ALA C 294 22.55 -16.24 -45.26
N SER C 295 22.72 -17.18 -44.33
CA SER C 295 23.12 -18.53 -44.70
C SER C 295 22.06 -19.20 -45.60
N VAL C 296 20.80 -19.07 -45.21
CA VAL C 296 19.70 -19.65 -45.98
C VAL C 296 19.51 -18.93 -47.31
N ALA C 297 19.68 -17.61 -47.31
CA ALA C 297 19.53 -16.83 -48.54
C ALA C 297 20.61 -17.28 -49.52
N GLY C 298 21.77 -17.64 -48.97
CA GLY C 298 22.87 -18.10 -49.79
C GLY C 298 22.46 -19.41 -50.45
N LEU C 299 21.85 -20.29 -49.66
CA LEU C 299 21.38 -21.58 -50.15
C LEU C 299 20.33 -21.37 -51.24
N ILE C 300 19.38 -20.49 -50.98
CA ILE C 300 18.31 -20.19 -51.92
C ILE C 300 18.90 -19.69 -53.25
N LYS C 301 19.87 -18.80 -53.17
CA LYS C 301 20.51 -18.25 -54.37
C LYS C 301 21.13 -19.36 -55.21
N LEU C 302 21.88 -20.25 -54.56
CA LEU C 302 22.52 -21.33 -55.28
C LEU C 302 21.50 -22.31 -55.87
N VAL C 303 20.40 -22.54 -55.15
CA VAL C 303 19.37 -23.44 -55.65
C VAL C 303 18.81 -22.90 -56.95
N ARG C 304 18.44 -21.62 -56.96
CA ARG C 304 17.87 -20.98 -58.12
C ARG C 304 18.83 -20.94 -59.30
N GLU C 305 20.15 -20.96 -58.99
CA GLU C 305 21.14 -20.91 -60.06
C GLU C 305 21.44 -22.29 -60.64
N GLY C 306 20.79 -23.32 -60.04
CA GLY C 306 20.97 -24.68 -60.54
C GLY C 306 22.31 -25.27 -60.09
N PHE C 307 22.79 -24.83 -58.94
CA PHE C 307 24.06 -25.28 -58.40
C PHE C 307 24.12 -26.75 -57.96
N PHE C 308 23.06 -27.21 -57.30
CA PHE C 308 23.01 -28.58 -56.77
C PHE C 308 22.53 -29.60 -57.81
N LYS C 309 22.91 -30.86 -57.57
CA LYS C 309 22.50 -31.95 -58.46
C LYS C 309 21.38 -32.79 -57.84
N GLY C 310 21.21 -32.63 -56.51
CA GLY C 310 20.15 -33.36 -55.83
C GLY C 310 20.71 -34.39 -54.84
N GLY C 311 20.06 -34.52 -53.69
CA GLY C 311 20.47 -35.47 -52.70
C GLY C 311 21.52 -34.98 -51.71
N GLU C 312 22.01 -33.76 -51.90
CA GLU C 312 23.02 -33.22 -51.00
C GLU C 312 22.46 -32.99 -49.60
N VAL C 313 23.35 -33.00 -48.62
CA VAL C 313 22.98 -32.76 -47.23
C VAL C 313 23.59 -31.42 -46.88
N VAL C 314 22.75 -30.46 -46.51
CA VAL C 314 23.23 -29.13 -46.18
C VAL C 314 22.87 -28.69 -44.77
N THR C 315 23.82 -28.05 -44.10
CA THR C 315 23.57 -27.51 -42.76
C THR C 315 23.75 -26.00 -42.85
N CYS C 316 22.92 -25.27 -42.12
CA CYS C 316 22.99 -23.81 -42.11
C CYS C 316 23.10 -23.33 -40.67
N THR C 317 23.98 -22.37 -40.41
CA THR C 317 24.09 -21.85 -39.06
C THR C 317 23.20 -20.63 -38.90
N LEU C 318 22.23 -20.72 -38.00
CA LEU C 318 21.36 -19.58 -37.71
C LEU C 318 22.00 -19.03 -36.43
N THR C 319 22.94 -18.12 -36.64
CA THR C 319 23.76 -17.49 -35.62
C THR C 319 23.14 -16.80 -34.42
N GLY C 320 21.94 -16.22 -34.57
CA GLY C 320 21.33 -15.51 -33.46
C GLY C 320 19.80 -15.60 -33.37
N ASN C 321 19.30 -15.38 -32.16
CA ASN C 321 17.87 -15.42 -31.86
C ASN C 321 17.17 -14.22 -32.52
N GLY C 322 16.01 -14.46 -33.14
CA GLY C 322 15.27 -13.38 -33.75
C GLY C 322 14.83 -12.35 -32.72
N LEU C 323 14.75 -12.77 -31.46
CA LEU C 323 14.35 -11.87 -30.39
C LEU C 323 15.43 -10.81 -30.12
N LYS C 324 16.62 -10.98 -30.71
CA LYS C 324 17.69 -9.99 -30.55
C LYS C 324 17.40 -8.70 -31.33
N ASP C 325 16.60 -8.81 -32.39
CA ASP C 325 16.31 -7.67 -33.26
C ASP C 325 14.83 -7.30 -33.42
N PRO C 326 14.21 -6.71 -32.39
CA PRO C 326 12.79 -6.34 -32.48
C PRO C 326 12.49 -5.29 -33.55
N ASP C 327 13.46 -4.43 -33.85
CA ASP C 327 13.24 -3.40 -34.86
C ASP C 327 13.01 -3.98 -36.25
N THR C 328 13.85 -4.92 -36.67
CA THR C 328 13.65 -5.49 -37.98
C THR C 328 12.35 -6.30 -38.02
N ALA C 329 12.06 -7.01 -36.94
CA ALA C 329 10.84 -7.82 -36.85
C ALA C 329 9.63 -6.94 -37.13
N ILE C 330 9.56 -5.80 -36.44
CA ILE C 330 8.48 -4.85 -36.61
C ILE C 330 8.47 -4.28 -38.04
N LYS C 331 9.65 -3.96 -38.55
CA LYS C 331 9.79 -3.41 -39.89
C LYS C 331 9.23 -4.30 -41.00
N VAL C 332 9.41 -5.61 -40.89
CA VAL C 332 8.92 -6.51 -41.93
C VAL C 332 7.45 -6.89 -41.77
N CYS C 333 6.84 -6.46 -40.67
CA CYS C 333 5.44 -6.77 -40.39
C CYS C 333 4.47 -5.75 -40.97
N GLU C 334 3.28 -6.25 -41.32
CA GLU C 334 2.24 -5.40 -41.87
C GLU C 334 1.10 -5.42 -40.86
N GLU C 335 0.64 -4.26 -40.42
CA GLU C 335 -0.42 -4.19 -39.42
C GLU C 335 -1.60 -5.07 -39.79
N PRO C 336 -2.34 -5.56 -38.79
CA PRO C 336 -3.50 -6.43 -38.98
C PRO C 336 -4.53 -5.92 -40.00
N ILE C 337 -5.27 -6.85 -40.58
CA ILE C 337 -6.31 -6.50 -41.56
C ILE C 337 -7.57 -6.11 -40.80
N THR C 338 -8.03 -4.89 -41.02
CA THR C 338 -9.23 -4.41 -40.34
C THR C 338 -10.47 -5.11 -40.90
N VAL C 339 -11.34 -5.58 -40.00
CA VAL C 339 -12.56 -6.27 -40.41
C VAL C 339 -13.68 -6.05 -39.40
N PRO C 340 -14.92 -5.96 -39.89
CA PRO C 340 -16.10 -5.76 -39.04
C PRO C 340 -16.31 -6.90 -38.05
N PRO C 341 -16.95 -6.61 -36.91
CA PRO C 341 -17.22 -7.62 -35.88
C PRO C 341 -18.39 -8.50 -36.30
N ASP C 342 -18.20 -9.23 -37.39
CA ASP C 342 -19.23 -10.11 -37.93
C ASP C 342 -18.66 -11.42 -38.45
N PHE C 343 -19.14 -12.52 -37.87
CA PHE C 343 -18.71 -13.86 -38.24
C PHE C 343 -18.53 -14.06 -39.75
N ASP C 344 -19.61 -13.86 -40.50
CA ASP C 344 -19.55 -14.04 -41.96
C ASP C 344 -18.46 -13.21 -42.61
N GLU C 345 -18.31 -11.95 -42.20
CA GLU C 345 -17.29 -11.07 -42.75
C GLU C 345 -15.90 -11.69 -42.54
N VAL C 346 -15.59 -12.01 -41.29
CA VAL C 346 -14.31 -12.61 -40.93
C VAL C 346 -14.01 -13.85 -41.76
N VAL C 347 -14.97 -14.75 -41.85
CA VAL C 347 -14.80 -15.98 -42.61
C VAL C 347 -14.47 -15.69 -44.07
N LYS C 348 -14.94 -14.55 -44.57
CA LYS C 348 -14.67 -14.16 -45.95
C LYS C 348 -13.23 -13.69 -46.11
N VAL C 349 -12.73 -12.93 -45.14
CA VAL C 349 -11.36 -12.43 -45.17
C VAL C 349 -10.40 -13.61 -45.21
N LEU C 350 -10.69 -14.64 -44.42
CA LEU C 350 -9.86 -15.83 -44.35
C LEU C 350 -10.28 -16.76 -45.49
N GLY C 351 -9.78 -17.99 -45.48
CA GLY C 351 -10.17 -18.95 -46.51
C GLY C 351 -11.54 -19.50 -46.18
N PHE C 352 -11.56 -20.64 -45.50
CA PHE C 352 -12.80 -21.28 -45.06
C PHE C 352 -13.87 -21.38 -46.15
N ARG D 3 20.89 -37.65 -27.87
CA ARG D 3 20.28 -36.47 -28.57
C ARG D 3 18.90 -36.14 -28.05
N TRP D 4 18.64 -34.85 -27.87
CA TRP D 4 17.33 -34.39 -27.40
C TRP D 4 16.41 -34.28 -28.60
N GLN D 5 15.17 -34.74 -28.46
CA GLN D 5 14.23 -34.68 -29.59
C GLN D 5 12.86 -34.11 -29.24
N GLY D 6 12.80 -33.25 -28.22
CA GLY D 6 11.52 -32.67 -27.85
C GLY D 6 10.86 -33.35 -26.66
N ILE D 7 9.92 -32.66 -26.03
CA ILE D 7 9.25 -33.22 -24.85
C ILE D 7 8.30 -34.40 -25.10
N ILE D 8 7.60 -34.42 -26.23
CA ILE D 8 6.69 -35.53 -26.51
C ILE D 8 7.44 -36.86 -26.61
N LYS D 9 8.52 -36.87 -27.37
CA LYS D 9 9.31 -38.09 -27.52
C LYS D 9 9.94 -38.53 -26.20
N GLN D 10 10.32 -37.56 -25.38
CA GLN D 10 10.95 -37.86 -24.10
C GLN D 10 9.99 -38.38 -23.04
N TYR D 11 8.80 -37.80 -22.96
CA TYR D 11 7.83 -38.18 -21.94
C TYR D 11 6.54 -38.74 -22.53
N LYS D 12 6.70 -39.46 -23.64
CA LYS D 12 5.58 -40.05 -24.36
C LYS D 12 4.59 -40.84 -23.51
N LYS D 13 5.09 -41.65 -22.58
CA LYS D 13 4.18 -42.45 -21.76
C LYS D 13 3.31 -41.63 -20.82
N TYR D 14 3.69 -40.38 -20.60
CA TYR D 14 2.95 -39.49 -19.71
C TYR D 14 1.96 -38.59 -20.46
N LEU D 15 1.94 -38.71 -21.78
CA LEU D 15 1.07 -37.86 -22.59
C LEU D 15 0.01 -38.57 -23.40
N PRO D 16 -1.08 -37.87 -23.71
CA PRO D 16 -2.19 -38.44 -24.50
C PRO D 16 -1.84 -38.58 -25.98
N VAL D 17 -0.88 -39.46 -26.26
CA VAL D 17 -0.44 -39.73 -27.62
C VAL D 17 -0.13 -41.22 -27.75
N ASP D 18 -0.16 -41.74 -28.97
CA ASP D 18 0.20 -43.13 -29.20
C ASP D 18 1.23 -43.14 -30.32
N GLU D 19 1.62 -44.34 -30.76
CA GLU D 19 2.63 -44.45 -31.80
C GLU D 19 2.21 -43.86 -33.14
N ASN D 20 0.92 -43.60 -33.31
CA ASN D 20 0.41 -43.05 -34.56
C ASN D 20 0.29 -41.52 -34.55
N THR D 21 0.44 -40.91 -33.38
CA THR D 21 0.33 -39.46 -33.27
C THR D 21 1.50 -38.77 -33.97
N PRO D 22 1.22 -37.82 -34.88
CA PRO D 22 2.31 -37.13 -35.57
C PRO D 22 2.95 -36.14 -34.60
N ILE D 23 4.29 -36.18 -34.49
CA ILE D 23 4.98 -35.30 -33.56
C ILE D 23 5.53 -34.05 -34.21
N VAL D 24 4.98 -32.90 -33.86
CA VAL D 24 5.44 -31.62 -34.38
C VAL D 24 6.25 -31.00 -33.24
N THR D 25 7.57 -31.09 -33.34
CA THR D 25 8.43 -30.57 -32.29
C THR D 25 9.49 -29.61 -32.83
N LEU D 26 9.86 -28.65 -31.94
CA LEU D 26 10.96 -27.75 -32.26
C LEU D 26 12.11 -27.95 -31.27
N TYR D 27 12.20 -29.19 -30.75
CA TYR D 27 13.22 -29.52 -29.76
C TYR D 27 13.07 -28.68 -28.47
N GLU D 28 11.84 -28.32 -28.13
CA GLU D 28 11.56 -27.55 -26.92
C GLU D 28 11.88 -28.42 -25.71
N GLY D 29 11.95 -27.78 -24.55
CA GLY D 29 12.24 -28.51 -23.33
C GLY D 29 13.73 -28.72 -23.14
N ASN D 30 14.07 -29.53 -22.14
CA ASN D 30 15.46 -29.85 -21.79
C ASN D 30 16.27 -28.58 -21.56
N THR D 31 15.60 -27.52 -21.14
CA THR D 31 16.23 -26.24 -20.87
C THR D 31 17.10 -26.38 -19.62
N PRO D 32 18.14 -25.56 -19.50
CA PRO D 32 19.06 -25.60 -18.35
C PRO D 32 18.43 -25.42 -16.98
N LEU D 33 18.92 -26.22 -16.03
CA LEU D 33 18.51 -26.10 -14.64
C LEU D 33 19.83 -25.59 -14.05
N ILE D 34 19.94 -24.28 -13.95
CA ILE D 34 21.16 -23.65 -13.48
C ILE D 34 21.27 -23.43 -11.97
N GLU D 35 22.31 -24.01 -11.37
CA GLU D 35 22.53 -23.85 -9.94
C GLU D 35 23.05 -22.44 -9.74
N ALA D 36 22.24 -21.61 -9.07
CA ALA D 36 22.58 -20.22 -8.85
C ALA D 36 23.24 -19.93 -7.50
N ASP D 37 24.50 -20.32 -7.35
CA ASP D 37 25.24 -20.09 -6.12
C ASP D 37 25.51 -18.60 -5.87
N ASN D 38 25.83 -17.86 -6.94
CA ASN D 38 26.10 -16.42 -6.81
C ASN D 38 24.83 -15.72 -6.31
N LEU D 39 23.70 -16.06 -6.90
CA LEU D 39 22.42 -15.47 -6.53
C LEU D 39 22.09 -15.77 -5.07
N ALA D 40 22.29 -17.02 -4.67
CA ALA D 40 22.02 -17.45 -3.30
C ALA D 40 22.84 -16.63 -2.32
N ARG D 41 24.13 -16.51 -2.59
CA ARG D 41 25.00 -15.75 -1.71
C ARG D 41 24.62 -14.28 -1.74
N ALA D 42 24.17 -13.80 -2.90
CA ALA D 42 23.78 -12.40 -3.05
C ALA D 42 22.56 -12.03 -2.19
N ILE D 43 21.61 -12.95 -2.05
CA ILE D 43 20.42 -12.67 -1.27
C ILE D 43 20.48 -13.28 0.12
N GLY D 44 21.52 -14.08 0.38
CA GLY D 44 21.68 -14.69 1.69
C GLY D 44 20.89 -15.97 1.90
N PHE D 45 20.61 -16.69 0.83
CA PHE D 45 19.87 -17.95 0.93
C PHE D 45 20.82 -19.09 1.28
N LYS D 46 20.65 -19.65 2.47
CA LYS D 46 21.50 -20.74 2.93
C LYS D 46 20.96 -22.07 2.45
N GLY D 47 21.01 -22.26 1.14
CA GLY D 47 20.53 -23.49 0.55
C GLY D 47 20.86 -23.44 -0.93
N LYS D 48 20.29 -24.35 -1.70
CA LYS D 48 20.55 -24.36 -3.12
C LYS D 48 19.38 -23.80 -3.91
N ILE D 49 19.71 -22.99 -4.90
CA ILE D 49 18.72 -22.39 -5.78
C ILE D 49 19.02 -22.88 -7.19
N TYR D 50 17.99 -23.32 -7.90
CA TYR D 50 18.15 -23.79 -9.26
C TYR D 50 17.18 -22.99 -10.11
N LEU D 51 17.67 -22.47 -11.22
CA LEU D 51 16.84 -21.68 -12.11
C LEU D 51 16.51 -22.46 -13.39
N LYS D 52 15.23 -22.76 -13.61
CA LYS D 52 14.83 -23.47 -14.82
C LYS D 52 14.68 -22.38 -15.88
N TYR D 53 15.69 -22.25 -16.72
CA TYR D 53 15.73 -21.21 -17.75
C TYR D 53 14.91 -21.54 -19.01
N GLU D 54 13.60 -21.34 -18.91
CA GLU D 54 12.64 -21.62 -19.99
C GLU D 54 12.71 -20.62 -21.15
N GLY D 55 13.51 -19.58 -20.96
CA GLY D 55 13.65 -18.58 -22.01
C GLY D 55 14.32 -19.16 -23.22
N LEU D 56 15.03 -20.27 -23.02
CA LEU D 56 15.73 -20.89 -24.13
C LEU D 56 14.88 -21.83 -24.99
N ASN D 57 13.58 -21.85 -24.75
CA ASN D 57 12.67 -22.66 -25.57
C ASN D 57 12.62 -21.97 -26.94
N PRO D 58 12.26 -22.72 -28.00
CA PRO D 58 12.15 -22.27 -29.39
C PRO D 58 11.62 -20.85 -29.65
N THR D 59 10.51 -20.47 -29.01
CA THR D 59 9.94 -19.13 -29.20
C THR D 59 10.22 -18.20 -28.03
N GLY D 60 10.98 -18.67 -27.04
CA GLY D 60 11.31 -17.84 -25.90
C GLY D 60 10.40 -17.90 -24.68
N SER D 61 9.52 -18.89 -24.64
CA SER D 61 8.60 -19.05 -23.52
C SER D 61 8.29 -20.52 -23.26
N PHE D 62 7.95 -20.83 -22.02
CA PHE D 62 7.61 -22.19 -21.64
C PHE D 62 6.36 -22.66 -22.39
N LYS D 63 5.57 -21.70 -22.89
CA LYS D 63 4.35 -22.01 -23.62
C LYS D 63 4.59 -23.07 -24.71
N ASP D 64 5.83 -23.11 -25.23
CA ASP D 64 6.16 -24.07 -26.28
C ASP D 64 5.86 -25.51 -25.88
N ARG D 65 6.02 -25.82 -24.59
CA ARG D 65 5.76 -27.17 -24.09
C ARG D 65 4.33 -27.60 -24.34
N GLY D 66 3.41 -26.63 -24.23
CA GLY D 66 2.02 -26.92 -24.43
C GLY D 66 1.62 -26.90 -25.90
N MET D 67 2.23 -26.01 -26.67
CA MET D 67 1.90 -25.90 -28.08
C MET D 67 2.39 -27.09 -28.90
N THR D 68 3.52 -27.69 -28.50
CA THR D 68 3.99 -28.85 -29.26
C THR D 68 2.91 -29.93 -29.22
N LEU D 69 2.33 -30.15 -28.04
CA LEU D 69 1.29 -31.16 -27.90
C LEU D 69 -0.02 -30.73 -28.54
N ALA D 70 -0.42 -29.49 -28.27
CA ALA D 70 -1.66 -28.96 -28.82
C ALA D 70 -1.69 -29.00 -30.34
N ILE D 71 -0.57 -28.64 -30.98
CA ILE D 71 -0.53 -28.65 -32.43
C ILE D 71 -0.42 -30.07 -32.97
N SER D 72 0.35 -30.91 -32.29
CA SER D 72 0.49 -32.29 -32.72
C SER D 72 -0.88 -32.97 -32.66
N LYS D 73 -1.64 -32.70 -31.61
CA LYS D 73 -2.96 -33.30 -31.46
C LYS D 73 -3.91 -32.73 -32.50
N ALA D 74 -3.69 -31.47 -32.87
CA ALA D 74 -4.52 -30.82 -33.88
C ALA D 74 -4.31 -31.49 -35.23
N VAL D 75 -3.06 -31.83 -35.55
CA VAL D 75 -2.76 -32.50 -36.80
C VAL D 75 -3.38 -33.88 -36.81
N GLU D 76 -3.23 -34.58 -35.69
CA GLU D 76 -3.77 -35.92 -35.55
C GLU D 76 -5.28 -35.91 -35.78
N ALA D 77 -5.93 -34.81 -35.41
CA ALA D 77 -7.36 -34.68 -35.56
C ALA D 77 -7.76 -34.17 -36.95
N GLY D 78 -6.76 -33.87 -37.78
CA GLY D 78 -7.02 -33.40 -39.11
C GLY D 78 -7.37 -31.93 -39.23
N LYS D 79 -7.06 -31.14 -38.20
CA LYS D 79 -7.35 -29.72 -38.25
C LYS D 79 -6.46 -29.07 -39.31
N ARG D 80 -7.00 -28.06 -39.98
CA ARG D 80 -6.26 -27.38 -41.04
C ARG D 80 -5.57 -26.11 -40.55
N ALA D 81 -5.94 -25.66 -39.35
CA ALA D 81 -5.35 -24.45 -38.80
C ALA D 81 -5.57 -24.34 -37.31
N VAL D 82 -4.96 -23.33 -36.71
CA VAL D 82 -5.12 -23.07 -35.29
C VAL D 82 -5.59 -21.64 -35.19
N ILE D 83 -6.23 -21.29 -34.07
CA ILE D 83 -6.73 -19.94 -33.90
C ILE D 83 -6.78 -19.56 -32.42
N CYS D 84 -6.55 -18.29 -32.15
CA CYS D 84 -6.60 -17.80 -30.78
C CYS D 84 -6.88 -16.29 -30.79
N ALA D 85 -7.02 -15.73 -29.60
CA ALA D 85 -7.29 -14.30 -29.46
C ALA D 85 -6.31 -13.74 -28.45
N SER D 86 -5.03 -14.04 -28.64
CA SER D 86 -3.98 -13.58 -27.74
C SER D 86 -3.02 -12.59 -28.41
N THR D 87 -2.53 -11.63 -27.59
CA THR D 87 -1.55 -10.68 -28.07
C THR D 87 -0.16 -10.90 -27.46
N GLY D 88 0.02 -12.10 -26.86
CA GLY D 88 1.27 -12.34 -26.14
C GLY D 88 2.00 -13.59 -26.63
N ASN D 89 2.73 -14.20 -25.70
CA ASN D 89 3.54 -15.38 -25.98
C ASN D 89 2.75 -16.57 -26.47
N THR D 90 1.47 -16.64 -26.08
CA THR D 90 0.61 -17.73 -26.52
C THR D 90 0.49 -17.72 -28.03
N SER D 91 0.17 -16.56 -28.58
CA SER D 91 0.02 -16.43 -30.03
C SER D 91 1.32 -16.74 -30.78
N ALA D 92 2.45 -16.26 -30.26
CA ALA D 92 3.74 -16.51 -30.92
C ALA D 92 4.06 -18.00 -30.94
N SER D 93 3.89 -18.65 -29.79
CA SER D 93 4.17 -20.08 -29.69
C SER D 93 3.26 -20.88 -30.61
N ALA D 94 1.96 -20.60 -30.54
CA ALA D 94 1.02 -21.31 -31.39
C ALA D 94 1.36 -21.14 -32.87
N ALA D 95 1.79 -19.94 -33.25
CA ALA D 95 2.13 -19.70 -34.65
C ALA D 95 3.36 -20.50 -35.10
N ALA D 96 4.38 -20.54 -34.25
CA ALA D 96 5.60 -21.27 -34.57
C ALA D 96 5.30 -22.75 -34.82
N TYR D 97 4.54 -23.36 -33.92
CA TYR D 97 4.21 -24.76 -34.09
C TYR D 97 3.27 -25.00 -35.27
N ALA D 98 2.41 -24.04 -35.57
CA ALA D 98 1.51 -24.20 -36.72
C ALA D 98 2.38 -24.20 -37.98
N ALA D 99 3.32 -23.26 -38.06
CA ALA D 99 4.22 -23.16 -39.21
C ALA D 99 4.98 -24.47 -39.39
N ARG D 100 5.50 -24.98 -38.29
CA ARG D 100 6.28 -26.23 -38.27
C ARG D 100 5.42 -27.41 -38.73
N ALA D 101 4.12 -27.35 -38.44
CA ALA D 101 3.21 -28.43 -38.81
C ALA D 101 2.61 -28.24 -40.20
N GLY D 102 2.90 -27.11 -40.84
CA GLY D 102 2.36 -26.85 -42.16
C GLY D 102 0.89 -26.42 -42.10
N LEU D 103 0.50 -25.84 -40.97
CA LEU D 103 -0.87 -25.39 -40.77
C LEU D 103 -0.94 -23.86 -40.79
N ARG D 104 -2.14 -23.32 -40.97
CA ARG D 104 -2.31 -21.87 -40.95
C ARG D 104 -2.56 -21.49 -39.50
N ALA D 105 -2.29 -20.23 -39.17
CA ALA D 105 -2.49 -19.74 -37.81
C ALA D 105 -3.27 -18.44 -37.90
N TYR D 106 -4.39 -18.37 -37.20
CA TYR D 106 -5.23 -17.19 -37.24
C TYR D 106 -5.28 -16.53 -35.88
N VAL D 107 -5.22 -15.19 -35.87
CA VAL D 107 -5.28 -14.43 -34.64
C VAL D 107 -6.32 -13.31 -34.79
N LEU D 108 -7.38 -13.40 -34.01
CA LEU D 108 -8.45 -12.39 -34.06
C LEU D 108 -8.38 -11.55 -32.80
N LEU D 109 -8.16 -10.25 -32.98
CA LEU D 109 -8.04 -9.33 -31.85
C LEU D 109 -8.80 -8.04 -32.11
N PRO D 110 -9.28 -7.39 -31.03
CA PRO D 110 -9.95 -6.11 -31.21
C PRO D 110 -8.96 -5.05 -31.69
N LYS D 111 -9.34 -4.33 -32.77
CA LYS D 111 -8.45 -3.30 -33.27
C LYS D 111 -8.07 -2.31 -32.16
N GLY D 112 -8.90 -2.31 -31.10
CA GLY D 112 -8.65 -1.42 -29.98
C GLY D 112 -7.63 -2.00 -29.01
N ALA D 115 0.53 -2.55 -29.19
CA ALA D 115 1.66 -2.22 -30.03
C ALA D 115 1.98 -3.38 -30.98
N ILE D 116 2.39 -3.04 -32.19
CA ILE D 116 2.70 -4.05 -33.19
C ILE D 116 3.91 -4.90 -32.76
N GLY D 117 4.73 -4.36 -31.87
CA GLY D 117 5.89 -5.10 -31.40
C GLY D 117 5.49 -6.36 -30.65
N LYS D 118 4.25 -6.37 -30.17
CA LYS D 118 3.74 -7.51 -29.41
C LYS D 118 3.18 -8.60 -30.32
N LEU D 119 3.07 -8.32 -31.61
CA LEU D 119 2.54 -9.29 -32.56
C LEU D 119 3.55 -9.64 -33.64
N SER D 120 4.66 -8.90 -33.70
CA SER D 120 5.65 -9.14 -34.74
C SER D 120 6.19 -10.56 -34.85
N GLN D 121 6.37 -11.22 -33.71
CA GLN D 121 6.91 -12.59 -33.73
C GLN D 121 5.87 -13.57 -34.27
N ALA D 122 4.63 -13.45 -33.82
CA ALA D 122 3.58 -14.33 -34.32
C ALA D 122 3.41 -14.08 -35.81
N MET D 123 3.51 -12.83 -36.22
CA MET D 123 3.35 -12.52 -37.64
C MET D 123 4.48 -13.06 -38.50
N ILE D 124 5.71 -13.02 -38.01
CA ILE D 124 6.78 -13.57 -38.84
C ILE D 124 6.69 -15.10 -38.95
N TYR D 125 6.15 -15.74 -37.90
CA TYR D 125 5.86 -17.16 -37.98
C TYR D 125 4.82 -17.46 -39.06
N GLY D 126 4.07 -16.40 -39.45
CA GLY D 126 3.10 -16.56 -40.54
C GLY D 126 1.64 -16.38 -40.06
N ALA D 127 1.43 -16.06 -38.79
CA ALA D 127 0.07 -15.89 -38.28
C ALA D 127 -0.66 -14.77 -39.01
N LYS D 128 -1.93 -15.02 -39.32
CA LYS D 128 -2.75 -14.01 -39.99
C LYS D 128 -3.56 -13.30 -38.90
N VAL D 129 -3.21 -12.05 -38.64
CA VAL D 129 -3.87 -11.27 -37.60
C VAL D 129 -4.94 -10.33 -38.15
N LEU D 130 -6.15 -10.42 -37.61
CA LEU D 130 -7.25 -9.57 -38.04
C LEU D 130 -7.62 -8.57 -36.96
N ALA D 131 -7.83 -7.32 -37.38
CA ALA D 131 -8.20 -6.26 -36.44
C ALA D 131 -9.72 -6.10 -36.45
N ILE D 132 -10.36 -6.76 -35.49
CA ILE D 132 -11.81 -6.71 -35.37
C ILE D 132 -12.25 -5.32 -34.89
N GLN D 133 -13.18 -4.71 -35.62
CA GLN D 133 -13.68 -3.41 -35.25
C GLN D 133 -14.75 -3.63 -34.18
N GLY D 134 -14.33 -4.27 -33.10
CA GLY D 134 -15.22 -4.57 -31.99
C GLY D 134 -14.46 -4.78 -30.71
N THR D 135 -15.09 -5.46 -29.75
CA THR D 135 -14.47 -5.72 -28.45
C THR D 135 -13.88 -7.12 -28.32
N PHE D 136 -13.41 -7.45 -27.13
CA PHE D 136 -12.82 -8.75 -26.85
C PHE D 136 -13.84 -9.87 -26.99
N ASP D 137 -15.04 -9.66 -26.48
CA ASP D 137 -16.07 -10.68 -26.55
C ASP D 137 -16.51 -10.90 -27.99
N ASP D 138 -16.53 -9.84 -28.79
CA ASP D 138 -16.92 -9.98 -30.19
C ASP D 138 -15.93 -10.94 -30.83
N ALA D 139 -14.64 -10.66 -30.65
CA ALA D 139 -13.58 -11.48 -31.21
C ALA D 139 -13.62 -12.91 -30.69
N LEU D 140 -13.86 -13.08 -29.39
CA LEU D 140 -13.92 -14.40 -28.79
C LEU D 140 -15.08 -15.23 -29.31
N ASN D 141 -16.23 -14.60 -29.50
CA ASN D 141 -17.40 -15.31 -30.01
C ASN D 141 -17.19 -15.70 -31.47
N ILE D 142 -16.49 -14.86 -32.22
CA ILE D 142 -16.23 -15.16 -33.62
C ILE D 142 -15.27 -16.35 -33.68
N VAL D 143 -14.30 -16.38 -32.78
CA VAL D 143 -13.33 -17.47 -32.71
C VAL D 143 -14.06 -18.76 -32.36
N ARG D 144 -14.95 -18.67 -31.37
CA ARG D 144 -15.75 -19.81 -30.94
C ARG D 144 -16.59 -20.31 -32.13
N LYS D 145 -17.24 -19.38 -32.82
CA LYS D 145 -18.08 -19.70 -33.98
C LYS D 145 -17.30 -20.43 -35.06
N ILE D 146 -16.10 -19.93 -35.35
CA ILE D 146 -15.24 -20.53 -36.36
C ILE D 146 -14.87 -21.98 -35.98
N GLY D 147 -14.55 -22.19 -34.71
CA GLY D 147 -14.18 -23.52 -34.25
C GLY D 147 -15.30 -24.53 -34.35
N GLU D 148 -16.53 -24.06 -34.17
CA GLU D 148 -17.69 -24.94 -34.24
C GLU D 148 -18.01 -25.33 -35.68
N ASN D 149 -17.84 -24.37 -36.58
CA ASN D 149 -18.16 -24.58 -37.99
C ASN D 149 -17.04 -25.04 -38.93
N PHE D 150 -15.78 -24.95 -38.51
CA PHE D 150 -14.67 -25.35 -39.35
C PHE D 150 -13.60 -26.16 -38.62
N PRO D 151 -12.80 -26.95 -39.37
CA PRO D 151 -11.73 -27.77 -38.79
C PRO D 151 -10.52 -26.91 -38.40
N VAL D 152 -10.79 -25.90 -37.58
CA VAL D 152 -9.77 -24.97 -37.08
C VAL D 152 -9.68 -25.15 -35.58
N GLU D 153 -8.48 -25.42 -35.09
CA GLU D 153 -8.26 -25.67 -33.67
C GLU D 153 -8.05 -24.45 -32.78
N ILE D 154 -8.94 -24.30 -31.81
CA ILE D 154 -8.84 -23.20 -30.85
C ILE D 154 -7.70 -23.53 -29.89
N VAL D 155 -6.71 -22.66 -29.80
CA VAL D 155 -5.59 -22.92 -28.92
C VAL D 155 -5.49 -21.95 -27.75
N ASN D 156 -6.64 -21.44 -27.32
CA ASN D 156 -6.71 -20.54 -26.18
C ASN D 156 -6.59 -21.43 -24.94
N SER D 157 -6.79 -20.85 -23.77
CA SER D 157 -6.70 -21.56 -22.50
C SER D 157 -7.60 -22.78 -22.44
N VAL D 158 -8.68 -22.77 -23.21
CA VAL D 158 -9.64 -23.87 -23.23
C VAL D 158 -9.05 -25.19 -23.73
N ASN D 159 -7.94 -25.10 -24.48
CA ASN D 159 -7.30 -26.30 -25.01
C ASN D 159 -6.57 -26.99 -23.86
N PRO D 160 -7.01 -28.21 -23.50
CA PRO D 160 -6.45 -29.02 -22.42
C PRO D 160 -5.03 -29.52 -22.60
N TYR D 161 -4.58 -29.62 -23.84
CA TYR D 161 -3.23 -30.12 -24.11
C TYR D 161 -2.11 -29.19 -23.69
N ARG D 162 -2.40 -27.90 -23.56
CA ARG D 162 -1.37 -26.95 -23.16
C ARG D 162 -0.85 -27.25 -21.76
N ILE D 163 -1.76 -27.41 -20.80
CA ILE D 163 -1.36 -27.71 -19.44
C ILE D 163 -0.68 -29.08 -19.39
N GLU D 164 -1.16 -30.02 -20.20
CA GLU D 164 -0.59 -31.36 -20.27
C GLU D 164 0.87 -31.37 -20.69
N GLY D 165 1.20 -30.67 -21.76
CA GLY D 165 2.57 -30.63 -22.20
C GLY D 165 3.43 -29.87 -21.20
N GLN D 166 2.86 -28.82 -20.62
CA GLN D 166 3.58 -27.99 -19.65
C GLN D 166 4.03 -28.73 -18.39
N LYS D 167 3.37 -29.84 -18.05
CA LYS D 167 3.76 -30.59 -16.85
C LYS D 167 5.14 -31.22 -17.01
N THR D 168 5.63 -31.32 -18.23
CA THR D 168 6.95 -31.91 -18.48
C THR D 168 8.08 -31.09 -17.86
N ALA D 169 7.82 -29.82 -17.57
CA ALA D 169 8.86 -28.98 -16.96
C ALA D 169 9.20 -29.54 -15.58
N ALA D 170 8.21 -30.06 -14.86
CA ALA D 170 8.46 -30.63 -13.54
C ALA D 170 9.19 -31.95 -13.69
N PHE D 171 8.87 -32.71 -14.73
CA PHE D 171 9.53 -34.00 -14.96
C PHE D 171 11.02 -33.79 -15.14
N GLU D 172 11.37 -32.74 -15.89
CA GLU D 172 12.77 -32.43 -16.15
C GLU D 172 13.51 -32.04 -14.89
N ILE D 173 12.90 -31.20 -14.06
CA ILE D 173 13.52 -30.78 -12.81
C ILE D 173 13.81 -32.02 -11.96
N CYS D 174 12.81 -32.87 -11.79
CA CYS D 174 12.99 -34.08 -10.99
C CYS D 174 14.02 -35.02 -11.60
N ASP D 175 14.06 -35.13 -12.93
CA ASP D 175 15.02 -35.99 -13.61
C ASP D 175 16.45 -35.51 -13.39
N THR D 176 16.65 -34.20 -13.49
CA THR D 176 17.98 -33.64 -13.32
C THR D 176 18.50 -33.72 -11.88
N LEU D 177 17.69 -33.30 -10.92
CA LEU D 177 18.14 -33.32 -9.53
C LEU D 177 18.12 -34.73 -8.94
N GLY D 178 17.22 -35.58 -9.48
CA GLY D 178 17.05 -36.93 -8.96
C GLY D 178 16.12 -36.97 -7.75
N GLU D 179 15.50 -35.83 -7.48
CA GLU D 179 14.58 -35.69 -6.37
C GLU D 179 13.84 -34.39 -6.59
N ALA D 180 12.74 -34.19 -5.86
CA ALA D 180 12.03 -32.96 -6.03
C ALA D 180 12.54 -31.91 -5.06
N PRO D 181 12.36 -30.63 -5.39
CA PRO D 181 12.77 -29.54 -4.50
C PRO D 181 11.81 -29.42 -3.31
N ASP D 182 12.22 -28.70 -2.28
CA ASP D 182 11.37 -28.51 -1.11
C ASP D 182 10.28 -27.50 -1.46
N TYR D 183 10.64 -26.53 -2.30
CA TYR D 183 9.69 -25.52 -2.74
C TYR D 183 9.90 -25.20 -4.20
N HIS D 184 8.82 -24.90 -4.91
CA HIS D 184 8.95 -24.52 -6.30
C HIS D 184 8.32 -23.14 -6.46
N PHE D 185 9.13 -22.18 -6.91
CA PHE D 185 8.67 -20.82 -7.13
C PHE D 185 8.33 -20.62 -8.61
N ILE D 186 7.16 -20.07 -8.88
CA ILE D 186 6.70 -19.90 -10.25
C ILE D 186 5.77 -18.68 -10.41
N PRO D 187 5.88 -17.95 -11.53
CA PRO D 187 5.02 -16.77 -11.73
C PRO D 187 3.61 -17.27 -12.03
N VAL D 188 2.61 -16.47 -11.67
CA VAL D 188 1.23 -16.86 -11.90
C VAL D 188 0.44 -15.78 -12.65
N GLY D 189 0.03 -16.11 -13.87
CA GLY D 189 -0.80 -15.22 -14.67
C GLY D 189 -2.21 -15.79 -14.78
N ASN D 190 -2.38 -16.67 -15.79
CA ASN D 190 -3.63 -17.41 -15.90
C ASN D 190 -3.62 -18.68 -15.04
N ALA D 191 -2.40 -18.97 -14.49
CA ALA D 191 -2.25 -20.05 -13.50
C ALA D 191 -2.16 -21.46 -14.12
N GLY D 192 -2.09 -21.57 -15.45
CA GLY D 192 -1.99 -22.90 -16.05
C GLY D 192 -0.68 -23.59 -15.73
N ASN D 193 0.41 -22.83 -15.65
CA ASN D 193 1.73 -23.38 -15.39
C ASN D 193 1.89 -23.95 -13.98
N ILE D 194 1.42 -23.23 -12.97
CA ILE D 194 1.52 -23.72 -11.60
C ILE D 194 0.70 -25.02 -11.51
N THR D 195 -0.47 -25.03 -12.13
CA THR D 195 -1.33 -26.21 -12.15
C THR D 195 -0.57 -27.38 -12.80
N ALA D 196 0.01 -27.11 -13.96
CA ALA D 196 0.76 -28.11 -14.72
C ALA D 196 1.93 -28.70 -13.93
N TYR D 197 2.72 -27.85 -13.28
CA TYR D 197 3.86 -28.33 -12.49
C TYR D 197 3.38 -29.23 -11.34
N TRP D 198 2.38 -28.78 -10.59
CA TRP D 198 1.85 -29.58 -9.49
C TRP D 198 1.46 -30.97 -10.01
N LYS D 199 0.69 -31.03 -11.08
CA LYS D 199 0.28 -32.30 -11.66
C LYS D 199 1.50 -33.17 -11.98
N GLY D 200 2.54 -32.54 -12.53
CA GLY D 200 3.75 -33.25 -12.87
C GLY D 200 4.46 -33.82 -11.66
N PHE D 201 4.58 -33.02 -10.61
CA PHE D 201 5.25 -33.46 -9.39
C PHE D 201 4.49 -34.65 -8.79
N LYS D 202 3.17 -34.52 -8.66
CA LYS D 202 2.37 -35.61 -8.09
C LYS D 202 2.53 -36.93 -8.83
N ILE D 203 2.61 -36.86 -10.16
CA ILE D 203 2.77 -38.06 -10.99
C ILE D 203 4.08 -38.78 -10.65
N TYR D 204 5.17 -38.03 -10.62
CA TYR D 204 6.47 -38.61 -10.31
C TYR D 204 6.49 -39.15 -8.89
N TYR D 205 5.74 -38.50 -8.00
CA TYR D 205 5.67 -38.93 -6.61
C TYR D 205 4.94 -40.27 -6.51
N GLU D 206 3.80 -40.37 -7.19
CA GLU D 206 3.00 -41.58 -7.18
C GLU D 206 3.81 -42.77 -7.72
N GLU D 207 4.73 -42.49 -8.62
CA GLU D 207 5.56 -43.55 -9.20
C GLU D 207 6.84 -43.78 -8.40
N GLY D 208 7.07 -42.95 -7.39
CA GLY D 208 8.26 -43.11 -6.57
C GLY D 208 9.53 -42.51 -7.15
N LYS D 209 9.39 -41.70 -8.20
CA LYS D 209 10.55 -41.07 -8.83
C LYS D 209 11.15 -40.07 -7.85
N ILE D 210 10.29 -39.51 -6.99
CA ILE D 210 10.70 -38.54 -5.98
C ILE D 210 10.14 -38.96 -4.62
N THR D 211 10.85 -38.60 -3.56
CA THR D 211 10.41 -38.98 -2.22
C THR D 211 9.59 -37.90 -1.52
N LYS D 212 9.35 -36.80 -2.19
CA LYS D 212 8.57 -35.72 -1.60
C LYS D 212 7.88 -34.85 -2.63
N LEU D 213 6.91 -34.07 -2.17
CA LEU D 213 6.16 -33.17 -3.03
C LEU D 213 6.50 -31.74 -2.64
N PRO D 214 7.01 -30.96 -3.60
CA PRO D 214 7.38 -29.57 -3.34
C PRO D 214 6.17 -28.73 -2.93
N ARG D 215 6.41 -27.70 -2.14
CA ARG D 215 5.33 -26.80 -1.74
C ARG D 215 5.31 -25.81 -2.90
N MET D 216 4.14 -25.57 -3.48
CA MET D 216 4.06 -24.65 -4.62
C MET D 216 3.89 -23.19 -4.23
N MET D 217 4.91 -22.39 -4.52
CA MET D 217 4.91 -20.98 -4.19
C MET D 217 4.70 -20.14 -5.44
N GLY D 218 3.45 -19.72 -5.68
CA GLY D 218 3.13 -18.94 -6.86
C GLY D 218 3.20 -17.45 -6.57
N TRP D 219 3.57 -16.67 -7.58
CA TRP D 219 3.66 -15.22 -7.39
C TRP D 219 3.02 -14.37 -8.46
N GLN D 220 2.29 -13.35 -8.01
CA GLN D 220 1.62 -12.43 -8.90
C GLN D 220 2.17 -11.02 -8.60
N ALA D 221 1.96 -10.11 -9.53
CA ALA D 221 2.39 -8.72 -9.35
C ALA D 221 1.27 -8.09 -8.49
N GLU D 222 1.64 -7.26 -7.52
CA GLU D 222 0.65 -6.64 -6.64
C GLU D 222 -0.49 -5.93 -7.37
N GLY D 223 -0.19 -5.26 -8.47
CA GLY D 223 -1.21 -4.56 -9.22
C GLY D 223 -2.10 -5.47 -10.05
N ALA D 224 -1.91 -6.78 -9.92
CA ALA D 224 -2.70 -7.74 -10.68
C ALA D 224 -2.65 -9.10 -10.01
N ALA D 225 -3.15 -9.15 -8.78
CA ALA D 225 -3.18 -10.39 -8.02
C ALA D 225 -4.59 -10.77 -7.59
N PRO D 226 -5.46 -11.11 -8.57
CA PRO D 226 -6.84 -11.48 -8.26
C PRO D 226 -6.93 -12.74 -7.39
N ILE D 227 -5.99 -13.66 -7.57
CA ILE D 227 -5.98 -14.90 -6.80
C ILE D 227 -5.63 -14.63 -5.34
N VAL D 228 -4.77 -13.64 -5.12
CA VAL D 228 -4.35 -13.27 -3.77
C VAL D 228 -5.50 -12.56 -3.04
N LYS D 229 -6.21 -11.69 -3.75
CA LYS D 229 -7.31 -10.94 -3.16
C LYS D 229 -8.66 -11.65 -3.17
N GLY D 230 -8.79 -12.68 -4.01
CA GLY D 230 -10.04 -13.44 -4.07
C GLY D 230 -11.11 -12.87 -4.97
N TYR D 231 -10.76 -11.83 -5.72
CA TYR D 231 -11.71 -11.20 -6.63
C TYR D 231 -10.99 -10.71 -7.87
N PRO D 232 -11.67 -10.73 -9.03
CA PRO D 232 -11.08 -10.29 -10.29
C PRO D 232 -10.62 -8.83 -10.27
N ILE D 233 -9.52 -8.56 -10.94
CA ILE D 233 -8.98 -7.21 -11.03
C ILE D 233 -9.48 -6.68 -12.38
N LYS D 234 -10.39 -5.71 -12.34
CA LYS D 234 -10.95 -5.16 -13.56
C LYS D 234 -9.91 -4.50 -14.46
N ASN D 235 -8.98 -3.77 -13.85
CA ASN D 235 -7.92 -3.10 -14.61
C ASN D 235 -6.56 -3.53 -14.09
N PRO D 236 -6.16 -4.78 -14.38
CA PRO D 236 -4.86 -5.27 -13.91
C PRO D 236 -3.71 -4.39 -14.36
N GLN D 237 -2.75 -4.17 -13.47
CA GLN D 237 -1.59 -3.35 -13.79
C GLN D 237 -0.28 -3.94 -13.29
N THR D 238 0.74 -3.84 -14.11
CA THR D 238 2.08 -4.32 -13.79
C THR D 238 2.99 -4.24 -15.00
N ILE D 239 4.27 -4.06 -14.74
CA ILE D 239 5.27 -3.97 -15.79
C ILE D 239 5.46 -5.36 -16.42
N ALA D 240 5.22 -6.40 -15.62
CA ALA D 240 5.34 -7.80 -16.04
C ALA D 240 4.10 -8.23 -16.83
N THR D 241 4.06 -7.80 -18.08
CA THR D 241 2.93 -8.07 -18.97
C THR D 241 2.43 -9.51 -19.04
N ALA D 242 3.34 -10.47 -19.00
CA ALA D 242 2.95 -11.89 -19.10
C ALA D 242 2.06 -12.36 -17.94
N ILE D 243 2.02 -11.61 -16.85
CA ILE D 243 1.17 -11.99 -15.72
C ILE D 243 0.16 -10.91 -15.36
N LYS D 244 -0.03 -9.96 -16.27
CA LYS D 244 -1.00 -8.89 -16.07
C LYS D 244 -2.36 -9.49 -16.44
N ILE D 245 -2.84 -10.40 -15.60
CA ILE D 245 -4.11 -11.09 -15.81
C ILE D 245 -5.09 -10.76 -14.69
N GLY D 246 -6.25 -10.21 -15.05
CA GLY D 246 -7.23 -9.84 -14.05
C GLY D 246 -8.24 -10.90 -13.63
N ASN D 247 -8.42 -11.93 -14.45
CA ASN D 247 -9.37 -13.00 -14.16
C ASN D 247 -8.79 -14.29 -14.71
N PRO D 248 -7.82 -14.89 -13.99
CA PRO D 248 -7.14 -16.13 -14.37
C PRO D 248 -8.03 -17.29 -14.76
N TYR D 249 -7.75 -17.88 -15.91
CA TYR D 249 -8.52 -19.01 -16.41
C TYR D 249 -8.41 -20.25 -15.53
N SER D 250 -7.23 -20.54 -14.99
CA SER D 250 -7.06 -21.71 -14.14
C SER D 250 -7.00 -21.34 -12.67
N TRP D 251 -7.78 -20.31 -12.32
CA TRP D 251 -7.87 -19.80 -10.96
C TRP D 251 -8.08 -20.90 -9.92
N LYS D 252 -9.17 -21.65 -10.07
CA LYS D 252 -9.50 -22.72 -9.13
C LYS D 252 -8.41 -23.78 -9.01
N SER D 253 -7.82 -24.16 -10.14
CA SER D 253 -6.76 -25.16 -10.15
C SER D 253 -5.52 -24.64 -9.41
N ALA D 254 -5.32 -23.32 -9.43
CA ALA D 254 -4.19 -22.70 -8.77
C ALA D 254 -4.36 -22.74 -7.26
N LEU D 255 -5.58 -22.47 -6.81
CA LEU D 255 -5.90 -22.50 -5.39
C LEU D 255 -5.73 -23.92 -4.87
N LYS D 256 -6.13 -24.89 -5.69
CA LYS D 256 -6.02 -26.29 -5.32
C LYS D 256 -4.57 -26.73 -5.22
N ALA D 257 -3.73 -26.24 -6.13
CA ALA D 257 -2.31 -26.59 -6.12
C ALA D 257 -1.63 -26.07 -4.87
N ALA D 258 -1.92 -24.84 -4.48
CA ALA D 258 -1.33 -24.27 -3.28
C ALA D 258 -1.80 -25.00 -2.02
N GLN D 259 -3.10 -25.21 -1.92
CA GLN D 259 -3.68 -25.90 -0.76
C GLN D 259 -3.13 -27.32 -0.63
N GLU D 260 -3.26 -28.09 -1.70
CA GLU D 260 -2.82 -29.48 -1.70
C GLU D 260 -1.33 -29.69 -1.44
N SER D 261 -0.50 -28.76 -1.91
CA SER D 261 0.95 -28.91 -1.76
C SER D 261 1.49 -28.26 -0.48
N GLY D 262 0.60 -27.54 0.24
CA GLY D 262 1.05 -26.82 1.42
C GLY D 262 1.78 -25.53 1.03
N GLY D 263 1.60 -25.13 -0.24
CA GLY D 263 2.24 -23.91 -0.71
C GLY D 263 1.32 -22.71 -0.55
N LYS D 264 1.54 -21.70 -1.40
CA LYS D 264 0.78 -20.47 -1.31
C LYS D 264 0.98 -19.63 -2.56
N ILE D 265 0.01 -18.78 -2.85
CA ILE D 265 0.11 -17.87 -3.97
C ILE D 265 0.11 -16.50 -3.33
N ASP D 266 1.20 -15.78 -3.50
CA ASP D 266 1.37 -14.47 -2.90
C ASP D 266 1.63 -13.41 -3.96
N ALA D 267 2.02 -12.21 -3.52
CA ALA D 267 2.29 -11.13 -4.46
C ALA D 267 3.55 -10.33 -4.13
N VAL D 268 4.12 -9.74 -5.17
CA VAL D 268 5.31 -8.92 -5.04
C VAL D 268 5.09 -7.66 -5.88
N SER D 269 5.71 -6.56 -5.46
CA SER D 269 5.56 -5.30 -6.17
C SER D 269 6.39 -5.27 -7.44
N ASP D 270 6.06 -4.36 -8.35
CA ASP D 270 6.81 -4.24 -9.59
C ASP D 270 8.26 -3.91 -9.24
N SER D 271 8.45 -3.17 -8.15
CA SER D 271 9.79 -2.80 -7.72
C SER D 271 10.59 -4.03 -7.29
N GLU D 272 9.93 -4.95 -6.57
CA GLU D 272 10.62 -6.15 -6.13
C GLU D 272 10.85 -7.07 -7.33
N ILE D 273 9.97 -6.99 -8.31
CA ILE D 273 10.11 -7.82 -9.51
C ILE D 273 11.29 -7.33 -10.36
N LEU D 274 11.40 -6.02 -10.55
CA LEU D 274 12.49 -5.47 -11.33
C LEU D 274 13.84 -5.67 -10.63
N TYR D 275 13.84 -5.65 -9.29
CA TYR D 275 15.07 -5.87 -8.55
C TYR D 275 15.55 -7.30 -8.84
N ALA D 276 14.61 -8.23 -8.85
CA ALA D 276 14.91 -9.65 -9.09
C ALA D 276 15.35 -9.86 -10.55
N TYR D 277 14.64 -9.19 -11.47
CA TYR D 277 14.91 -9.26 -12.90
C TYR D 277 16.38 -8.89 -13.16
N LYS D 278 16.83 -7.80 -12.56
CA LYS D 278 18.20 -7.35 -12.73
C LYS D 278 19.21 -8.25 -12.03
N LEU D 279 18.91 -8.61 -10.79
CA LEU D 279 19.82 -9.43 -9.98
C LEU D 279 20.13 -10.80 -10.57
N ILE D 280 19.12 -11.45 -11.13
CA ILE D 280 19.31 -12.76 -11.75
C ILE D 280 20.36 -12.60 -12.86
N ALA D 281 20.24 -11.53 -13.62
CA ALA D 281 21.16 -11.28 -14.72
C ALA D 281 22.57 -10.92 -14.26
N SER D 282 22.68 -10.03 -13.27
CA SER D 282 23.98 -9.59 -12.78
C SER D 282 24.73 -10.60 -11.90
N THR D 283 24.02 -11.57 -11.34
CA THR D 283 24.68 -12.57 -10.50
C THR D 283 24.97 -13.88 -11.23
N GLU D 284 24.15 -14.24 -12.21
CA GLU D 284 24.32 -15.49 -12.92
C GLU D 284 24.49 -15.40 -14.43
N GLY D 285 24.21 -14.24 -15.02
CA GLY D 285 24.35 -14.12 -16.46
C GLY D 285 23.19 -14.80 -17.17
N VAL D 286 22.02 -14.76 -16.52
CA VAL D 286 20.79 -15.34 -17.03
C VAL D 286 19.76 -14.22 -17.21
N PHE D 287 19.33 -14.03 -18.44
CA PHE D 287 18.40 -12.97 -18.80
C PHE D 287 16.99 -13.48 -19.07
N CYS D 288 16.09 -13.22 -18.13
CA CYS D 288 14.70 -13.64 -18.25
C CYS D 288 13.83 -12.39 -18.34
N GLU D 289 12.56 -12.53 -18.68
CA GLU D 289 11.70 -11.35 -18.77
C GLU D 289 11.15 -11.01 -17.39
N PRO D 290 10.63 -9.79 -17.21
CA PRO D 290 10.08 -9.35 -15.92
C PRO D 290 9.16 -10.34 -15.21
N ALA D 291 8.19 -10.88 -15.92
CA ALA D 291 7.25 -11.84 -15.31
C ALA D 291 8.01 -13.02 -14.69
N SER D 292 8.97 -13.55 -15.44
CA SER D 292 9.78 -14.66 -14.98
C SER D 292 10.45 -14.39 -13.62
N ALA D 293 10.89 -13.14 -13.46
CA ALA D 293 11.57 -12.72 -12.23
C ALA D 293 10.67 -12.69 -11.00
N ALA D 294 9.37 -12.79 -11.21
CA ALA D 294 8.44 -12.76 -10.08
C ALA D 294 8.75 -13.93 -9.14
N SER D 295 9.14 -15.06 -9.71
CA SER D 295 9.45 -16.24 -8.89
C SER D 295 10.60 -15.96 -7.91
N VAL D 296 11.69 -15.39 -8.43
CA VAL D 296 12.83 -15.08 -7.59
C VAL D 296 12.50 -13.95 -6.64
N ALA D 297 11.69 -13.00 -7.12
CA ALA D 297 11.28 -11.88 -6.28
C ALA D 297 10.53 -12.43 -5.06
N GLY D 298 9.73 -13.46 -5.30
CA GLY D 298 8.98 -14.07 -4.21
C GLY D 298 9.92 -14.73 -3.22
N LEU D 299 10.92 -15.43 -3.74
CA LEU D 299 11.90 -16.10 -2.90
C LEU D 299 12.64 -15.07 -2.03
N ILE D 300 13.07 -13.98 -2.66
CA ILE D 300 13.78 -12.92 -1.95
C ILE D 300 12.93 -12.34 -0.83
N LYS D 301 11.65 -12.14 -1.11
CA LYS D 301 10.73 -11.59 -0.12
C LYS D 301 10.68 -12.52 1.10
N LEU D 302 10.58 -13.81 0.83
CA LEU D 302 10.52 -14.81 1.90
C LEU D 302 11.81 -14.95 2.69
N VAL D 303 12.95 -14.92 2.02
CA VAL D 303 14.21 -15.05 2.73
C VAL D 303 14.35 -13.93 3.75
N ARG D 304 14.01 -12.71 3.31
CA ARG D 304 14.11 -11.54 4.18
C ARG D 304 13.11 -11.58 5.36
N GLU D 305 12.02 -12.35 5.17
CA GLU D 305 11.03 -12.49 6.25
C GLU D 305 11.38 -13.65 7.20
N GLY D 306 12.61 -14.18 7.01
CA GLY D 306 13.06 -15.26 7.88
C GLY D 306 12.25 -16.54 7.71
N PHE D 307 11.68 -16.70 6.52
CA PHE D 307 10.84 -17.86 6.20
C PHE D 307 11.58 -19.21 6.27
N PHE D 308 12.78 -19.26 5.70
CA PHE D 308 13.53 -20.52 5.63
C PHE D 308 14.33 -20.79 6.91
N LYS D 309 14.76 -22.07 7.05
CA LYS D 309 15.55 -22.46 8.20
C LYS D 309 16.94 -22.96 7.82
N GLY D 310 17.22 -22.92 6.50
CA GLY D 310 18.54 -23.31 6.03
C GLY D 310 18.56 -24.76 5.50
N GLY D 311 19.32 -24.96 4.43
CA GLY D 311 19.47 -26.29 3.85
C GLY D 311 18.42 -26.70 2.85
N GLU D 312 17.40 -25.87 2.68
CA GLU D 312 16.32 -26.20 1.74
C GLU D 312 16.77 -26.09 0.28
N VAL D 313 16.12 -26.88 -0.58
CA VAL D 313 16.41 -26.87 -2.00
C VAL D 313 15.23 -26.21 -2.70
N VAL D 314 15.50 -25.14 -3.45
CA VAL D 314 14.44 -24.44 -4.14
C VAL D 314 14.69 -24.30 -5.63
N THR D 315 13.63 -24.44 -6.42
CA THR D 315 13.72 -24.31 -7.86
C THR D 315 12.80 -23.16 -8.29
N CYS D 316 13.28 -22.36 -9.24
CA CYS D 316 12.50 -21.23 -9.72
C CYS D 316 12.31 -21.34 -11.23
N THR D 317 11.08 -21.14 -11.70
CA THR D 317 10.82 -21.18 -13.12
C THR D 317 11.00 -19.79 -13.73
N LEU D 318 11.99 -19.65 -14.61
CA LEU D 318 12.18 -18.38 -15.30
C LEU D 318 11.48 -18.65 -16.64
N THR D 319 10.20 -18.33 -16.65
CA THR D 319 9.28 -18.55 -17.76
C THR D 319 9.59 -18.03 -19.17
N GLY D 320 10.28 -16.89 -19.26
CA GLY D 320 10.54 -16.33 -20.58
C GLY D 320 11.90 -15.69 -20.79
N ASN D 321 12.27 -15.56 -22.06
CA ASN D 321 13.55 -14.98 -22.45
C ASN D 321 13.50 -13.47 -22.21
N GLY D 322 14.58 -12.92 -21.65
CA GLY D 322 14.63 -11.49 -21.42
C GLY D 322 14.57 -10.74 -22.74
N LEU D 323 14.99 -11.40 -23.82
CA LEU D 323 14.95 -10.81 -25.14
C LEU D 323 13.51 -10.59 -25.65
N LYS D 324 12.53 -11.11 -24.91
CA LYS D 324 11.12 -10.94 -25.27
C LYS D 324 10.65 -9.51 -24.98
N ASP D 325 11.28 -8.86 -24.01
CA ASP D 325 10.88 -7.50 -23.60
C ASP D 325 11.99 -6.46 -23.67
N PRO D 326 12.34 -6.01 -24.89
CA PRO D 326 13.40 -5.00 -25.06
C PRO D 326 13.04 -3.64 -24.46
N ASP D 327 11.75 -3.35 -24.37
CA ASP D 327 11.35 -2.05 -23.81
C ASP D 327 11.73 -1.93 -22.33
N THR D 328 11.40 -2.92 -21.52
CA THR D 328 11.75 -2.87 -20.11
C THR D 328 13.27 -2.89 -19.92
N ALA D 329 13.97 -3.64 -20.78
CA ALA D 329 15.42 -3.73 -20.69
C ALA D 329 16.01 -2.32 -20.81
N ILE D 330 15.52 -1.56 -21.78
CA ILE D 330 15.98 -0.20 -22.00
C ILE D 330 15.60 0.69 -20.82
N LYS D 331 14.40 0.50 -20.30
CA LYS D 331 13.90 1.28 -19.18
C LYS D 331 14.70 1.19 -17.89
N VAL D 332 15.22 0.01 -17.57
CA VAL D 332 15.97 -0.16 -16.33
C VAL D 332 17.45 0.20 -16.42
N CYS D 333 17.90 0.59 -17.60
CA CYS D 333 19.30 0.96 -17.81
C CYS D 333 19.65 2.39 -17.45
N GLU D 334 20.78 2.55 -16.77
CA GLU D 334 21.24 3.87 -16.39
C GLU D 334 22.19 4.36 -17.48
N GLU D 335 22.03 5.62 -17.88
CA GLU D 335 22.87 6.20 -18.93
C GLU D 335 24.35 5.93 -18.68
N PRO D 336 25.09 5.60 -19.74
CA PRO D 336 26.52 5.32 -19.59
C PRO D 336 27.24 6.54 -19.03
N ILE D 337 28.27 6.32 -18.21
CA ILE D 337 29.01 7.44 -17.63
C ILE D 337 29.98 8.03 -18.64
N THR D 338 29.84 9.33 -18.89
CA THR D 338 30.70 10.02 -19.84
C THR D 338 32.06 10.29 -19.20
N VAL D 339 33.12 10.07 -19.97
CA VAL D 339 34.47 10.28 -19.46
C VAL D 339 35.41 10.73 -20.58
N PRO D 340 36.34 11.65 -20.26
CA PRO D 340 37.29 12.15 -21.25
C PRO D 340 38.29 11.07 -21.67
N PRO D 341 38.82 11.16 -22.89
CA PRO D 341 39.80 10.18 -23.39
C PRO D 341 41.14 10.25 -22.66
N ASP D 342 41.10 10.00 -21.35
CA ASP D 342 42.28 10.03 -20.51
C ASP D 342 42.42 8.74 -19.70
N PHE D 343 43.49 8.01 -19.96
CA PHE D 343 43.77 6.75 -19.27
C PHE D 343 43.54 6.84 -17.76
N ASP D 344 44.26 7.74 -17.09
CA ASP D 344 44.14 7.91 -15.65
C ASP D 344 42.71 8.20 -15.20
N GLU D 345 42.02 9.06 -15.94
CA GLU D 345 40.64 9.40 -15.59
C GLU D 345 39.76 8.16 -15.66
N VAL D 346 39.85 7.44 -16.79
CA VAL D 346 39.07 6.21 -16.97
C VAL D 346 39.31 5.26 -15.80
N VAL D 347 40.58 4.93 -15.57
CA VAL D 347 40.93 4.04 -14.47
C VAL D 347 40.34 4.56 -13.17
N LYS D 348 40.32 5.87 -13.01
CA LYS D 348 39.78 6.48 -11.80
C LYS D 348 38.28 6.24 -11.71
N VAL D 349 37.61 6.29 -12.86
CA VAL D 349 36.16 6.08 -12.91
C VAL D 349 35.84 4.61 -12.65
N LEU D 350 36.71 3.72 -13.14
CA LEU D 350 36.52 2.28 -12.97
C LEU D 350 36.90 1.85 -11.56
N GLY D 351 37.98 2.40 -11.04
CA GLY D 351 38.42 2.05 -9.70
C GLY D 351 39.45 0.94 -9.64
N PHE D 352 40.60 1.16 -10.28
CA PHE D 352 41.66 0.15 -10.28
C PHE D 352 42.88 0.66 -9.51
N1 PLP E . -26.02 13.23 35.97
C2 PLP E . -24.71 13.48 36.04
C2A PLP E . -23.86 13.39 34.79
C3 PLP E . -24.10 13.82 37.27
O3 PLP E . -22.77 14.07 37.35
C4 PLP E . -24.93 13.88 38.44
C4A PLP E . -24.33 14.25 39.76
C5 PLP E . -26.35 13.61 38.31
C6 PLP E . -26.84 13.28 37.04
C5A PLP E . -27.24 13.68 39.53
O4P PLP E . -27.36 15.07 39.87
P PLP E . -28.28 15.28 41.18
O1P PLP E . -27.65 14.57 42.31
O2P PLP E . -28.35 16.84 41.48
O3P PLP E . -29.78 14.73 40.98
N1 PLP F . -5.22 15.95 18.29
C2 PLP F . -6.50 15.52 18.23
C2A PLP F . -7.31 15.39 19.50
C3 PLP F . -7.08 15.20 16.99
O3 PLP F . -8.36 14.77 16.92
C4 PLP F . -6.28 15.32 15.80
C4A PLP F . -6.84 14.98 14.46
C5 PLP F . -4.91 15.78 15.93
C6 PLP F . -4.42 16.08 17.20
C5A PLP F . -4.08 15.91 14.67
O4P PLP F . -4.63 17.02 13.94
P PLP F . -3.84 17.24 12.56
O1P PLP F . -3.98 16.03 11.74
O2P PLP F . -4.49 18.48 11.80
O3P PLP F . -2.28 17.55 12.81
N1 PLP G . 25.47 -13.43 -36.61
C2 PLP G . 25.33 -13.17 -35.30
C2A PLP G . 23.99 -13.33 -34.65
C3 PLP G . 26.44 -12.74 -34.53
O3 PLP G . 26.29 -12.48 -33.21
C4 PLP G . 27.70 -12.59 -35.17
C4A PLP G . 28.90 -12.15 -34.39
C5 PLP G . 27.81 -12.90 -36.58
C6 PLP G . 26.66 -13.31 -37.26
C5A PLP G . 29.15 -12.75 -37.28
O4P PLP G . 29.98 -13.81 -36.77
P PLP G . 31.47 -13.75 -37.42
O1P PLP G . 32.08 -12.46 -37.07
O2P PLP G . 32.32 -14.95 -36.80
O3P PLP G . 31.43 -13.93 -39.01
N1 PLP H . 5.64 -15.80 -17.88
C2 PLP H . 5.74 -15.92 -19.22
C2A PLP H . 7.05 -15.59 -19.91
C3 PLP H . 4.64 -16.35 -20.00
O3 PLP H . 4.75 -16.48 -21.33
C4 PLP H . 3.41 -16.66 -19.32
C4A PLP H . 2.23 -17.12 -20.10
C5 PLP H . 3.35 -16.51 -17.88
C6 PLP H . 4.50 -16.08 -17.20
C5A PLP H . 2.04 -16.85 -17.18
O4P PLP H . 1.91 -18.28 -17.25
P PLP H . 0.54 -18.78 -16.55
O1P PLP H . -0.58 -18.18 -17.28
O2P PLP H . 0.48 -20.38 -16.69
O3P PLP H . 0.47 -18.40 -14.98
#